data_1FXO
#
_entry.id   1FXO
#
_cell.length_a   71.494
_cell.length_b   73.064
_cell.length_c   134.738
_cell.angle_alpha   89.93
_cell.angle_beta   80.92
_cell.angle_gamma   81.11
#
_symmetry.space_group_name_H-M   'P 1'
#
loop_
_entity.id
_entity.type
_entity.pdbx_description
1 polymer 'GLUCOSE-1-PHOSPHATE THYMIDYLYLTRANSFERASE'
2 non-polymer 'SULFATE ION'
3 non-polymer "THYMIDINE-5'-PHOSPHATE"
4 water water
#
_entity_poly.entity_id   1
_entity_poly.type   'polypeptide(L)'
_entity_poly.pdbx_seq_one_letter_code
;MKRKGIILAGGSGTRLHPATLAISKQLLPVYDKPMIYYPLSTLMLAGIREILIISTPQDTPRFQQLLGDGSNWGLDLQYA
VQPSPDGLAQAFLIGESFIGNDLSALVLGDNLYYGHDFHELLGSASQRQTGASVFAYHVLDPERYGVVEFDQGGKAISLE
EKPLEPKSNYAVTGLYFYDQQVVDIARDLKPSPRGELEITDVNRAYLERGQLSVEIMGRGYAWLDTGTHDSLLEAGQFIA
TLENRQGLKVACPEEIAYRQKWIDAAQLEKLAAPLAKNGYGQYLKRLLTETVY
;
_entity_poly.pdbx_strand_id   A,B,C,D,E,F,G,H
#
# COMPACT_ATOMS: atom_id res chain seq x y z
N LYS A 2 61.46 -29.82 -31.58
CA LYS A 2 60.74 -28.59 -31.10
C LYS A 2 59.45 -28.38 -31.91
N ARG A 3 58.37 -28.04 -31.24
CA ARG A 3 57.15 -27.71 -31.93
C ARG A 3 56.64 -26.40 -31.43
N LYS A 4 56.18 -25.52 -32.34
CA LYS A 4 55.66 -24.23 -31.92
C LYS A 4 54.18 -24.31 -31.77
N GLY A 5 53.64 -23.53 -30.87
CA GLY A 5 52.21 -23.57 -30.60
C GLY A 5 51.51 -22.30 -30.93
N ILE A 6 50.22 -22.42 -31.27
CA ILE A 6 49.37 -21.26 -31.47
C ILE A 6 48.09 -21.42 -30.66
N ILE A 7 47.66 -20.35 -29.96
CA ILE A 7 46.39 -20.35 -29.28
C ILE A 7 45.56 -19.36 -30.06
N LEU A 8 44.48 -19.84 -30.66
CA LEU A 8 43.58 -18.96 -31.37
C LEU A 8 42.51 -18.53 -30.38
N ALA A 9 42.59 -17.27 -29.97
CA ALA A 9 41.76 -16.70 -28.87
C ALA A 9 41.02 -15.46 -29.28
N GLY A 10 40.40 -15.51 -30.45
CA GLY A 10 39.69 -14.40 -31.01
C GLY A 10 38.23 -14.78 -31.05
N GLY A 11 37.60 -14.51 -32.18
CA GLY A 11 36.28 -15.03 -32.49
C GLY A 11 35.22 -14.00 -32.31
N SER A 12 34.10 -14.20 -33.01
CA SER A 12 32.94 -13.34 -32.82
C SER A 12 32.44 -13.58 -31.40
N GLY A 13 32.09 -12.50 -30.72
CA GLY A 13 31.57 -12.70 -29.38
C GLY A 13 30.04 -12.59 -29.38
N THR A 14 29.48 -12.23 -30.54
CA THR A 14 28.04 -11.89 -30.68
C THR A 14 27.11 -12.83 -29.94
N ARG A 15 27.50 -14.09 -29.90
CA ARG A 15 26.75 -15.08 -29.19
C ARG A 15 26.58 -14.74 -27.72
N LEU A 16 27.71 -14.61 -27.01
CA LEU A 16 27.73 -14.46 -25.55
C LEU A 16 27.43 -13.07 -25.04
N HIS A 17 27.18 -12.13 -25.96
CA HIS A 17 26.78 -10.78 -25.62
C HIS A 17 25.49 -10.88 -24.88
N PRO A 18 25.26 -10.11 -23.82
CA PRO A 18 26.14 -9.01 -23.39
C PRO A 18 27.24 -9.39 -22.40
N ALA A 19 27.29 -10.62 -21.94
CA ALA A 19 28.32 -11.02 -21.03
C ALA A 19 29.67 -10.67 -21.64
N THR A 20 29.87 -10.92 -22.92
CA THR A 20 31.19 -10.63 -23.52
C THR A 20 31.25 -9.30 -24.27
N LEU A 21 30.32 -8.41 -23.97
CA LEU A 21 30.40 -7.07 -24.53
C LEU A 21 31.59 -6.42 -23.86
N ALA A 22 31.75 -6.75 -22.58
CA ALA A 22 32.79 -6.11 -21.78
C ALA A 22 34.15 -6.78 -22.00
N ILE A 23 34.13 -8.11 -22.11
CA ILE A 23 35.35 -8.85 -22.15
C ILE A 23 35.38 -9.95 -23.24
N SER A 24 36.56 -10.22 -23.83
CA SER A 24 36.69 -11.40 -24.71
C SER A 24 36.41 -12.62 -23.85
N LYS A 25 35.67 -13.55 -24.42
CA LYS A 25 35.37 -14.84 -23.83
C LYS A 25 36.61 -15.49 -23.20
N GLN A 26 37.79 -15.39 -23.81
CA GLN A 26 38.92 -16.15 -23.27
C GLN A 26 39.60 -15.50 -22.08
N LEU A 27 39.08 -14.36 -21.65
CA LEU A 27 39.59 -13.66 -20.48
C LEU A 27 38.62 -13.91 -19.31
N LEU A 28 37.43 -14.44 -19.57
CA LEU A 28 36.50 -14.75 -18.50
C LEU A 28 37.12 -15.88 -17.68
N PRO A 29 37.02 -15.85 -16.37
CA PRO A 29 37.53 -16.95 -15.60
C PRO A 29 36.67 -18.16 -15.73
N VAL A 30 37.36 -19.31 -15.73
CA VAL A 30 36.71 -20.54 -15.49
C VAL A 30 37.04 -20.89 -14.04
N TYR A 31 36.06 -20.62 -13.21
CA TYR A 31 36.10 -20.78 -11.76
C TYR A 31 37.05 -19.84 -11.11
N ASP A 32 38.36 -20.10 -11.13
CA ASP A 32 39.34 -19.37 -10.38
C ASP A 32 40.51 -18.78 -11.17
N LYS A 33 40.56 -18.97 -12.49
CA LYS A 33 41.68 -18.45 -13.27
C LYS A 33 41.15 -18.20 -14.68
N PRO A 34 41.82 -17.33 -15.41
CA PRO A 34 41.36 -16.98 -16.75
C PRO A 34 41.35 -18.13 -17.70
N MET A 35 40.34 -18.10 -18.57
N MET A 35 40.31 -18.12 -18.54
CA MET A 35 40.05 -19.21 -19.49
CA MET A 35 40.03 -19.20 -19.49
C MET A 35 41.29 -19.56 -20.27
C MET A 35 41.27 -19.57 -20.27
N ILE A 36 41.99 -18.57 -20.76
CA ILE A 36 43.20 -18.85 -21.56
C ILE A 36 44.29 -19.70 -20.84
N TYR A 37 44.28 -19.72 -19.50
CA TYR A 37 45.27 -20.53 -18.78
C TYR A 37 45.15 -21.99 -19.14
N TYR A 38 43.93 -22.41 -19.44
CA TYR A 38 43.65 -23.79 -19.68
C TYR A 38 44.30 -24.27 -20.98
N PRO A 39 43.94 -23.71 -22.15
CA PRO A 39 44.64 -24.15 -23.34
C PRO A 39 46.14 -23.81 -23.33
N LEU A 40 46.55 -22.71 -22.72
CA LEU A 40 47.98 -22.49 -22.55
C LEU A 40 48.65 -23.70 -21.83
N SER A 41 48.03 -24.15 -20.76
N SER A 41 48.03 -24.14 -20.75
CA SER A 41 48.58 -25.26 -19.96
CA SER A 41 48.57 -25.25 -19.96
C SER A 41 48.64 -26.54 -20.79
C SER A 41 48.64 -26.54 -20.79
N THR A 42 47.66 -26.70 -21.69
CA THR A 42 47.63 -27.86 -22.56
C THR A 42 48.88 -27.85 -23.51
N LEU A 43 49.19 -26.72 -24.11
CA LEU A 43 50.39 -26.63 -24.91
C LEU A 43 51.67 -26.88 -24.07
N MET A 44 51.70 -26.34 -22.85
CA MET A 44 52.84 -26.51 -21.95
C MET A 44 53.01 -27.98 -21.64
N LEU A 45 51.91 -28.64 -21.37
CA LEU A 45 51.95 -30.06 -21.03
C LEU A 45 52.42 -30.90 -22.22
N ALA A 46 52.28 -30.39 -23.45
CA ALA A 46 52.74 -31.06 -24.65
C ALA A 46 54.22 -30.76 -24.92
N GLY A 47 54.84 -30.06 -23.99
CA GLY A 47 56.26 -29.65 -24.12
C GLY A 47 56.53 -28.41 -24.95
N ILE A 48 55.50 -27.62 -25.23
CA ILE A 48 55.62 -26.48 -26.12
C ILE A 48 55.83 -25.24 -25.29
N ARG A 49 56.92 -24.54 -25.59
CA ARG A 49 57.32 -23.33 -24.88
C ARG A 49 57.19 -22.02 -25.67
N GLU A 50 57.26 -22.13 -26.98
CA GLU A 50 57.21 -20.92 -27.88
C GLU A 50 55.81 -20.93 -28.48
N ILE A 51 55.02 -19.92 -28.15
CA ILE A 51 53.60 -19.93 -28.41
C ILE A 51 53.15 -18.56 -28.92
N LEU A 52 52.35 -18.57 -29.96
CA LEU A 52 51.80 -17.33 -30.55
C LEU A 52 50.36 -17.29 -30.13
N ILE A 53 49.94 -16.15 -29.52
CA ILE A 53 48.59 -15.97 -29.13
C ILE A 53 47.96 -14.99 -30.12
N ILE A 54 46.92 -15.46 -30.78
CA ILE A 54 46.18 -14.68 -31.79
C ILE A 54 44.84 -14.27 -31.26
N SER A 55 44.56 -12.96 -31.30
CA SER A 55 43.26 -12.51 -30.87
C SER A 55 42.81 -11.36 -31.74
N THR A 56 41.73 -10.74 -31.34
CA THR A 56 41.15 -9.66 -32.14
C THR A 56 42.01 -8.43 -31.96
N PRO A 57 41.79 -7.45 -32.79
CA PRO A 57 42.58 -6.22 -32.63
C PRO A 57 42.45 -5.61 -31.23
N GLN A 58 41.23 -5.57 -30.70
CA GLN A 58 41.02 -4.93 -29.43
C GLN A 58 41.64 -5.75 -28.31
N ASP A 59 41.48 -7.06 -28.39
CA ASP A 59 41.93 -7.89 -27.27
C ASP A 59 43.39 -8.29 -27.24
N THR A 60 44.03 -8.28 -28.38
CA THR A 60 45.37 -8.82 -28.41
C THR A 60 46.25 -8.10 -27.41
N PRO A 61 46.14 -6.81 -27.34
CA PRO A 61 46.93 -6.09 -26.33
C PRO A 61 46.58 -6.42 -24.88
N ARG A 62 45.34 -6.83 -24.66
CA ARG A 62 44.91 -7.21 -23.33
C ARG A 62 45.55 -8.55 -22.94
N PHE A 63 45.68 -9.45 -23.92
CA PHE A 63 46.33 -10.71 -23.64
C PHE A 63 47.80 -10.42 -23.32
N GLN A 64 48.41 -9.53 -24.08
N GLN A 64 48.39 -9.52 -24.10
CA GLN A 64 49.81 -9.14 -23.81
CA GLN A 64 49.80 -9.17 -23.89
C GLN A 64 49.94 -8.61 -22.39
C GLN A 64 49.97 -8.56 -22.49
N GLN A 65 48.99 -7.76 -21.99
N GLN A 65 48.99 -7.79 -22.01
CA GLN A 65 48.97 -7.20 -20.64
CA GLN A 65 49.06 -7.20 -20.69
C GLN A 65 48.92 -8.29 -19.62
C GLN A 65 48.85 -8.24 -19.58
N LEU A 66 48.04 -9.27 -19.84
CA LEU A 66 47.83 -10.36 -18.87
C LEU A 66 49.04 -11.32 -18.78
N LEU A 67 49.57 -11.71 -19.91
CA LEU A 67 50.58 -12.77 -19.97
C LEU A 67 52.02 -12.33 -20.23
N GLY A 68 52.20 -11.13 -20.75
CA GLY A 68 53.51 -10.65 -21.07
C GLY A 68 54.28 -11.51 -22.04
N ASP A 69 55.61 -11.47 -21.99
CA ASP A 69 56.38 -12.22 -22.96
C ASP A 69 56.59 -13.67 -22.55
N GLY A 70 56.05 -14.04 -21.42
CA GLY A 70 56.10 -15.42 -20.97
C GLY A 70 57.33 -15.82 -20.18
N SER A 71 58.29 -14.93 -20.12
CA SER A 71 59.58 -15.25 -19.51
C SER A 71 59.43 -15.62 -18.07
N ASN A 72 58.50 -14.98 -17.38
CA ASN A 72 58.23 -15.35 -15.99
C ASN A 72 57.89 -16.83 -15.76
N TRP A 73 57.35 -17.51 -16.78
CA TRP A 73 56.95 -18.90 -16.71
C TRP A 73 57.82 -19.79 -17.60
N GLY A 74 58.98 -19.27 -18.00
CA GLY A 74 59.87 -20.05 -18.86
C GLY A 74 59.39 -20.22 -20.28
N LEU A 75 58.52 -19.31 -20.74
CA LEU A 75 57.96 -19.41 -22.09
C LEU A 75 58.41 -18.26 -22.96
N ASP A 76 58.14 -18.39 -24.25
CA ASP A 76 58.42 -17.35 -25.26
C ASP A 76 57.06 -17.13 -25.91
N LEU A 77 56.33 -16.14 -25.41
CA LEU A 77 55.03 -15.78 -25.88
C LEU A 77 55.15 -14.60 -26.85
N GLN A 78 54.50 -14.76 -27.99
CA GLN A 78 54.38 -13.77 -29.01
C GLN A 78 52.92 -13.55 -29.34
N TYR A 79 52.65 -12.45 -30.02
CA TYR A 79 51.29 -12.03 -30.29
C TYR A 79 51.05 -11.59 -31.74
N ALA A 80 49.82 -11.88 -32.18
CA ALA A 80 49.37 -11.46 -33.51
C ALA A 80 47.86 -11.24 -33.54
N VAL A 81 47.42 -10.35 -34.41
CA VAL A 81 46.03 -9.99 -34.53
C VAL A 81 45.38 -10.71 -35.69
N GLN A 82 44.12 -11.11 -35.47
CA GLN A 82 43.27 -11.64 -36.51
C GLN A 82 42.24 -10.56 -36.73
N PRO A 83 42.34 -9.83 -37.83
CA PRO A 83 41.44 -8.71 -38.07
C PRO A 83 39.94 -9.06 -38.03
N SER A 84 39.58 -10.26 -38.47
CA SER A 84 38.19 -10.66 -38.57
C SER A 84 38.15 -12.18 -38.40
N PRO A 85 37.13 -12.75 -37.78
CA PRO A 85 37.12 -14.18 -37.43
C PRO A 85 36.72 -15.07 -38.60
N ASP A 86 37.58 -15.05 -39.59
CA ASP A 86 37.32 -15.70 -40.85
C ASP A 86 37.78 -17.11 -41.02
N GLY A 87 38.11 -17.76 -39.93
CA GLY A 87 38.32 -19.19 -40.00
C GLY A 87 39.45 -19.66 -39.15
N LEU A 88 39.31 -20.86 -38.60
CA LEU A 88 40.38 -21.38 -37.75
C LEU A 88 41.68 -21.58 -38.55
N ALA A 89 41.56 -21.91 -39.84
CA ALA A 89 42.76 -22.14 -40.66
C ALA A 89 43.59 -20.86 -40.87
N GLN A 90 42.99 -19.69 -40.64
CA GLN A 90 43.73 -18.43 -40.78
C GLN A 90 44.87 -18.35 -39.81
N ALA A 91 44.81 -19.15 -38.74
CA ALA A 91 45.88 -19.16 -37.77
C ALA A 91 47.21 -19.46 -38.46
N PHE A 92 47.18 -20.30 -39.46
CA PHE A 92 48.41 -20.73 -40.15
C PHE A 92 48.92 -19.71 -41.14
N LEU A 93 48.06 -18.76 -41.54
CA LEU A 93 48.49 -17.68 -42.42
C LEU A 93 49.04 -16.52 -41.58
N ILE A 94 48.29 -16.16 -40.56
CA ILE A 94 48.75 -15.17 -39.61
C ILE A 94 50.04 -15.60 -38.94
N GLY A 95 50.11 -16.88 -38.62
CA GLY A 95 51.27 -17.43 -37.97
C GLY A 95 52.36 -18.01 -38.85
N GLU A 96 52.27 -17.75 -40.14
CA GLU A 96 53.23 -18.29 -41.09
C GLU A 96 54.69 -17.96 -40.72
N SER A 97 54.96 -16.67 -40.52
N SER A 97 54.96 -16.68 -40.51
CA SER A 97 56.32 -16.30 -40.18
CA SER A 97 56.31 -16.27 -40.15
C SER A 97 56.76 -16.88 -38.83
C SER A 97 56.75 -16.89 -38.83
N PHE A 98 55.84 -16.91 -37.86
CA PHE A 98 56.13 -17.48 -36.53
C PHE A 98 56.50 -18.96 -36.62
N ILE A 99 55.76 -19.73 -37.42
CA ILE A 99 56.00 -21.14 -37.52
C ILE A 99 57.33 -21.42 -38.21
N GLY A 100 57.62 -20.64 -39.23
CA GLY A 100 58.82 -20.87 -40.04
C GLY A 100 58.81 -22.31 -40.59
N ASN A 101 59.91 -23.01 -40.41
CA ASN A 101 60.03 -24.36 -40.92
C ASN A 101 59.88 -25.43 -39.81
N ASP A 102 59.09 -25.10 -38.82
CA ASP A 102 58.94 -25.99 -37.68
C ASP A 102 57.60 -26.72 -37.66
N LEU A 103 57.57 -27.81 -36.87
CA LEU A 103 56.32 -28.49 -36.52
C LEU A 103 55.48 -27.50 -35.73
N SER A 104 54.17 -27.68 -35.74
CA SER A 104 53.32 -26.74 -35.03
C SER A 104 52.13 -27.43 -34.35
N ALA A 105 51.43 -26.68 -33.50
CA ALA A 105 50.21 -27.14 -32.89
C ALA A 105 49.29 -25.94 -32.71
N LEU A 106 47.99 -26.17 -32.86
CA LEU A 106 47.00 -25.14 -32.67
C LEU A 106 46.01 -25.62 -31.60
N VAL A 107 45.69 -24.75 -30.64
CA VAL A 107 44.65 -25.06 -29.66
C VAL A 107 43.73 -23.85 -29.59
N LEU A 108 42.43 -24.13 -29.46
CA LEU A 108 41.43 -23.07 -29.37
C LEU A 108 41.42 -22.51 -27.93
N GLY A 109 41.25 -21.20 -27.84
CA GLY A 109 41.35 -20.49 -26.61
C GLY A 109 40.26 -20.77 -25.63
N ASP A 110 39.17 -21.41 -26.05
CA ASP A 110 38.08 -21.68 -25.18
C ASP A 110 37.88 -23.17 -24.88
N ASN A 111 38.89 -23.96 -25.24
CA ASN A 111 38.87 -25.43 -25.07
C ASN A 111 39.59 -25.82 -23.77
N LEU A 112 38.90 -26.62 -22.97
CA LEU A 112 39.37 -27.08 -21.67
C LEU A 112 39.43 -28.61 -21.68
N TYR A 113 40.61 -29.16 -21.53
CA TYR A 113 40.80 -30.62 -21.48
C TYR A 113 41.25 -30.97 -20.10
N TYR A 114 40.89 -32.14 -19.65
CA TYR A 114 41.39 -32.64 -18.37
C TYR A 114 41.25 -34.17 -18.27
N GLY A 115 42.28 -34.81 -17.74
CA GLY A 115 42.13 -36.22 -17.36
C GLY A 115 43.42 -36.95 -17.16
N HIS A 116 43.29 -38.16 -16.61
CA HIS A 116 44.45 -38.94 -16.29
C HIS A 116 45.24 -39.34 -17.55
N ASP A 117 46.57 -39.25 -17.49
CA ASP A 117 47.50 -39.67 -18.54
C ASP A 117 47.41 -38.72 -19.75
N PHE A 118 46.80 -37.56 -19.59
CA PHE A 118 46.74 -36.55 -20.65
C PHE A 118 48.15 -36.21 -21.17
N HIS A 119 49.13 -36.11 -20.30
N HIS A 119 49.16 -36.29 -20.30
CA HIS A 119 50.46 -35.79 -20.77
CA HIS A 119 50.54 -35.95 -20.68
C HIS A 119 51.01 -36.83 -21.73
C HIS A 119 50.96 -36.82 -21.80
N GLU A 120 50.58 -38.08 -21.63
CA GLU A 120 50.99 -39.14 -22.53
C GLU A 120 50.33 -39.01 -23.89
N LEU A 121 49.05 -38.68 -23.87
CA LEU A 121 48.22 -38.46 -25.09
C LEU A 121 48.84 -37.30 -25.83
N LEU A 122 49.14 -36.23 -25.10
CA LEU A 122 49.81 -35.05 -25.70
C LEU A 122 51.23 -35.36 -26.26
N GLY A 123 52.03 -36.03 -25.48
CA GLY A 123 53.42 -36.27 -25.85
C GLY A 123 53.50 -37.14 -27.06
N SER A 124 52.61 -38.12 -27.13
N SER A 124 52.62 -38.11 -27.13
CA SER A 124 52.69 -38.98 -28.31
CA SER A 124 52.65 -38.98 -28.30
C SER A 124 52.40 -38.19 -29.57
C SER A 124 52.39 -38.21 -29.58
N ALA A 125 51.36 -37.35 -29.55
CA ALA A 125 51.04 -36.53 -30.75
C ALA A 125 52.16 -35.52 -30.98
N SER A 126 52.68 -34.92 -29.92
CA SER A 126 53.61 -33.84 -30.09
C SER A 126 54.98 -34.28 -30.60
N GLN A 127 55.32 -35.49 -30.24
CA GLN A 127 56.59 -36.07 -30.60
C GLN A 127 56.56 -36.76 -31.98
N ARG A 128 55.40 -36.86 -32.58
CA ARG A 128 55.38 -37.33 -33.97
C ARG A 128 56.04 -36.25 -34.83
N GLN A 129 56.66 -36.65 -35.92
CA GLN A 129 57.29 -35.68 -36.78
C GLN A 129 56.80 -35.64 -38.17
N THR A 130 55.62 -36.14 -38.40
CA THR A 130 55.04 -36.24 -39.70
C THR A 130 53.51 -36.25 -39.61
N GLY A 131 52.93 -35.74 -40.68
CA GLY A 131 51.50 -35.76 -40.85
C GLY A 131 50.83 -34.80 -39.85
N ALA A 132 49.55 -35.04 -39.63
CA ALA A 132 48.74 -34.27 -38.72
C ALA A 132 48.12 -35.23 -37.69
N SER A 133 47.91 -34.72 -36.49
CA SER A 133 47.27 -35.48 -35.46
C SER A 133 46.11 -34.66 -34.87
N VAL A 134 44.95 -35.30 -34.79
CA VAL A 134 43.77 -34.75 -34.15
C VAL A 134 43.15 -35.77 -33.22
N PHE A 135 42.17 -35.31 -32.41
CA PHE A 135 41.54 -36.19 -31.41
C PHE A 135 40.03 -36.19 -31.61
N ALA A 136 39.50 -37.40 -31.46
CA ALA A 136 38.06 -37.67 -31.64
C ALA A 136 37.49 -37.97 -30.27
N TYR A 137 36.39 -37.29 -29.93
CA TYR A 137 35.75 -37.40 -28.64
C TYR A 137 34.24 -37.54 -28.81
N HIS A 138 33.72 -38.57 -28.16
CA HIS A 138 32.28 -38.82 -28.22
C HIS A 138 31.47 -37.75 -27.51
N VAL A 139 30.56 -37.12 -28.27
CA VAL A 139 29.69 -36.05 -27.75
C VAL A 139 28.25 -36.25 -28.02
N LEU A 140 27.39 -35.60 -27.24
CA LEU A 140 25.99 -35.62 -27.48
C LEU A 140 25.55 -34.87 -28.77
N ASP A 141 26.23 -33.77 -29.04
CA ASP A 141 25.86 -32.84 -30.12
C ASP A 141 26.96 -32.66 -31.15
N PRO A 142 27.25 -33.69 -31.95
CA PRO A 142 28.35 -33.60 -32.91
C PRO A 142 28.10 -32.56 -33.98
N GLU A 143 26.84 -32.24 -34.23
CA GLU A 143 26.48 -31.25 -35.24
C GLU A 143 27.09 -29.88 -34.99
N ARG A 144 27.61 -29.65 -33.80
CA ARG A 144 28.24 -28.39 -33.47
C ARG A 144 29.73 -28.32 -33.84
N TYR A 145 30.31 -29.43 -34.30
CA TYR A 145 31.75 -29.55 -34.52
C TYR A 145 32.11 -30.18 -35.86
N GLY A 146 33.41 -30.30 -36.07
CA GLY A 146 33.91 -31.16 -37.12
C GLY A 146 33.67 -32.59 -36.62
N VAL A 147 33.12 -33.42 -37.51
CA VAL A 147 32.75 -34.78 -37.21
C VAL A 147 33.57 -35.78 -37.99
N VAL A 148 34.11 -36.77 -37.28
CA VAL A 148 34.87 -37.82 -37.96
C VAL A 148 34.10 -39.13 -38.01
N GLU A 149 34.06 -39.73 -39.20
CA GLU A 149 33.44 -41.00 -39.42
C GLU A 149 34.49 -42.08 -39.57
N PHE A 150 34.28 -43.20 -38.89
CA PHE A 150 35.22 -44.31 -38.94
C PHE A 150 34.61 -45.48 -39.65
N ASP A 151 35.44 -46.31 -40.28
CA ASP A 151 34.92 -47.57 -40.84
C ASP A 151 34.82 -48.61 -39.75
N GLN A 152 34.38 -49.80 -40.14
CA GLN A 152 34.16 -50.92 -39.21
C GLN A 152 35.48 -51.30 -38.51
N GLY A 153 36.59 -51.04 -39.16
CA GLY A 153 37.87 -51.29 -38.59
C GLY A 153 38.49 -50.20 -37.76
N GLY A 154 37.80 -49.05 -37.61
CA GLY A 154 38.28 -48.00 -36.74
C GLY A 154 39.09 -46.95 -37.44
N LYS A 155 39.12 -47.02 -38.78
CA LYS A 155 39.89 -46.15 -39.64
C LYS A 155 39.04 -44.94 -40.03
N ALA A 156 39.56 -43.77 -39.81
CA ALA A 156 38.85 -42.57 -40.15
C ALA A 156 38.68 -42.47 -41.65
N ILE A 157 37.46 -42.26 -42.11
CA ILE A 157 37.17 -42.24 -43.54
C ILE A 157 36.58 -40.96 -44.06
N SER A 158 36.03 -40.13 -43.18
CA SER A 158 35.48 -38.86 -43.63
C SER A 158 35.43 -37.83 -42.52
N LEU A 159 35.46 -36.58 -42.94
CA LEU A 159 35.32 -35.45 -42.06
C LEU A 159 34.32 -34.48 -42.65
N GLU A 160 33.44 -33.97 -41.80
CA GLU A 160 32.45 -32.98 -42.15
C GLU A 160 32.36 -31.90 -41.09
N GLU A 161 32.24 -30.65 -41.56
CA GLU A 161 32.15 -29.55 -40.64
C GLU A 161 30.66 -29.24 -40.32
N LYS A 162 30.33 -29.33 -39.05
CA LYS A 162 29.00 -29.05 -38.56
C LYS A 162 27.88 -29.62 -39.45
N PRO A 163 27.90 -30.93 -39.69
CA PRO A 163 26.84 -31.55 -40.51
C PRO A 163 25.49 -31.56 -39.82
N LEU A 164 24.44 -31.29 -40.59
CA LEU A 164 23.11 -31.37 -39.97
C LEU A 164 22.69 -32.76 -39.59
N GLU A 165 23.19 -33.76 -40.30
CA GLU A 165 23.00 -35.18 -40.06
C GLU A 165 24.38 -35.85 -39.87
N PRO A 166 24.95 -35.70 -38.69
CA PRO A 166 26.29 -36.28 -38.46
C PRO A 166 26.37 -37.75 -38.76
N LYS A 167 27.51 -38.17 -39.29
CA LYS A 167 27.76 -39.59 -39.59
C LYS A 167 28.27 -40.38 -38.41
N SER A 168 28.65 -39.69 -37.35
CA SER A 168 28.99 -40.36 -36.08
C SER A 168 28.76 -39.39 -34.94
N ASN A 169 28.99 -39.84 -33.73
CA ASN A 169 28.97 -38.95 -32.57
C ASN A 169 30.37 -38.57 -32.12
N TYR A 170 31.34 -38.64 -33.00
CA TYR A 170 32.73 -38.30 -32.65
C TYR A 170 33.08 -36.95 -33.23
N ALA A 171 33.28 -35.98 -32.33
CA ALA A 171 33.74 -34.68 -32.72
C ALA A 171 35.24 -34.62 -32.72
N VAL A 172 35.77 -33.86 -33.65
CA VAL A 172 37.17 -33.49 -33.66
C VAL A 172 37.36 -32.37 -32.66
N THR A 173 38.23 -32.55 -31.69
CA THR A 173 38.40 -31.51 -30.65
C THR A 173 39.24 -30.33 -31.18
N GLY A 174 39.26 -29.21 -30.44
CA GLY A 174 40.01 -28.03 -30.80
C GLY A 174 41.46 -28.05 -30.41
N LEU A 175 42.14 -29.14 -30.80
CA LEU A 175 43.56 -29.32 -30.56
C LEU A 175 44.15 -30.09 -31.77
N TYR A 176 45.13 -29.48 -32.45
CA TYR A 176 45.58 -30.01 -33.71
C TYR A 176 47.11 -29.93 -33.77
N PHE A 177 47.74 -30.96 -34.21
CA PHE A 177 49.20 -30.99 -34.33
C PHE A 177 49.55 -31.24 -35.83
N TYR A 178 50.51 -30.45 -36.35
CA TYR A 178 50.89 -30.46 -37.78
C TYR A 178 52.38 -30.51 -38.04
N ASP A 179 52.72 -31.19 -39.15
CA ASP A 179 54.07 -31.15 -39.67
C ASP A 179 54.24 -29.89 -40.56
N GLN A 180 55.27 -29.85 -41.42
CA GLN A 180 55.53 -28.68 -42.24
C GLN A 180 54.65 -28.45 -43.43
N GLN A 181 53.69 -29.33 -43.66
CA GLN A 181 52.80 -29.17 -44.77
C GLN A 181 51.64 -28.20 -44.54
N VAL A 182 51.39 -27.80 -43.29
CA VAL A 182 50.14 -27.14 -42.98
C VAL A 182 50.05 -25.76 -43.57
N VAL A 183 51.15 -25.02 -43.56
CA VAL A 183 51.01 -23.65 -44.01
C VAL A 183 50.60 -23.60 -45.48
N ASP A 184 51.28 -24.37 -46.33
CA ASP A 184 50.97 -24.41 -47.76
C ASP A 184 49.58 -24.97 -48.03
N ILE A 185 49.12 -25.88 -47.16
CA ILE A 185 47.72 -26.35 -47.31
C ILE A 185 46.73 -25.18 -47.02
N ALA A 186 46.99 -24.44 -45.96
CA ALA A 186 46.12 -23.36 -45.54
C ALA A 186 46.15 -22.26 -46.61
N ARG A 187 47.31 -22.01 -47.20
CA ARG A 187 47.43 -20.97 -48.23
C ARG A 187 46.56 -21.25 -49.46
N ASP A 188 46.34 -22.53 -49.76
CA ASP A 188 45.54 -22.93 -50.92
C ASP A 188 44.06 -23.00 -50.66
N LEU A 189 43.65 -22.92 -49.41
CA LEU A 189 42.24 -22.96 -49.08
C LEU A 189 41.44 -21.77 -49.56
N LYS A 190 40.19 -22.04 -49.89
CA LYS A 190 39.23 -21.01 -50.18
C LYS A 190 38.13 -21.10 -49.15
N PRO A 191 37.48 -19.98 -48.85
CA PRO A 191 36.36 -19.93 -47.91
C PRO A 191 35.26 -20.92 -48.26
N SER A 192 34.73 -21.48 -47.19
CA SER A 192 33.69 -22.50 -47.23
C SER A 192 32.33 -21.83 -47.50
N PRO A 193 31.27 -22.66 -47.55
CA PRO A 193 29.90 -22.17 -47.66
C PRO A 193 29.52 -21.31 -46.48
N ARG A 194 30.09 -21.62 -45.32
N ARG A 194 30.07 -21.59 -45.30
CA ARG A 194 29.85 -20.84 -44.10
CA ARG A 194 29.73 -20.77 -44.15
C ARG A 194 30.62 -19.54 -44.06
C ARG A 194 30.74 -19.62 -44.01
N GLY A 195 31.36 -19.27 -45.14
CA GLY A 195 32.29 -18.13 -45.21
C GLY A 195 33.65 -18.20 -44.48
N GLU A 196 34.10 -19.40 -44.09
CA GLU A 196 35.31 -19.54 -43.28
C GLU A 196 36.39 -20.36 -43.93
N LEU A 197 37.63 -20.08 -43.56
CA LEU A 197 38.77 -20.89 -43.96
C LEU A 197 38.84 -21.98 -42.89
N GLU A 198 38.43 -23.19 -43.27
CA GLU A 198 38.13 -24.23 -42.27
C GLU A 198 39.31 -25.15 -41.91
N ILE A 199 39.52 -25.35 -40.62
CA ILE A 199 40.50 -26.32 -40.18
C ILE A 199 40.06 -27.69 -40.64
N THR A 200 38.75 -27.93 -40.78
CA THR A 200 38.35 -29.26 -41.24
C THR A 200 38.88 -29.51 -42.66
N ASP A 201 38.96 -28.48 -43.48
CA ASP A 201 39.49 -28.66 -44.82
C ASP A 201 40.99 -28.94 -44.79
N VAL A 202 41.69 -28.33 -43.83
CA VAL A 202 43.10 -28.68 -43.64
C VAL A 202 43.24 -30.16 -43.27
N ASN A 203 42.42 -30.59 -42.34
CA ASN A 203 42.51 -31.95 -41.87
C ASN A 203 42.14 -32.95 -42.98
N ARG A 204 41.15 -32.59 -43.80
CA ARG A 204 40.80 -33.43 -44.95
C ARG A 204 41.97 -33.56 -45.94
N ALA A 205 42.71 -32.48 -46.13
CA ALA A 205 43.86 -32.52 -47.04
C ALA A 205 44.83 -33.58 -46.55
N TYR A 206 45.10 -33.59 -45.24
CA TYR A 206 45.92 -34.63 -44.70
C TYR A 206 45.25 -36.04 -44.89
N LEU A 207 43.96 -36.16 -44.63
CA LEU A 207 43.29 -37.46 -44.67
C LEU A 207 43.42 -38.04 -46.08
N GLU A 208 43.22 -37.17 -47.06
CA GLU A 208 43.29 -37.57 -48.48
C GLU A 208 44.65 -38.13 -48.86
N ARG A 209 45.71 -37.65 -48.21
N ARG A 209 45.71 -37.66 -48.21
CA ARG A 209 47.06 -38.14 -48.40
CA ARG A 209 47.05 -38.18 -48.41
C ARG A 209 47.43 -39.32 -47.48
C ARG A 209 47.43 -39.32 -47.48
N GLY A 210 46.47 -39.80 -46.70
CA GLY A 210 46.72 -40.85 -45.76
C GLY A 210 47.66 -40.41 -44.67
N GLN A 211 47.67 -39.12 -44.32
CA GLN A 211 48.61 -38.62 -43.34
C GLN A 211 47.97 -37.93 -42.13
N LEU A 212 46.69 -38.20 -41.94
CA LEU A 212 45.93 -37.74 -40.77
C LEU A 212 45.78 -38.85 -39.72
N SER A 213 46.36 -38.63 -38.56
CA SER A 213 46.24 -39.56 -37.46
C SER A 213 45.13 -39.10 -36.58
N VAL A 214 44.08 -39.90 -36.48
CA VAL A 214 42.95 -39.55 -35.59
C VAL A 214 43.01 -40.46 -34.36
N GLU A 215 43.35 -39.88 -33.23
CA GLU A 215 43.44 -40.65 -31.99
C GLU A 215 42.18 -40.43 -31.17
N ILE A 216 41.64 -41.51 -30.61
CA ILE A 216 40.50 -41.40 -29.71
C ILE A 216 40.92 -40.73 -28.39
N MET A 217 40.16 -39.76 -27.92
CA MET A 217 40.23 -39.18 -26.57
C MET A 217 39.06 -39.82 -25.84
N GLY A 218 39.41 -40.74 -24.94
CA GLY A 218 38.44 -41.62 -24.33
C GLY A 218 37.49 -40.86 -23.39
N ARG A 219 36.37 -41.53 -23.05
CA ARG A 219 35.34 -40.96 -22.19
C ARG A 219 35.85 -40.62 -20.79
N GLY A 220 36.97 -41.17 -20.41
CA GLY A 220 37.60 -40.81 -19.13
C GLY A 220 38.13 -39.40 -19.04
N TYR A 221 38.38 -38.82 -20.19
CA TYR A 221 38.78 -37.42 -20.24
C TYR A 221 37.58 -36.50 -20.28
N ALA A 222 37.74 -35.32 -19.71
CA ALA A 222 36.82 -34.21 -19.94
C ALA A 222 37.37 -33.27 -21.03
N TRP A 223 36.55 -33.07 -22.06
CA TRP A 223 36.79 -32.07 -23.09
C TRP A 223 35.58 -31.17 -23.04
N LEU A 224 35.79 -29.96 -22.58
CA LEU A 224 34.72 -28.99 -22.46
C LEU A 224 35.05 -27.78 -23.32
N ASP A 225 33.98 -27.13 -23.67
CA ASP A 225 34.00 -26.00 -24.54
C ASP A 225 33.19 -24.88 -23.78
N THR A 226 33.81 -23.76 -23.45
CA THR A 226 33.11 -22.63 -22.86
C THR A 226 32.37 -21.73 -23.83
N GLY A 227 31.85 -22.30 -24.85
CA GLY A 227 31.16 -21.48 -25.82
C GLY A 227 29.78 -20.93 -25.48
N THR A 228 29.11 -21.40 -24.45
CA THR A 228 27.77 -20.90 -24.12
C THR A 228 27.73 -20.49 -22.66
N HIS A 229 26.68 -19.76 -22.26
CA HIS A 229 26.54 -19.38 -20.85
C HIS A 229 26.49 -20.65 -19.99
N ASP A 230 25.70 -21.61 -20.41
CA ASP A 230 25.50 -22.81 -19.61
C ASP A 230 26.75 -23.61 -19.51
N SER A 231 27.46 -23.76 -20.63
CA SER A 231 28.67 -24.57 -20.63
C SER A 231 29.83 -23.94 -19.86
N LEU A 232 29.92 -22.62 -19.83
CA LEU A 232 30.93 -21.96 -18.99
C LEU A 232 30.64 -22.20 -17.50
N LEU A 233 29.38 -22.11 -17.12
CA LEU A 233 28.98 -22.42 -15.75
C LEU A 233 29.30 -23.87 -15.36
N GLU A 234 28.94 -24.81 -16.22
CA GLU A 234 29.27 -26.24 -16.01
C GLU A 234 30.76 -26.46 -15.86
N ALA A 235 31.56 -25.81 -16.68
CA ALA A 235 32.98 -25.99 -16.59
C ALA A 235 33.50 -25.42 -15.29
N GLY A 236 32.94 -24.31 -14.88
CA GLY A 236 33.40 -23.74 -13.60
C GLY A 236 33.13 -24.68 -12.44
N GLN A 237 31.94 -25.29 -12.40
N GLN A 237 31.96 -25.29 -12.42
CA GLN A 237 31.61 -26.20 -11.32
CA GLN A 237 31.59 -26.21 -11.36
C GLN A 237 32.48 -27.43 -11.37
C GLN A 237 32.47 -27.45 -11.38
N PHE A 238 32.77 -27.91 -12.58
CA PHE A 238 33.62 -29.09 -12.77
C PHE A 238 35.03 -28.86 -12.16
N ILE A 239 35.63 -27.75 -12.49
CA ILE A 239 36.94 -27.38 -11.94
C ILE A 239 36.87 -27.15 -10.43
N ALA A 240 35.82 -26.51 -9.96
CA ALA A 240 35.65 -26.22 -8.55
C ALA A 240 35.58 -27.54 -7.75
N THR A 241 34.82 -28.48 -8.26
CA THR A 241 34.66 -29.76 -7.58
C THR A 241 35.96 -30.50 -7.47
N LEU A 242 36.67 -30.60 -8.57
CA LEU A 242 37.99 -31.22 -8.54
C LEU A 242 38.96 -30.50 -7.63
N GLU A 243 39.04 -29.18 -7.72
CA GLU A 243 40.02 -28.44 -6.89
C GLU A 243 39.77 -28.55 -5.44
N ASN A 244 38.51 -28.42 -5.04
CA ASN A 244 38.14 -28.46 -3.64
C ASN A 244 38.27 -29.86 -3.05
N ARG A 245 38.10 -30.86 -3.89
CA ARG A 245 38.28 -32.25 -3.41
C ARG A 245 39.73 -32.51 -3.17
N GLN A 246 40.56 -32.05 -4.11
CA GLN A 246 41.96 -32.47 -4.18
C GLN A 246 42.94 -31.62 -3.43
N GLY A 247 42.61 -30.32 -3.24
CA GLY A 247 43.56 -29.39 -2.68
C GLY A 247 44.70 -29.17 -3.71
N LEU A 248 44.39 -29.43 -4.98
CA LEU A 248 45.23 -29.12 -6.11
C LEU A 248 44.51 -28.20 -7.07
N LYS A 249 45.24 -27.49 -7.91
CA LYS A 249 44.61 -26.58 -8.85
C LYS A 249 44.88 -27.04 -10.26
N VAL A 250 43.87 -26.93 -11.12
CA VAL A 250 43.98 -27.31 -12.51
C VAL A 250 44.55 -26.19 -13.39
N ALA A 251 45.54 -26.51 -14.20
CA ALA A 251 46.01 -25.53 -15.23
C ALA A 251 46.62 -24.29 -14.69
N CYS A 252 47.43 -24.44 -13.63
N CYS A 252 47.42 -24.45 -13.65
CA CYS A 252 48.27 -23.34 -13.15
CA CYS A 252 48.21 -23.37 -13.11
C CYS A 252 49.55 -23.34 -13.94
C CYS A 252 49.55 -23.33 -13.90
N PRO A 253 49.75 -22.33 -14.76
CA PRO A 253 50.98 -22.30 -15.59
C PRO A 253 52.25 -22.28 -14.75
N GLU A 254 52.20 -21.61 -13.63
CA GLU A 254 53.35 -21.56 -12.75
C GLU A 254 53.74 -22.96 -12.27
N GLU A 255 52.75 -23.72 -11.89
CA GLU A 255 52.97 -25.12 -11.43
C GLU A 255 53.60 -25.94 -12.55
N ILE A 256 53.02 -25.89 -13.75
CA ILE A 256 53.47 -26.71 -14.85
C ILE A 256 54.89 -26.34 -15.27
N ALA A 257 55.16 -25.04 -15.35
CA ALA A 257 56.51 -24.61 -15.65
C ALA A 257 57.52 -25.14 -14.63
N TYR A 258 57.19 -25.08 -13.36
CA TYR A 258 58.08 -25.59 -12.31
C TYR A 258 58.28 -27.08 -12.48
N ARG A 259 57.17 -27.80 -12.73
CA ARG A 259 57.28 -29.25 -12.84
C ARG A 259 58.12 -29.66 -14.06
N GLN A 260 58.05 -28.90 -15.14
CA GLN A 260 58.79 -29.19 -16.40
C GLN A 260 60.23 -28.68 -16.30
N LYS A 261 60.57 -28.04 -15.19
CA LYS A 261 61.88 -27.46 -14.92
C LYS A 261 62.22 -26.26 -15.82
N TRP A 262 61.20 -25.58 -16.32
CA TRP A 262 61.34 -24.37 -17.12
C TRP A 262 61.62 -23.16 -16.21
N ILE A 263 61.21 -23.30 -14.95
CA ILE A 263 61.53 -22.34 -13.91
C ILE A 263 61.93 -23.11 -12.70
N ASP A 264 62.72 -22.46 -11.85
CA ASP A 264 63.16 -23.07 -10.63
C ASP A 264 62.36 -22.65 -9.38
N ALA A 265 62.73 -23.18 -8.22
CA ALA A 265 62.03 -22.91 -6.98
C ALA A 265 62.04 -21.45 -6.60
N ALA A 266 63.17 -20.83 -6.81
CA ALA A 266 63.38 -19.47 -6.47
C ALA A 266 62.43 -18.61 -7.31
N GLN A 267 62.33 -18.95 -8.58
CA GLN A 267 61.45 -18.22 -9.50
C GLN A 267 59.98 -18.47 -9.09
N LEU A 268 59.64 -19.70 -8.74
CA LEU A 268 58.27 -20.01 -8.31
C LEU A 268 57.92 -19.21 -7.06
N GLU A 269 58.87 -19.14 -6.13
CA GLU A 269 58.63 -18.41 -4.91
C GLU A 269 58.31 -16.95 -5.22
N LYS A 270 59.07 -16.34 -6.13
CA LYS A 270 58.80 -14.96 -6.55
C LYS A 270 57.41 -14.73 -7.20
N LEU A 271 56.96 -15.67 -7.99
CA LEU A 271 55.66 -15.56 -8.64
C LEU A 271 54.53 -15.66 -7.65
N ALA A 272 54.75 -16.40 -6.55
CA ALA A 272 53.73 -16.63 -5.50
C ALA A 272 53.54 -15.40 -4.62
N ALA A 273 54.62 -14.68 -4.40
CA ALA A 273 54.62 -13.59 -3.45
C ALA A 273 53.52 -12.56 -3.69
N PRO A 274 53.38 -12.06 -4.90
CA PRO A 274 52.33 -11.10 -5.18
C PRO A 274 50.94 -11.69 -5.05
N LEU A 275 50.81 -13.02 -4.99
CA LEU A 275 49.51 -13.63 -4.85
C LEU A 275 49.32 -14.24 -3.46
N ALA A 276 50.26 -13.96 -2.56
CA ALA A 276 50.29 -14.56 -1.23
C ALA A 276 49.07 -14.43 -0.34
N LYS A 277 48.33 -13.35 -0.48
CA LYS A 277 47.19 -13.11 0.38
C LYS A 277 45.98 -13.88 -0.10
N ASN A 278 46.14 -14.61 -1.19
CA ASN A 278 45.03 -15.43 -1.68
C ASN A 278 45.41 -16.88 -1.84
N GLY A 279 44.38 -17.70 -2.04
CA GLY A 279 44.51 -19.15 -2.09
C GLY A 279 45.46 -19.62 -3.21
N TYR A 280 45.49 -18.87 -4.29
CA TYR A 280 46.31 -19.25 -5.48
C TYR A 280 47.78 -19.09 -5.17
N GLY A 281 48.13 -17.94 -4.60
CA GLY A 281 49.50 -17.71 -4.16
C GLY A 281 49.94 -18.66 -3.05
N GLN A 282 49.04 -18.88 -2.09
CA GLN A 282 49.30 -19.84 -1.02
C GLN A 282 49.58 -21.20 -1.61
N TYR A 283 48.87 -21.55 -2.70
CA TYR A 283 49.03 -22.83 -3.33
C TYR A 283 50.40 -22.92 -3.99
N LEU A 284 50.81 -21.90 -4.72
CA LEU A 284 52.10 -21.97 -5.38
C LEU A 284 53.17 -22.14 -4.33
N LYS A 285 52.97 -21.55 -3.16
CA LYS A 285 53.99 -21.68 -2.10
C LYS A 285 54.07 -23.09 -1.60
N ARG A 286 52.90 -23.66 -1.41
CA ARG A 286 52.85 -25.04 -0.90
C ARG A 286 53.59 -26.02 -1.80
N LEU A 287 53.52 -25.78 -3.10
CA LEU A 287 54.18 -26.67 -4.08
C LEU A 287 55.70 -26.78 -3.88
N LEU A 288 56.28 -25.81 -3.18
CA LEU A 288 57.70 -25.82 -2.92
C LEU A 288 58.11 -26.82 -1.90
N THR A 289 57.21 -27.25 -1.04
CA THR A 289 57.63 -28.18 0.00
C THR A 289 56.78 -29.44 0.05
N GLU A 290 56.00 -29.64 -0.99
CA GLU A 290 55.13 -30.75 -1.04
C GLU A 290 55.44 -31.54 -2.29
N THR A 291 55.57 -32.86 -2.20
CA THR A 291 55.77 -33.67 -3.38
C THR A 291 54.39 -34.11 -3.85
N VAL A 292 54.05 -33.90 -5.11
CA VAL A 292 52.77 -34.26 -5.74
C VAL A 292 53.06 -35.20 -6.91
N TYR A 293 52.50 -36.40 -6.85
CA TYR A 293 52.72 -37.46 -7.84
C TYR A 293 51.71 -37.38 -8.99
N MET B 1 10.08 12.66 -5.72
CA MET B 1 11.34 13.43 -5.81
C MET B 1 12.47 12.55 -6.35
N LYS B 2 13.21 13.13 -7.26
CA LYS B 2 14.43 12.57 -7.74
C LYS B 2 15.46 12.11 -6.65
N ARG B 3 16.05 10.97 -6.92
CA ARG B 3 17.13 10.50 -6.12
C ARG B 3 18.27 10.19 -7.06
N LYS B 4 19.50 10.57 -6.72
CA LYS B 4 20.66 10.26 -7.56
C LYS B 4 21.28 8.97 -7.06
N GLY B 5 21.75 8.12 -7.98
CA GLY B 5 22.34 6.85 -7.60
C GLY B 5 23.84 6.81 -7.84
N ILE B 6 24.50 6.01 -7.01
CA ILE B 6 25.91 5.69 -7.13
C ILE B 6 26.13 4.20 -7.05
N ILE B 7 26.90 3.68 -8.01
CA ILE B 7 27.39 2.30 -7.98
C ILE B 7 28.87 2.36 -7.67
N LEU B 8 29.26 1.83 -6.53
CA LEU B 8 30.65 1.78 -6.18
C LEU B 8 31.18 0.41 -6.66
N ALA B 9 31.96 0.45 -7.73
CA ALA B 9 32.43 -0.73 -8.42
C ALA B 9 33.95 -0.73 -8.53
N GLY B 10 34.59 -0.50 -7.42
CA GLY B 10 36.05 -0.38 -7.39
C GLY B 10 36.57 -1.55 -6.60
N GLY B 11 37.51 -1.29 -5.71
CA GLY B 11 37.97 -2.31 -4.77
C GLY B 11 39.31 -2.87 -5.14
N SER B 12 39.95 -3.45 -4.13
CA SER B 12 41.20 -4.21 -4.31
C SER B 12 40.82 -5.52 -5.01
N GLY B 13 41.49 -5.80 -6.12
CA GLY B 13 41.19 -7.01 -6.88
C GLY B 13 42.09 -8.17 -6.46
N THR B 14 43.08 -7.87 -5.62
CA THR B 14 44.09 -8.85 -5.19
C THR B 14 43.56 -10.21 -4.83
N ARG B 15 42.46 -10.22 -4.09
CA ARG B 15 41.90 -11.47 -3.67
C ARG B 15 41.64 -12.39 -4.82
N LEU B 16 40.99 -11.85 -5.87
CA LEU B 16 40.47 -12.71 -6.94
C LEU B 16 41.49 -12.99 -8.05
N HIS B 17 42.73 -12.50 -7.87
CA HIS B 17 43.77 -12.72 -8.85
C HIS B 17 44.08 -14.20 -8.79
N PRO B 18 44.38 -14.86 -9.91
CA PRO B 18 44.53 -14.23 -11.20
C PRO B 18 43.24 -14.14 -12.02
N ALA B 19 42.10 -14.62 -11.55
CA ALA B 19 40.88 -14.58 -12.34
C ALA B 19 40.60 -13.12 -12.73
N THR B 20 40.82 -12.20 -11.82
CA THR B 20 40.53 -10.78 -12.09
C THR B 20 41.76 -10.01 -12.50
N LEU B 21 42.81 -10.66 -12.93
CA LEU B 21 43.97 -9.93 -13.41
C LEU B 21 43.56 -9.33 -14.71
N ALA B 22 42.75 -10.08 -15.45
CA ALA B 22 42.34 -9.63 -16.76
C ALA B 22 41.15 -8.65 -16.63
N ILE B 23 40.13 -9.12 -15.93
CA ILE B 23 38.96 -8.31 -15.74
C ILE B 23 38.59 -8.13 -14.28
N SER B 24 38.13 -6.90 -13.97
CA SER B 24 37.60 -6.45 -12.69
C SER B 24 36.41 -7.29 -12.35
N LYS B 25 36.30 -7.62 -11.07
CA LYS B 25 35.22 -8.43 -10.61
C LYS B 25 33.91 -7.94 -11.16
N GLN B 26 33.69 -6.61 -11.21
CA GLN B 26 32.35 -6.17 -11.57
C GLN B 26 31.99 -6.22 -13.03
N LEU B 27 32.93 -6.65 -13.90
CA LEU B 27 32.68 -6.90 -15.29
C LEU B 27 32.58 -8.42 -15.57
N LEU B 28 32.86 -9.24 -14.57
CA LEU B 28 32.71 -10.68 -14.81
C LEU B 28 31.22 -11.03 -15.01
N PRO B 29 30.88 -12.01 -15.82
CA PRO B 29 29.46 -12.35 -15.94
C PRO B 29 28.94 -13.10 -14.78
N VAL B 30 27.70 -12.79 -14.42
CA VAL B 30 26.95 -13.66 -13.56
C VAL B 30 25.98 -14.35 -14.47
N TYR B 31 26.37 -15.57 -14.83
CA TYR B 31 25.69 -16.46 -15.76
C TYR B 31 25.74 -15.91 -17.19
N ASP B 32 24.94 -14.91 -17.52
CA ASP B 32 24.65 -14.46 -18.89
C ASP B 32 24.79 -12.96 -19.18
N LYS B 33 25.12 -12.16 -18.16
CA LYS B 33 25.26 -10.72 -18.32
C LYS B 33 26.25 -10.22 -17.29
N PRO B 34 26.88 -9.08 -17.58
CA PRO B 34 27.89 -8.55 -16.67
C PRO B 34 27.38 -8.24 -15.27
N MET B 35 28.25 -8.47 -14.31
N MET B 35 28.24 -8.50 -14.31
CA MET B 35 27.87 -8.35 -12.89
CA MET B 35 27.87 -8.34 -12.91
C MET B 35 27.22 -7.00 -12.64
C MET B 35 27.23 -7.00 -12.64
N ILE B 36 27.83 -5.94 -13.16
CA ILE B 36 27.27 -4.60 -12.91
C ILE B 36 25.81 -4.34 -13.36
N TYR B 37 25.29 -5.14 -14.29
CA TYR B 37 23.86 -5.04 -14.74
C TYR B 37 22.97 -5.25 -13.54
N TYR B 38 23.44 -6.05 -12.56
CA TYR B 38 22.59 -6.42 -11.47
C TYR B 38 22.33 -5.22 -10.51
N PRO B 39 23.38 -4.65 -9.91
CA PRO B 39 23.16 -3.48 -9.07
C PRO B 39 22.65 -2.27 -9.85
N LEU B 40 22.99 -2.15 -11.12
CA LEU B 40 22.39 -1.10 -11.95
C LEU B 40 20.88 -1.29 -12.00
N SER B 41 20.44 -2.52 -12.23
N SER B 41 20.45 -2.53 -12.23
CA SER B 41 19.03 -2.82 -12.29
CA SER B 41 19.03 -2.82 -12.31
C SER B 41 18.29 -2.52 -10.98
C SER B 41 18.29 -2.52 -11.00
N THR B 42 18.97 -2.73 -9.87
CA THR B 42 18.42 -2.42 -8.58
C THR B 42 18.12 -0.94 -8.49
N LEU B 43 19.08 -0.11 -8.91
CA LEU B 43 18.83 1.29 -8.86
C LEU B 43 17.64 1.71 -9.76
N MET B 44 17.64 1.14 -10.96
CA MET B 44 16.58 1.39 -11.93
C MET B 44 15.22 1.03 -11.35
N LEU B 45 15.13 -0.14 -10.67
CA LEU B 45 13.88 -0.56 -10.07
C LEU B 45 13.43 0.35 -8.92
N ALA B 46 14.38 1.08 -8.33
CA ALA B 46 14.10 2.06 -7.29
C ALA B 46 13.66 3.41 -7.91
N GLY B 47 13.61 3.50 -9.24
CA GLY B 47 13.22 4.72 -9.94
C GLY B 47 14.33 5.70 -10.21
N ILE B 48 15.56 5.25 -10.10
CA ILE B 48 16.71 6.10 -10.23
C ILE B 48 17.25 5.98 -11.65
N ARG B 49 17.32 7.14 -12.32
CA ARG B 49 17.81 7.20 -13.69
C ARG B 49 19.19 7.87 -13.86
N GLU B 50 19.61 8.63 -12.87
CA GLU B 50 20.83 9.40 -12.97
C GLU B 50 21.78 8.76 -11.98
N ILE B 51 22.84 8.14 -12.50
CA ILE B 51 23.72 7.29 -11.78
C ILE B 51 25.17 7.56 -12.09
N LEU B 52 25.95 7.61 -11.03
CA LEU B 52 27.38 7.73 -11.10
C LEU B 52 28.03 6.39 -10.81
N ILE B 53 28.85 5.92 -11.73
CA ILE B 53 29.60 4.68 -11.57
C ILE B 53 31.05 5.02 -11.18
N ILE B 54 31.41 4.63 -9.96
CA ILE B 54 32.73 4.86 -9.42
C ILE B 54 33.54 3.59 -9.54
N SER B 55 34.74 3.69 -10.12
N SER B 55 34.73 3.69 -10.15
CA SER B 55 35.61 2.55 -10.21
CA SER B 55 35.61 2.54 -10.29
C SER B 55 37.08 2.96 -10.18
C SER B 55 37.08 2.95 -10.19
N THR B 56 37.97 1.97 -10.27
CA THR B 56 39.40 2.29 -10.22
C THR B 56 39.77 3.05 -11.50
N PRO B 57 40.90 3.68 -11.49
CA PRO B 57 41.35 4.37 -12.72
C PRO B 57 41.47 3.45 -13.91
N GLN B 58 41.92 2.20 -13.70
CA GLN B 58 42.06 1.26 -14.83
C GLN B 58 40.72 0.81 -15.34
N ASP B 59 39.79 0.55 -14.43
CA ASP B 59 38.50 0.00 -14.86
C ASP B 59 37.50 1.04 -15.36
N THR B 60 37.70 2.29 -14.98
CA THR B 60 36.75 3.30 -15.42
C THR B 60 36.47 3.30 -16.93
N PRO B 61 37.48 3.25 -17.79
CA PRO B 61 37.24 3.19 -19.24
C PRO B 61 36.53 1.96 -19.70
N ARG B 62 36.68 0.87 -18.94
CA ARG B 62 36.05 -0.38 -19.30
C ARG B 62 34.54 -0.31 -19.02
N PHE B 63 34.17 0.29 -17.90
CA PHE B 63 32.76 0.47 -17.64
C PHE B 63 32.16 1.41 -18.67
N GLN B 64 32.91 2.48 -19.01
CA GLN B 64 32.45 3.44 -19.98
C GLN B 64 32.24 2.76 -21.34
N GLN B 65 33.08 1.80 -21.72
CA GLN B 65 32.87 1.10 -22.98
C GLN B 65 31.63 0.20 -22.94
N LEU B 66 31.45 -0.48 -21.85
CA LEU B 66 30.26 -1.34 -21.74
C LEU B 66 28.95 -0.59 -21.74
N LEU B 67 28.88 0.45 -20.93
CA LEU B 67 27.59 1.12 -20.61
C LEU B 67 27.34 2.44 -21.32
N GLY B 68 28.42 3.11 -21.72
CA GLY B 68 28.28 4.41 -22.33
C GLY B 68 27.62 5.44 -21.48
N ASP B 69 26.87 6.39 -22.06
CA ASP B 69 26.30 7.46 -21.21
C ASP B 69 24.88 7.12 -20.73
N GLY B 70 24.46 5.91 -21.07
CA GLY B 70 23.17 5.40 -20.68
C GLY B 70 21.95 5.84 -21.45
N SER B 71 22.17 6.72 -22.42
CA SER B 71 21.07 7.29 -23.12
C SER B 71 20.30 6.24 -23.88
N ASN B 72 20.97 5.19 -24.36
CA ASN B 72 20.25 4.13 -25.06
C ASN B 72 19.18 3.41 -24.16
N TRP B 73 19.34 3.53 -22.85
CA TRP B 73 18.44 2.88 -21.90
C TRP B 73 17.63 3.90 -21.18
N GLY B 74 17.64 5.14 -21.64
CA GLY B 74 16.89 6.19 -20.96
C GLY B 74 17.52 6.70 -19.66
N LEU B 75 18.80 6.39 -19.47
CA LEU B 75 19.54 6.79 -18.26
C LEU B 75 20.53 7.92 -18.55
N ASP B 76 21.06 8.47 -17.46
CA ASP B 76 22.10 9.44 -17.46
C ASP B 76 23.21 8.87 -16.59
N LEU B 77 24.16 8.19 -17.24
CA LEU B 77 25.27 7.54 -16.55
C LEU B 77 26.53 8.44 -16.67
N GLN B 78 27.18 8.61 -15.54
CA GLN B 78 28.41 9.34 -15.36
C GLN B 78 29.41 8.48 -14.64
N TYR B 79 30.67 8.88 -14.76
CA TYR B 79 31.76 8.08 -14.27
C TYR B 79 32.69 8.94 -13.46
N ALA B 80 33.25 8.33 -12.42
CA ALA B 80 34.33 8.91 -11.65
C ALA B 80 35.26 7.87 -11.09
N VAL B 81 36.49 8.30 -10.78
CA VAL B 81 37.53 7.41 -10.30
C VAL B 81 37.66 7.44 -8.78
N GLN B 82 37.85 6.27 -8.19
CA GLN B 82 38.28 6.19 -6.78
C GLN B 82 39.76 5.84 -6.86
N PRO B 83 40.66 6.78 -6.53
CA PRO B 83 42.10 6.46 -6.65
C PRO B 83 42.59 5.20 -5.92
N SER B 84 42.06 5.00 -4.74
CA SER B 84 42.43 3.84 -3.95
C SER B 84 41.18 3.37 -3.15
N PRO B 85 41.04 2.08 -2.86
CA PRO B 85 39.85 1.57 -2.15
C PRO B 85 39.93 1.85 -0.66
N ASP B 86 39.83 3.12 -0.32
CA ASP B 86 39.99 3.59 1.03
C ASP B 86 38.69 3.83 1.83
N GLY B 87 37.61 3.22 1.37
CA GLY B 87 36.38 3.24 2.12
C GLY B 87 35.15 3.46 1.28
N LEU B 88 34.08 2.77 1.65
CA LEU B 88 32.84 2.89 0.98
C LEU B 88 32.34 4.33 1.12
N ALA B 89 32.59 4.99 2.24
CA ALA B 89 32.07 6.36 2.38
C ALA B 89 32.73 7.34 1.43
N GLN B 90 33.85 6.94 0.83
CA GLN B 90 34.52 7.81 -0.11
C GLN B 90 33.56 8.11 -1.28
N ALA B 91 32.62 7.22 -1.49
CA ALA B 91 31.67 7.42 -2.59
C ALA B 91 31.04 8.83 -2.49
N PHE B 92 30.76 9.26 -1.28
CA PHE B 92 30.08 10.54 -1.06
C PHE B 92 30.95 11.77 -1.25
N LEU B 93 32.24 11.59 -1.10
CA LEU B 93 33.19 12.65 -1.32
C LEU B 93 33.43 12.82 -2.83
N ILE B 94 33.77 11.68 -3.48
CA ILE B 94 34.00 11.59 -4.90
C ILE B 94 32.73 12.02 -5.64
N GLY B 95 31.61 11.63 -5.09
CA GLY B 95 30.32 11.94 -5.72
C GLY B 95 29.69 13.24 -5.24
N GLU B 96 30.37 14.06 -4.48
CA GLU B 96 29.74 15.25 -3.91
C GLU B 96 29.12 16.16 -4.95
N SER B 97 29.89 16.50 -5.99
CA SER B 97 29.35 17.38 -7.00
C SER B 97 28.21 16.77 -7.70
N PHE B 98 28.31 15.47 -7.94
CA PHE B 98 27.27 14.74 -8.66
C PHE B 98 25.98 14.77 -7.88
N ILE B 99 26.07 14.54 -6.58
CA ILE B 99 24.87 14.47 -5.73
C ILE B 99 24.21 15.84 -5.65
N GLY B 100 25.05 16.87 -5.53
CA GLY B 100 24.50 18.19 -5.42
C GLY B 100 23.59 18.27 -4.19
N ASN B 101 22.41 18.85 -4.36
CA ASN B 101 21.51 19.06 -3.20
C ASN B 101 20.31 18.10 -3.29
N ASP B 102 20.59 16.86 -3.59
CA ASP B 102 19.58 15.87 -3.79
C ASP B 102 19.72 14.70 -2.82
N LEU B 103 18.63 13.98 -2.67
CA LEU B 103 18.65 12.65 -2.10
C LEU B 103 19.53 11.74 -2.92
N SER B 104 20.06 10.69 -2.29
CA SER B 104 20.99 9.81 -3.02
C SER B 104 20.82 8.36 -2.56
N ALA B 105 21.47 7.43 -3.30
CA ALA B 105 21.45 6.01 -2.94
C ALA B 105 22.78 5.47 -3.42
N LEU B 106 23.35 4.52 -2.67
CA LEU B 106 24.60 3.87 -3.01
C LEU B 106 24.33 2.36 -3.07
N VAL B 107 24.81 1.72 -4.12
CA VAL B 107 24.76 0.26 -4.15
C VAL B 107 26.18 -0.23 -4.51
N LEU B 108 26.59 -1.36 -3.96
CA LEU B 108 27.88 -1.92 -4.27
C LEU B 108 27.79 -2.71 -5.57
N GLY B 109 28.87 -2.62 -6.35
CA GLY B 109 28.89 -3.18 -7.70
C GLY B 109 28.85 -4.70 -7.79
N ASP B 110 29.13 -5.38 -6.71
CA ASP B 110 29.11 -6.84 -6.70
C ASP B 110 27.95 -7.42 -5.90
N ASN B 111 26.97 -6.60 -5.59
CA ASN B 111 25.78 -7.03 -4.81
C ASN B 111 24.62 -7.36 -5.71
N LEU B 112 24.07 -8.56 -5.54
CA LEU B 112 22.99 -9.07 -6.36
C LEU B 112 21.77 -9.34 -5.46
N TYR B 113 20.67 -8.62 -5.71
CA TYR B 113 19.44 -8.77 -4.94
C TYR B 113 18.38 -9.38 -5.85
N TYR B 114 17.54 -10.23 -5.30
CA TYR B 114 16.42 -10.77 -6.07
C TYR B 114 15.29 -11.26 -5.18
N GLY B 115 14.07 -10.91 -5.54
CA GLY B 115 12.92 -11.54 -4.92
C GLY B 115 11.63 -10.82 -5.14
N HIS B 116 10.60 -11.51 -4.71
CA HIS B 116 9.23 -11.02 -4.87
C HIS B 116 8.98 -9.76 -4.06
N ASP B 117 8.34 -8.78 -4.70
CA ASP B 117 7.99 -7.50 -4.07
C ASP B 117 9.21 -6.62 -3.82
N PHE B 118 10.34 -6.96 -4.42
CA PHE B 118 11.55 -6.14 -4.29
C PHE B 118 11.28 -4.67 -4.71
N HIS B 119 10.44 -4.45 -5.72
CA HIS B 119 10.13 -3.10 -6.16
C HIS B 119 9.48 -2.30 -5.05
N GLU B 120 8.66 -2.93 -4.23
CA GLU B 120 7.97 -2.29 -3.10
C GLU B 120 8.97 -1.93 -1.98
N LEU B 121 9.87 -2.88 -1.67
CA LEU B 121 10.93 -2.71 -0.66
C LEU B 121 11.80 -1.52 -1.11
N LEU B 122 12.20 -1.48 -2.36
CA LEU B 122 12.95 -0.32 -2.88
C LEU B 122 12.18 0.98 -2.89
N GLY B 123 10.94 0.92 -3.36
CA GLY B 123 10.19 2.14 -3.53
C GLY B 123 9.88 2.81 -2.22
N SER B 124 9.64 1.99 -1.19
N SER B 124 9.62 1.98 -1.20
CA SER B 124 9.38 2.54 0.14
CA SER B 124 9.39 2.52 0.15
C SER B 124 10.60 3.29 0.65
C SER B 124 10.60 3.29 0.65
N ALA B 125 11.80 2.70 0.48
CA ALA B 125 13.03 3.35 0.94
C ALA B 125 13.29 4.61 0.08
N SER B 126 13.10 4.51 -1.24
CA SER B 126 13.54 5.55 -2.13
C SER B 126 12.62 6.72 -2.05
N GLN B 127 11.35 6.48 -1.72
CA GLN B 127 10.37 7.56 -1.62
C GLN B 127 10.38 8.30 -0.31
N ARG B 128 11.14 7.81 0.67
CA ARG B 128 11.32 8.54 1.90
C ARG B 128 12.12 9.82 1.54
N GLN B 129 11.94 10.85 2.31
CA GLN B 129 12.65 12.05 2.00
C GLN B 129 13.47 12.56 3.13
N THR B 130 13.78 11.73 4.08
CA THR B 130 14.52 12.06 5.26
C THR B 130 15.25 10.88 5.84
N GLY B 131 16.36 11.17 6.50
CA GLY B 131 17.13 10.19 7.17
C GLY B 131 17.91 9.31 6.20
N ALA B 132 18.26 8.12 6.69
CA ALA B 132 18.91 7.10 5.93
C ALA B 132 18.09 5.82 6.05
N SER B 133 18.18 4.99 5.02
CA SER B 133 17.57 3.66 5.06
C SER B 133 18.61 2.59 4.62
N VAL B 134 18.67 1.55 5.41
CA VAL B 134 19.50 0.40 5.12
C VAL B 134 18.67 -0.86 5.38
N PHE B 135 19.19 -1.97 4.91
CA PHE B 135 18.53 -3.25 4.99
C PHE B 135 19.40 -4.30 5.75
N ALA B 136 18.74 -5.02 6.64
CA ALA B 136 19.33 -6.08 7.45
C ALA B 136 18.87 -7.44 6.89
N TYR B 137 19.84 -8.32 6.65
CA TYR B 137 19.59 -9.66 6.11
C TYR B 137 20.33 -10.71 6.91
N HIS B 138 19.60 -11.75 7.27
CA HIS B 138 20.22 -12.85 7.98
C HIS B 138 21.24 -13.62 7.14
N VAL B 139 22.46 -13.70 7.65
CA VAL B 139 23.55 -14.44 7.00
C VAL B 139 24.25 -15.44 7.91
N LEU B 140 24.89 -16.38 7.29
CA LEU B 140 25.73 -17.34 8.05
C LEU B 140 27.01 -16.71 8.57
N ASP B 141 27.55 -15.75 7.84
CA ASP B 141 28.88 -15.18 8.19
C ASP B 141 28.83 -13.65 8.32
N PRO B 142 28.21 -13.16 9.38
CA PRO B 142 28.05 -11.71 9.54
C PRO B 142 29.37 -10.94 9.71
N GLU B 143 30.41 -11.64 10.14
CA GLU B 143 31.73 -11.06 10.44
C GLU B 143 32.37 -10.42 9.18
N ARG B 144 31.84 -10.75 8.01
CA ARG B 144 32.32 -10.17 6.78
C ARG B 144 31.70 -8.82 6.42
N TYR B 145 30.72 -8.38 7.19
CA TYR B 145 29.91 -7.22 6.87
C TYR B 145 29.74 -6.27 8.05
N GLY B 146 29.05 -5.17 7.77
CA GLY B 146 28.56 -4.36 8.87
C GLY B 146 27.41 -5.16 9.49
N VAL B 147 27.36 -5.14 10.81
CA VAL B 147 26.38 -5.95 11.56
C VAL B 147 25.50 -5.07 12.44
N VAL B 148 24.21 -5.35 12.43
CA VAL B 148 23.27 -4.56 13.21
C VAL B 148 22.67 -5.42 14.29
N GLU B 149 22.68 -4.82 15.46
CA GLU B 149 22.14 -5.43 16.66
C GLU B 149 20.82 -4.79 16.98
N PHE B 150 19.84 -5.63 17.33
CA PHE B 150 18.54 -5.15 17.71
C PHE B 150 18.27 -5.43 19.17
N ASP B 151 17.42 -4.59 19.74
CA ASP B 151 16.91 -4.88 21.09
C ASP B 151 15.75 -5.87 21.01
N GLN B 152 15.25 -6.28 22.17
CA GLN B 152 14.10 -7.20 22.24
C GLN B 152 12.87 -6.74 21.53
N GLY B 153 12.71 -5.46 21.30
CA GLY B 153 11.58 -4.97 20.52
C GLY B 153 11.81 -4.78 19.05
N GLY B 154 12.97 -5.23 18.56
CA GLY B 154 13.31 -5.14 17.15
C GLY B 154 13.86 -3.81 16.69
N LYS B 155 14.24 -2.96 17.63
CA LYS B 155 14.83 -1.69 17.29
C LYS B 155 16.37 -1.78 17.20
N ALA B 156 16.94 -1.29 16.10
CA ALA B 156 18.39 -1.23 15.97
C ALA B 156 19.04 -0.40 17.04
N ILE B 157 20.03 -0.99 17.68
CA ILE B 157 20.74 -0.35 18.74
C ILE B 157 22.21 -0.16 18.52
N SER B 158 22.84 -0.99 17.69
CA SER B 158 24.26 -0.78 17.41
C SER B 158 24.63 -1.29 16.06
N LEU B 159 25.72 -0.71 15.54
CA LEU B 159 26.34 -1.10 14.29
C LEU B 159 27.82 -1.35 14.52
N GLU B 160 28.33 -2.44 13.97
CA GLU B 160 29.76 -2.73 14.04
C GLU B 160 30.21 -3.19 12.66
N GLU B 161 31.40 -2.76 12.28
CA GLU B 161 31.99 -3.12 11.02
C GLU B 161 32.93 -4.35 11.18
N LYS B 162 32.56 -5.42 10.49
CA LYS B 162 33.31 -6.69 10.45
C LYS B 162 33.81 -7.13 11.81
N PRO B 163 32.88 -7.25 12.73
CA PRO B 163 33.23 -7.69 14.07
C PRO B 163 33.68 -9.14 14.12
N LEU B 164 34.74 -9.42 14.85
CA LEU B 164 35.18 -10.78 15.06
C LEU B 164 34.14 -11.63 15.78
N GLU B 165 33.37 -11.00 16.66
CA GLU B 165 32.29 -11.62 17.47
C GLU B 165 31.02 -10.85 17.25
N PRO B 166 30.36 -11.17 16.17
CA PRO B 166 29.13 -10.48 15.82
C PRO B 166 28.06 -10.50 16.89
N LYS B 167 27.40 -9.36 17.05
CA LYS B 167 26.32 -9.27 18.04
C LYS B 167 24.98 -9.85 17.55
N SER B 168 24.90 -10.12 16.27
CA SER B 168 23.78 -10.78 15.69
C SER B 168 24.21 -11.42 14.38
N ASN B 169 23.28 -12.09 13.73
CA ASN B 169 23.52 -12.62 12.38
C ASN B 169 22.90 -11.77 11.29
N TYR B 170 22.58 -10.53 11.61
CA TYR B 170 21.99 -9.61 10.63
C TYR B 170 23.03 -8.65 10.05
N ALA B 171 23.37 -8.86 8.80
CA ALA B 171 24.29 -7.98 8.12
C ALA B 171 23.52 -6.82 7.50
N VAL B 172 24.18 -5.68 7.42
CA VAL B 172 23.68 -4.57 6.64
C VAL B 172 24.07 -4.82 5.17
N THR B 173 23.12 -4.82 4.25
CA THR B 173 23.44 -5.19 2.88
C THR B 173 24.10 -3.97 2.19
N GLY B 174 24.62 -4.16 0.99
CA GLY B 174 25.30 -3.12 0.25
C GLY B 174 24.40 -2.23 -0.57
N LEU B 175 23.35 -1.74 0.04
CA LEU B 175 22.34 -0.84 -0.57
C LEU B 175 21.93 0.16 0.48
N TYR B 176 22.14 1.45 0.20
CA TYR B 176 21.97 2.50 1.19
C TYR B 176 21.26 3.67 0.55
N PHE B 177 20.28 4.21 1.27
CA PHE B 177 19.52 5.38 0.85
C PHE B 177 19.78 6.52 1.83
N TYR B 178 20.02 7.73 1.31
CA TYR B 178 20.39 8.91 2.14
C TYR B 178 19.68 10.17 1.78
N ASP B 179 19.44 11.02 2.80
CA ASP B 179 18.91 12.33 2.57
C ASP B 179 20.10 13.29 2.30
N GLN B 180 19.93 14.59 2.45
CA GLN B 180 20.98 15.52 2.12
C GLN B 180 21.99 15.70 3.24
N GLN B 181 21.93 14.92 4.29
CA GLN B 181 22.90 15.02 5.34
C GLN B 181 24.17 14.22 5.09
N VAL B 182 24.12 13.29 4.16
CA VAL B 182 25.20 12.34 4.04
C VAL B 182 26.57 12.89 3.63
N VAL B 183 26.57 13.80 2.65
CA VAL B 183 27.85 14.36 2.20
C VAL B 183 28.59 14.98 3.35
N ASP B 184 27.91 15.81 4.13
CA ASP B 184 28.57 16.49 5.28
C ASP B 184 28.99 15.55 6.37
N ILE B 185 28.24 14.46 6.54
CA ILE B 185 28.65 13.41 7.44
C ILE B 185 29.95 12.74 6.97
N ALA B 186 29.99 12.43 5.67
CA ALA B 186 31.15 11.72 5.14
C ALA B 186 32.39 12.65 5.21
N ARG B 187 32.18 13.92 4.95
CA ARG B 187 33.28 14.94 4.99
C ARG B 187 33.91 15.02 6.39
N ASP B 188 33.16 14.72 7.42
CA ASP B 188 33.66 14.80 8.77
C ASP B 188 34.28 13.52 9.25
N LEU B 189 34.14 12.45 8.49
CA LEU B 189 34.70 11.20 8.93
C LEU B 189 36.20 11.18 8.85
N LYS B 190 36.76 10.38 9.75
CA LYS B 190 38.17 10.11 9.76
C LYS B 190 38.29 8.61 9.57
N PRO B 191 39.42 8.13 9.06
CA PRO B 191 39.63 6.70 8.84
C PRO B 191 39.52 5.86 10.09
N SER B 192 39.00 4.65 9.91
CA SER B 192 38.77 3.66 10.99
C SER B 192 40.05 2.92 11.36
N PRO B 193 39.97 1.90 12.24
CA PRO B 193 41.12 1.03 12.50
C PRO B 193 41.51 0.19 11.29
N ARG B 194 40.56 -0.17 10.45
CA ARG B 194 40.91 -0.91 9.25
C ARG B 194 41.59 0.02 8.23
N GLY B 195 41.69 1.31 8.55
CA GLY B 195 42.19 2.33 7.62
C GLY B 195 41.25 2.78 6.47
N GLU B 196 39.95 2.76 6.74
CA GLU B 196 38.94 3.03 5.73
C GLU B 196 37.98 4.09 6.21
N LEU B 197 37.38 4.81 5.27
CA LEU B 197 36.32 5.78 5.58
C LEU B 197 35.06 4.92 5.47
N GLU B 198 34.48 4.62 6.62
CA GLU B 198 33.49 3.57 6.68
C GLU B 198 32.06 4.02 6.50
N ILE B 199 31.32 3.28 5.68
CA ILE B 199 29.87 3.54 5.56
C ILE B 199 29.20 3.21 6.89
N THR B 200 29.74 2.26 7.65
CA THR B 200 29.15 1.95 8.91
C THR B 200 29.16 3.17 9.81
N ASP B 201 30.23 3.97 9.75
CA ASP B 201 30.34 5.17 10.56
C ASP B 201 29.32 6.19 10.09
N VAL B 202 29.09 6.28 8.77
CA VAL B 202 28.00 7.17 8.30
C VAL B 202 26.66 6.71 8.87
N ASN B 203 26.39 5.43 8.76
CA ASN B 203 25.12 4.89 9.26
C ASN B 203 24.94 5.10 10.78
N ARG B 204 26.05 5.00 11.52
CA ARG B 204 25.99 5.20 12.99
C ARG B 204 25.66 6.64 13.28
N ALA B 205 26.16 7.55 12.46
CA ALA B 205 25.84 8.97 12.63
C ALA B 205 24.34 9.18 12.56
N TYR B 206 23.70 8.59 11.55
CA TYR B 206 22.25 8.65 11.46
C TYR B 206 21.57 7.98 12.66
N LEU B 207 22.08 6.81 13.08
CA LEU B 207 21.47 6.09 14.20
C LEU B 207 21.45 6.92 15.49
N GLU B 208 22.56 7.59 15.71
CA GLU B 208 22.72 8.39 16.93
C GLU B 208 21.72 9.57 17.02
N ARG B 209 21.28 10.03 15.86
N ARG B 209 21.26 10.02 15.86
CA ARG B 209 20.30 11.10 15.75
CA ARG B 209 20.29 11.10 15.77
C ARG B 209 18.88 10.56 15.62
C ARG B 209 18.87 10.56 15.62
N GLY B 210 18.72 9.24 15.69
CA GLY B 210 17.44 8.60 15.56
C GLY B 210 16.88 8.71 14.16
N GLN B 211 17.76 8.78 13.16
CA GLN B 211 17.38 9.02 11.76
C GLN B 211 17.79 7.89 10.83
N LEU B 212 18.11 6.73 11.38
CA LEU B 212 18.45 5.54 10.59
C LEU B 212 17.26 4.56 10.61
N SER B 213 16.73 4.28 9.42
CA SER B 213 15.72 3.32 9.26
C SER B 213 16.38 2.00 8.80
N VAL B 214 16.20 0.97 9.60
CA VAL B 214 16.74 -0.35 9.33
C VAL B 214 15.53 -1.27 9.04
N GLU B 215 15.43 -1.63 7.78
CA GLU B 215 14.34 -2.46 7.33
C GLU B 215 14.87 -3.89 7.17
N ILE B 216 14.10 -4.85 7.65
CA ILE B 216 14.46 -6.24 7.45
C ILE B 216 14.25 -6.60 5.97
N MET B 217 15.22 -7.28 5.40
CA MET B 217 15.10 -7.91 4.08
C MET B 217 14.95 -9.41 4.39
N GLY B 218 13.72 -9.90 4.25
CA GLY B 218 13.43 -11.23 4.67
C GLY B 218 14.14 -12.34 3.91
N ARG B 219 14.05 -13.51 4.51
CA ARG B 219 14.68 -14.69 4.01
C ARG B 219 14.19 -15.14 2.66
N GLY B 220 13.04 -14.63 2.26
CA GLY B 220 12.54 -14.96 0.90
C GLY B 220 13.28 -14.27 -0.21
N TYR B 221 14.01 -13.21 0.12
CA TYR B 221 14.84 -12.57 -0.89
C TYR B 221 16.19 -13.23 -0.94
N ALA B 222 16.83 -13.18 -2.09
CA ALA B 222 18.23 -13.53 -2.21
C ALA B 222 19.06 -12.24 -2.25
N TRP B 223 20.02 -12.14 -1.34
CA TRP B 223 21.04 -11.15 -1.38
C TRP B 223 22.34 -11.92 -1.45
N LEU B 224 22.97 -11.85 -2.60
CA LEU B 224 24.24 -12.48 -2.86
C LEU B 224 25.35 -11.44 -3.18
N ASP B 225 26.57 -11.85 -2.85
CA ASP B 225 27.78 -11.07 -3.00
C ASP B 225 28.70 -11.90 -3.90
N THR B 226 29.07 -11.40 -5.03
CA THR B 226 29.92 -12.20 -5.89
C THR B 226 31.43 -12.06 -5.68
N GLY B 227 31.80 -11.75 -4.46
CA GLY B 227 33.20 -11.46 -4.15
C GLY B 227 34.18 -12.58 -3.97
N THR B 228 33.78 -13.83 -4.17
CA THR B 228 34.71 -14.91 -4.14
C THR B 228 34.44 -15.82 -5.35
N HIS B 229 35.40 -16.73 -5.60
CA HIS B 229 35.21 -17.65 -6.75
C HIS B 229 34.00 -18.53 -6.56
N ASP B 230 33.86 -19.12 -5.38
CA ASP B 230 32.71 -19.94 -5.07
C ASP B 230 31.41 -19.17 -5.14
N SER B 231 31.37 -17.94 -4.61
CA SER B 231 30.13 -17.21 -4.58
C SER B 231 29.67 -16.76 -5.97
N LEU B 232 30.63 -16.42 -6.88
CA LEU B 232 30.30 -16.03 -8.20
C LEU B 232 29.69 -17.27 -8.87
N LEU B 233 30.25 -18.45 -8.64
CA LEU B 233 29.68 -19.63 -9.29
C LEU B 233 28.26 -19.89 -8.82
N GLU B 234 28.06 -19.83 -7.50
CA GLU B 234 26.73 -20.09 -6.93
C GLU B 234 25.72 -19.08 -7.44
N ALA B 235 26.15 -17.84 -7.53
CA ALA B 235 25.27 -16.78 -8.05
C ALA B 235 24.89 -17.03 -9.50
N GLY B 236 25.87 -17.44 -10.29
CA GLY B 236 25.56 -17.82 -11.64
C GLY B 236 24.54 -18.91 -11.78
N GLN B 237 24.73 -19.96 -11.01
N GLN B 237 24.72 -19.95 -10.98
CA GLN B 237 23.79 -21.10 -10.99
CA GLN B 237 23.84 -21.11 -10.94
C GLN B 237 22.40 -20.69 -10.54
C GLN B 237 22.41 -20.70 -10.52
N PHE B 238 22.33 -19.76 -9.58
CA PHE B 238 21.04 -19.29 -9.07
C PHE B 238 20.29 -18.59 -10.21
N ILE B 239 20.96 -17.65 -10.86
CA ILE B 239 20.34 -16.95 -11.98
C ILE B 239 19.94 -17.91 -13.11
N ALA B 240 20.81 -18.85 -13.44
CA ALA B 240 20.57 -19.77 -14.55
C ALA B 240 19.32 -20.59 -14.23
N THR B 241 19.20 -21.06 -13.00
CA THR B 241 18.02 -21.85 -12.60
C THR B 241 16.71 -21.11 -12.76
N LEU B 242 16.69 -19.87 -12.28
CA LEU B 242 15.51 -19.06 -12.42
C LEU B 242 15.22 -18.75 -13.89
N GLU B 243 16.26 -18.34 -14.64
CA GLU B 243 16.01 -17.94 -16.04
C GLU B 243 15.49 -19.09 -16.90
N ASN B 244 16.08 -20.25 -16.73
CA ASN B 244 15.76 -21.41 -17.53
C ASN B 244 14.39 -21.94 -17.18
N ARG B 245 14.03 -21.80 -15.91
CA ARG B 245 12.71 -22.26 -15.45
C ARG B 245 11.66 -21.32 -16.00
N GLN B 246 11.93 -20.02 -15.96
CA GLN B 246 10.90 -19.00 -16.19
C GLN B 246 10.75 -18.57 -17.61
N GLY B 247 11.83 -18.63 -18.39
CA GLY B 247 11.79 -18.04 -19.70
C GLY B 247 11.78 -16.52 -19.58
N LEU B 248 12.25 -16.00 -18.46
CA LEU B 248 12.44 -14.57 -18.22
C LEU B 248 13.89 -14.37 -17.81
N LYS B 249 14.40 -13.16 -17.94
CA LYS B 249 15.76 -12.85 -17.57
C LYS B 249 15.78 -11.86 -16.40
N VAL B 250 16.73 -12.04 -15.48
CA VAL B 250 16.91 -11.20 -14.32
C VAL B 250 17.81 -10.05 -14.67
N ALA B 251 17.39 -8.86 -14.32
CA ALA B 251 18.27 -7.66 -14.38
C ALA B 251 18.74 -7.31 -15.77
N CYS B 252 17.81 -7.37 -16.74
N CYS B 252 17.81 -7.39 -16.72
CA CYS B 252 18.04 -6.85 -18.09
CA CYS B 252 18.04 -6.93 -18.08
C CYS B 252 17.66 -5.40 -18.07
C CYS B 252 17.66 -5.42 -18.10
N PRO B 253 18.65 -4.53 -18.19
CA PRO B 253 18.34 -3.10 -18.14
C PRO B 253 17.42 -2.63 -19.24
N GLU B 254 17.47 -3.26 -20.40
CA GLU B 254 16.60 -2.85 -21.48
C GLU B 254 15.14 -3.12 -21.11
N GLU B 255 14.88 -4.28 -20.48
CA GLU B 255 13.54 -4.63 -20.09
C GLU B 255 13.05 -3.65 -19.03
N ILE B 256 13.84 -3.41 -17.99
CA ILE B 256 13.39 -2.53 -16.91
C ILE B 256 13.13 -1.12 -17.43
N ALA B 257 14.04 -0.64 -18.29
CA ALA B 257 13.83 0.68 -18.92
C ALA B 257 12.50 0.74 -19.65
N TYR B 258 12.18 -0.30 -20.40
CA TYR B 258 10.97 -0.31 -21.18
C TYR B 258 9.72 -0.38 -20.28
N ARG B 259 9.82 -1.20 -19.24
CA ARG B 259 8.71 -1.34 -18.33
C ARG B 259 8.47 -0.05 -17.56
N GLN B 260 9.51 0.74 -17.32
CA GLN B 260 9.35 1.97 -16.56
C GLN B 260 9.01 3.13 -17.50
N LYS B 261 8.92 2.85 -18.80
CA LYS B 261 8.60 3.84 -19.84
C LYS B 261 9.72 4.81 -20.07
N TRP B 262 10.93 4.44 -19.67
CA TRP B 262 12.08 5.28 -19.93
C TRP B 262 12.55 5.21 -21.41
N ILE B 263 12.20 4.12 -22.07
CA ILE B 263 12.41 3.95 -23.49
C ILE B 263 11.07 3.41 -24.04
N ASP B 264 10.80 3.65 -25.31
CA ASP B 264 9.62 3.12 -25.93
C ASP B 264 9.88 1.83 -26.75
N ALA B 265 8.79 1.29 -27.30
CA ALA B 265 8.81 0.08 -28.10
C ALA B 265 9.77 0.14 -29.27
N ALA B 266 9.79 1.24 -29.97
CA ALA B 266 10.68 1.38 -31.13
C ALA B 266 12.16 1.32 -30.70
N GLN B 267 12.42 1.95 -29.56
CA GLN B 267 13.76 2.02 -28.96
C GLN B 267 14.20 0.65 -28.55
N LEU B 268 13.32 -0.08 -27.88
CA LEU B 268 13.62 -1.44 -27.51
C LEU B 268 13.90 -2.30 -28.70
N GLU B 269 13.08 -2.19 -29.72
CA GLU B 269 13.32 -2.95 -30.93
C GLU B 269 14.74 -2.71 -31.50
N LYS B 270 15.18 -1.45 -31.56
CA LYS B 270 16.53 -1.13 -31.99
C LYS B 270 17.61 -1.74 -31.09
N LEU B 271 17.37 -1.79 -29.80
CA LEU B 271 18.35 -2.37 -28.89
C LEU B 271 18.47 -3.86 -29.14
N ALA B 272 17.34 -4.50 -29.45
CA ALA B 272 17.33 -5.94 -29.69
C ALA B 272 18.08 -6.37 -30.92
N ALA B 273 18.02 -5.54 -31.96
CA ALA B 273 18.60 -5.89 -33.25
C ALA B 273 20.01 -6.49 -33.21
N PRO B 274 20.99 -5.77 -32.67
CA PRO B 274 22.34 -6.32 -32.63
C PRO B 274 22.54 -7.57 -31.74
N LEU B 275 21.59 -7.90 -30.90
CA LEU B 275 21.67 -9.06 -30.02
C LEU B 275 20.75 -10.16 -30.56
N ALA B 276 20.20 -9.93 -31.74
CA ALA B 276 19.17 -10.81 -32.28
C ALA B 276 19.61 -12.26 -32.55
N LYS B 277 20.91 -12.44 -32.80
CA LYS B 277 21.44 -13.75 -33.15
C LYS B 277 21.70 -14.57 -31.89
N ASN B 278 21.21 -14.06 -30.76
CA ASN B 278 21.34 -14.81 -29.52
C ASN B 278 20.08 -14.67 -28.75
N GLY B 279 20.03 -15.41 -27.68
CA GLY B 279 18.86 -15.51 -26.87
C GLY B 279 18.53 -14.22 -26.13
N TYR B 280 19.54 -13.41 -25.81
CA TYR B 280 19.27 -12.17 -25.08
C TYR B 280 18.52 -11.23 -26.01
N GLY B 281 18.94 -11.14 -27.27
CA GLY B 281 18.24 -10.30 -28.22
C GLY B 281 16.85 -10.79 -28.56
N GLN B 282 16.72 -12.09 -28.70
CA GLN B 282 15.45 -12.69 -29.02
C GLN B 282 14.52 -12.39 -27.86
N TYR B 283 15.06 -12.43 -26.65
CA TYR B 283 14.27 -12.17 -25.46
C TYR B 283 13.77 -10.74 -25.51
N LEU B 284 14.61 -9.77 -25.81
CA LEU B 284 14.16 -8.39 -25.82
C LEU B 284 13.04 -8.26 -26.82
N LYS B 285 13.17 -8.93 -27.96
CA LYS B 285 12.11 -8.84 -28.97
C LYS B 285 10.77 -9.39 -28.50
N ARG B 286 10.85 -10.52 -27.82
CA ARG B 286 9.68 -11.16 -27.30
C ARG B 286 8.92 -10.26 -26.35
N LEU B 287 9.63 -9.42 -25.61
CA LEU B 287 8.96 -8.55 -24.67
C LEU B 287 8.03 -7.51 -25.32
N LEU B 288 8.20 -7.22 -26.60
CA LEU B 288 7.34 -6.27 -27.31
C LEU B 288 5.93 -6.76 -27.54
N THR B 289 5.73 -8.07 -27.50
CA THR B 289 4.43 -8.59 -27.77
C THR B 289 3.82 -9.43 -26.64
N GLU B 290 4.61 -9.82 -25.67
CA GLU B 290 4.10 -10.62 -24.58
C GLU B 290 3.80 -9.78 -23.35
N THR B 291 2.66 -10.01 -22.70
CA THR B 291 2.42 -9.36 -21.45
C THR B 291 3.03 -10.19 -20.31
N VAL B 292 3.88 -9.58 -19.52
CA VAL B 292 4.48 -10.27 -18.34
C VAL B 292 4.02 -9.55 -17.06
N TYR B 293 3.38 -10.25 -16.16
CA TYR B 293 2.86 -9.66 -14.93
C TYR B 293 3.89 -9.66 -13.78
N LYS C 2 40.97 -66.71 -8.92
CA LYS C 2 39.63 -66.05 -8.87
C LYS C 2 39.61 -64.98 -7.77
N ARG C 3 39.21 -63.75 -8.11
CA ARG C 3 38.96 -62.73 -7.10
C ARG C 3 37.49 -62.41 -6.95
N LYS C 4 37.05 -62.46 -5.70
CA LYS C 4 35.69 -62.16 -5.35
C LYS C 4 35.60 -60.74 -4.79
N GLY C 5 34.47 -60.11 -5.03
CA GLY C 5 34.30 -58.73 -4.64
C GLY C 5 33.34 -58.57 -3.48
N ILE C 6 33.51 -57.48 -2.73
CA ILE C 6 32.62 -57.10 -1.63
C ILE C 6 32.31 -55.61 -1.72
N ILE C 7 31.04 -55.25 -1.65
CA ILE C 7 30.62 -53.85 -1.55
C ILE C 7 30.08 -53.66 -0.15
N LEU C 8 30.77 -52.83 0.64
CA LEU C 8 30.31 -52.53 2.02
C LEU C 8 29.45 -51.29 1.93
N ALA C 9 28.15 -51.49 2.05
CA ALA C 9 27.19 -50.44 1.83
C ALA C 9 26.26 -50.28 3.04
N GLY C 10 26.81 -50.24 4.23
CA GLY C 10 25.97 -50.04 5.41
C GLY C 10 26.25 -48.65 5.92
N GLY C 11 26.45 -48.53 7.24
CA GLY C 11 26.98 -47.28 7.81
C GLY C 11 25.98 -46.52 8.61
N SER C 12 26.48 -45.80 9.63
CA SER C 12 25.71 -45.05 10.66
C SER C 12 24.38 -44.40 10.36
N GLY C 13 24.41 -43.49 9.38
CA GLY C 13 23.23 -42.75 8.97
C GLY C 13 23.04 -41.33 9.50
N THR C 14 23.24 -41.18 10.81
CA THR C 14 22.93 -39.95 11.58
C THR C 14 23.37 -38.58 11.01
N ARG C 15 24.54 -38.49 10.39
CA ARG C 15 25.06 -37.21 9.90
C ARG C 15 24.16 -36.55 8.87
N LEU C 16 23.58 -37.36 7.97
CA LEU C 16 22.74 -36.84 6.92
C LEU C 16 21.24 -36.92 7.17
N HIS C 17 20.83 -37.10 8.41
CA HIS C 17 19.42 -37.10 8.68
C HIS C 17 19.05 -35.64 8.67
N PRO C 18 17.83 -35.29 8.33
CA PRO C 18 16.73 -36.20 7.98
C PRO C 18 16.67 -36.71 6.53
N ALA C 19 17.59 -36.32 5.68
CA ALA C 19 17.63 -36.82 4.30
C ALA C 19 17.76 -38.36 4.42
N THR C 20 18.64 -38.84 5.25
CA THR C 20 18.85 -40.29 5.29
C THR C 20 17.89 -41.03 6.21
N LEU C 21 16.87 -40.33 6.71
CA LEU C 21 15.88 -40.99 7.53
C LEU C 21 15.02 -41.80 6.61
N ALA C 22 14.85 -41.34 5.40
CA ALA C 22 13.94 -42.15 4.59
C ALA C 22 14.68 -43.10 3.72
N ILE C 23 15.88 -42.68 3.30
CA ILE C 23 16.73 -43.45 2.42
C ILE C 23 18.18 -43.39 2.84
N SER C 24 18.76 -44.54 3.12
CA SER C 24 20.18 -44.60 3.43
C SER C 24 21.06 -44.05 2.31
N LYS C 25 22.19 -43.52 2.68
CA LYS C 25 23.11 -42.92 1.71
C LYS C 25 23.17 -43.73 0.39
N GLN C 26 23.63 -44.98 0.52
CA GLN C 26 23.90 -45.81 -0.68
C GLN C 26 22.74 -46.15 -1.52
N LEU C 27 21.57 -45.95 -0.97
CA LEU C 27 20.45 -46.04 -1.82
C LEU C 27 20.14 -44.67 -2.40
N LEU C 28 20.83 -43.60 -1.98
CA LEU C 28 20.59 -42.31 -2.64
C LEU C 28 21.30 -42.25 -3.96
N PRO C 29 20.55 -42.06 -4.99
CA PRO C 29 21.08 -41.97 -6.35
C PRO C 29 21.94 -40.70 -6.62
N VAL C 30 22.89 -40.89 -7.52
CA VAL C 30 23.76 -39.82 -7.93
C VAL C 30 23.35 -39.51 -9.38
N TYR C 31 22.66 -38.39 -9.52
CA TYR C 31 22.08 -37.90 -10.80
C TYR C 31 21.05 -38.91 -11.30
N ASP C 32 21.39 -39.85 -12.16
CA ASP C 32 20.41 -40.68 -12.85
C ASP C 32 20.40 -42.16 -12.55
N LYS C 33 21.09 -42.63 -11.51
CA LYS C 33 21.10 -44.04 -11.22
C LYS C 33 21.51 -44.23 -9.75
N PRO C 34 21.18 -45.39 -9.17
CA PRO C 34 21.47 -45.65 -7.76
C PRO C 34 22.96 -45.51 -7.43
N MET C 35 23.24 -44.93 -6.27
N MET C 35 23.22 -44.95 -6.27
CA MET C 35 24.62 -44.74 -5.78
CA MET C 35 24.57 -44.83 -5.73
C MET C 35 25.38 -46.08 -5.88
C MET C 35 25.37 -46.10 -5.92
N ILE C 36 24.78 -47.21 -5.50
CA ILE C 36 25.47 -48.51 -5.57
C ILE C 36 25.96 -48.94 -6.95
N TYR C 37 25.35 -48.41 -8.01
CA TYR C 37 25.79 -48.76 -9.33
C TYR C 37 27.24 -48.37 -9.56
N TYR C 38 27.64 -47.28 -8.93
CA TYR C 38 28.99 -46.76 -9.15
C TYR C 38 30.08 -47.70 -8.60
N PRO C 39 30.10 -47.98 -7.31
CA PRO C 39 31.08 -48.97 -6.84
C PRO C 39 30.85 -50.34 -7.44
N LEU C 40 29.60 -50.73 -7.77
CA LEU C 40 29.43 -52.02 -8.46
C LEU C 40 30.15 -52.04 -9.80
N SER C 41 29.96 -50.99 -10.58
N SER C 41 29.97 -50.97 -10.57
CA SER C 41 30.62 -50.88 -11.88
CA SER C 41 30.63 -50.83 -11.87
C SER C 41 32.16 -50.91 -11.71
C SER C 41 32.17 -50.90 -11.71
N THR C 42 32.68 -50.36 -10.60
CA THR C 42 34.11 -50.42 -10.35
C THR C 42 34.59 -51.88 -10.21
N LEU C 43 33.88 -52.69 -9.43
CA LEU C 43 34.23 -54.12 -9.33
C LEU C 43 34.11 -54.80 -10.72
N MET C 44 33.08 -54.47 -11.48
CA MET C 44 32.87 -55.09 -12.79
C MET C 44 34.04 -54.75 -13.73
N LEU C 45 34.46 -53.48 -13.68
CA LEU C 45 35.53 -53.01 -14.53
C LEU C 45 36.85 -53.66 -14.17
N ALA C 46 36.96 -54.13 -12.94
CA ALA C 46 38.11 -54.88 -12.45
C ALA C 46 38.02 -56.39 -12.80
N GLY C 47 36.95 -56.78 -13.47
CA GLY C 47 36.78 -58.14 -13.94
C GLY C 47 36.13 -59.03 -12.93
N ILE C 48 35.52 -58.45 -11.89
CA ILE C 48 34.92 -59.22 -10.82
C ILE C 48 33.43 -59.44 -11.09
N ARG C 49 33.00 -60.69 -11.06
CA ARG C 49 31.60 -61.03 -11.32
C ARG C 49 30.84 -61.59 -10.13
N GLU C 50 31.58 -62.10 -9.14
CA GLU C 50 30.92 -62.69 -7.95
C GLU C 50 31.13 -61.71 -6.81
N ILE C 51 30.04 -61.13 -6.34
CA ILE C 51 30.11 -60.00 -5.47
C ILE C 51 29.16 -60.15 -4.30
N LEU C 52 29.67 -59.91 -3.12
CA LEU C 52 28.89 -59.88 -1.88
C LEU C 52 28.54 -58.40 -1.51
N ILE C 53 27.27 -58.13 -1.32
CA ILE C 53 26.80 -56.81 -0.95
C ILE C 53 26.41 -56.91 0.53
N ILE C 54 27.10 -56.13 1.35
CA ILE C 54 26.86 -56.11 2.75
C ILE C 54 26.16 -54.85 3.10
N SER C 55 25.02 -54.93 3.78
CA SER C 55 24.39 -53.72 4.22
C SER C 55 23.76 -53.82 5.61
N THR C 56 22.99 -52.83 6.00
CA THR C 56 22.34 -52.88 7.30
C THR C 56 21.25 -53.95 7.23
N PRO C 57 20.73 -54.39 8.36
CA PRO C 57 19.62 -55.36 8.30
C PRO C 57 18.45 -54.87 7.52
N GLN C 58 18.16 -53.58 7.66
CA GLN C 58 17.04 -53.01 6.93
C GLN C 58 17.25 -52.79 5.43
N ASP C 59 18.47 -52.44 5.03
CA ASP C 59 18.75 -52.15 3.65
C ASP C 59 19.08 -53.39 2.83
N THR C 60 19.48 -54.47 3.50
CA THR C 60 19.96 -55.61 2.72
C THR C 60 18.93 -56.16 1.75
N PRO C 61 17.70 -56.33 2.19
CA PRO C 61 16.57 -56.67 1.31
C PRO C 61 16.19 -55.63 0.26
N ARG C 62 16.49 -54.37 0.54
CA ARG C 62 16.28 -53.29 -0.42
C ARG C 62 17.22 -53.45 -1.58
N PHE C 63 18.47 -53.75 -1.23
CA PHE C 63 19.45 -54.05 -2.23
C PHE C 63 19.06 -55.27 -3.03
N GLN C 64 18.56 -56.28 -2.35
CA GLN C 64 18.06 -57.47 -3.09
C GLN C 64 16.97 -57.13 -4.12
N GLN C 65 16.04 -56.27 -3.77
CA GLN C 65 14.96 -55.90 -4.68
C GLN C 65 15.54 -55.13 -5.83
N LEU C 66 16.51 -54.31 -5.53
CA LEU C 66 17.12 -53.49 -6.57
C LEU C 66 17.92 -54.29 -7.58
N LEU C 67 18.79 -55.17 -7.08
CA LEU C 67 19.79 -55.85 -7.90
C LEU C 67 19.55 -57.33 -8.15
N GLY C 68 18.74 -57.98 -7.32
CA GLY C 68 18.51 -59.42 -7.45
C GLY C 68 19.76 -60.26 -7.35
N ASP C 69 19.76 -61.41 -8.01
CA ASP C 69 20.88 -62.33 -7.94
C ASP C 69 21.96 -61.97 -8.91
N GLY C 70 21.75 -60.92 -9.70
CA GLY C 70 22.76 -60.48 -10.66
C GLY C 70 22.80 -61.19 -12.02
N SER C 71 22.04 -62.26 -12.16
CA SER C 71 22.11 -63.10 -13.35
C SER C 71 21.73 -62.25 -14.54
N ASN C 72 20.89 -61.22 -14.34
CA ASN C 72 20.47 -60.39 -15.49
C ASN C 72 21.68 -59.71 -16.15
N TRP C 73 22.71 -59.46 -15.35
CA TRP C 73 23.88 -58.71 -15.80
C TRP C 73 25.08 -59.60 -15.89
N GLY C 74 24.89 -60.90 -15.89
CA GLY C 74 26.01 -61.83 -15.91
C GLY C 74 26.87 -61.88 -14.65
N LEU C 75 26.28 -61.44 -13.54
CA LEU C 75 26.91 -61.44 -12.24
C LEU C 75 26.28 -62.48 -11.31
N ASP C 76 27.02 -62.77 -10.24
CA ASP C 76 26.57 -63.65 -9.16
C ASP C 76 26.64 -62.81 -7.89
N LEU C 77 25.50 -62.27 -7.53
CA LEU C 77 25.41 -61.39 -6.38
C LEU C 77 24.80 -62.07 -5.19
N GLN C 78 25.42 -61.83 -4.06
CA GLN C 78 25.03 -62.41 -2.78
C GLN C 78 24.93 -61.26 -1.80
N TYR C 79 24.26 -61.53 -0.68
CA TYR C 79 23.96 -60.48 0.31
C TYR C 79 24.22 -60.95 1.70
N ALA C 80 24.79 -60.07 2.54
CA ALA C 80 24.96 -60.30 3.95
C ALA C 80 24.70 -59.00 4.72
N VAL C 81 24.48 -59.15 6.01
CA VAL C 81 24.13 -58.06 6.88
C VAL C 81 25.25 -57.70 7.87
N GLN C 82 25.42 -56.41 8.08
CA GLN C 82 26.30 -55.91 9.11
C GLN C 82 25.40 -55.32 10.17
N PRO C 83 25.27 -55.99 11.31
CA PRO C 83 24.33 -55.54 12.36
C PRO C 83 24.54 -54.11 12.85
N SER C 84 25.79 -53.70 12.96
CA SER C 84 26.13 -52.38 13.50
C SER C 84 27.42 -51.94 12.76
N PRO C 85 27.56 -50.67 12.45
CA PRO C 85 28.69 -50.18 11.64
C PRO C 85 29.92 -50.12 12.46
N ASP C 86 30.40 -51.31 12.79
CA ASP C 86 31.49 -51.41 13.71
C ASP C 86 32.89 -51.52 13.12
N GLY C 87 33.01 -51.19 11.84
CA GLY C 87 34.32 -51.09 11.20
C GLY C 87 34.37 -51.69 9.81
N LEU C 88 35.15 -51.07 8.95
CA LEU C 88 35.25 -51.54 7.59
C LEU C 88 35.80 -52.95 7.57
N ALA C 89 36.73 -53.25 8.46
CA ALA C 89 37.36 -54.56 8.51
C ALA C 89 36.38 -55.72 8.80
N GLN C 90 35.25 -55.41 9.41
CA GLN C 90 34.21 -56.43 9.60
C GLN C 90 33.70 -57.13 8.34
N ALA C 91 33.88 -56.48 7.22
CA ALA C 91 33.52 -57.01 5.92
C ALA C 91 34.14 -58.37 5.72
N PHE C 92 35.37 -58.53 6.21
CA PHE C 92 36.09 -59.80 6.03
C PHE C 92 35.69 -60.88 6.99
N LEU C 93 35.02 -60.48 8.07
CA LEU C 93 34.52 -61.46 9.01
C LEU C 93 33.13 -61.87 8.49
N ILE C 94 32.29 -60.87 8.17
CA ILE C 94 30.98 -61.17 7.60
C ILE C 94 31.16 -61.95 6.30
N GLY C 95 32.15 -61.59 5.51
CA GLY C 95 32.36 -62.27 4.24
C GLY C 95 33.31 -63.44 4.22
N GLU C 96 33.70 -63.92 5.38
CA GLU C 96 34.61 -65.05 5.45
C GLU C 96 34.16 -66.25 4.63
N SER C 97 32.96 -66.71 4.85
N SER C 97 32.94 -66.72 4.84
CA SER C 97 32.50 -67.88 4.10
CA SER C 97 32.48 -67.87 4.08
C SER C 97 32.41 -67.60 2.60
C SER C 97 32.41 -67.59 2.58
N PHE C 98 31.97 -66.39 2.24
CA PHE C 98 31.84 -66.00 0.86
C PHE C 98 33.21 -66.02 0.15
N ILE C 99 34.23 -65.48 0.81
CA ILE C 99 35.60 -65.40 0.25
C ILE C 99 36.20 -66.76 0.07
N GLY C 100 36.01 -67.61 1.05
CA GLY C 100 36.60 -68.94 0.95
C GLY C 100 38.07 -68.80 0.85
N ASN C 101 38.65 -69.53 -0.08
CA ASN C 101 40.09 -69.50 -0.23
C ASN C 101 40.53 -68.64 -1.39
N ASP C 102 39.72 -67.68 -1.79
CA ASP C 102 40.04 -66.86 -2.93
C ASP C 102 40.67 -65.51 -2.59
N LEU C 103 41.17 -64.88 -3.61
CA LEU C 103 41.56 -63.48 -3.48
C LEU C 103 40.29 -62.65 -3.40
N SER C 104 40.42 -61.39 -3.01
CA SER C 104 39.28 -60.52 -2.85
C SER C 104 39.55 -59.06 -3.10
N ALA C 105 38.46 -58.31 -3.17
CA ALA C 105 38.52 -56.88 -3.29
C ALA C 105 37.31 -56.34 -2.55
N LEU C 106 37.53 -55.22 -1.92
CA LEU C 106 36.52 -54.48 -1.18
C LEU C 106 36.39 -53.07 -1.71
N VAL C 107 35.15 -52.65 -1.97
CA VAL C 107 34.86 -51.23 -2.31
C VAL C 107 33.75 -50.71 -1.41
N LEU C 108 33.85 -49.44 -1.01
CA LEU C 108 32.85 -48.81 -0.21
C LEU C 108 31.67 -48.38 -1.08
N GLY C 109 30.49 -48.60 -0.53
CA GLY C 109 29.27 -48.34 -1.25
C GLY C 109 29.00 -46.91 -1.62
N ASP C 110 29.65 -45.93 -0.99
CA ASP C 110 29.44 -44.53 -1.37
C ASP C 110 30.64 -43.91 -2.11
N ASN C 111 31.51 -44.75 -2.66
CA ASN C 111 32.71 -44.25 -3.34
C ASN C 111 32.47 -44.27 -4.86
N LEU C 112 32.79 -43.13 -5.46
CA LEU C 112 32.61 -42.92 -6.88
C LEU C 112 33.95 -42.58 -7.54
N TYR C 113 34.45 -43.50 -8.38
CA TYR C 113 35.70 -43.34 -9.10
C TYR C 113 35.37 -43.07 -10.57
N TYR C 114 36.19 -42.22 -11.22
CA TYR C 114 36.07 -42.00 -12.65
C TYR C 114 37.34 -41.48 -13.24
N GLY C 115 37.72 -42.04 -14.35
CA GLY C 115 38.85 -41.45 -15.09
C GLY C 115 39.42 -42.32 -16.19
N HIS C 116 40.20 -41.69 -17.03
CA HIS C 116 40.85 -42.35 -18.15
C HIS C 116 41.86 -43.38 -17.74
N ASP C 117 41.81 -44.53 -18.40
CA ASP C 117 42.71 -45.67 -18.14
C ASP C 117 42.41 -46.31 -16.76
N PHE C 118 41.24 -46.12 -16.19
CA PHE C 118 40.89 -46.77 -14.93
C PHE C 118 40.99 -48.28 -15.03
N HIS C 119 40.65 -48.82 -16.20
N HIS C 119 40.59 -48.83 -16.18
CA HIS C 119 40.64 -50.26 -16.34
CA HIS C 119 40.65 -50.29 -16.39
C HIS C 119 42.07 -50.80 -16.10
C HIS C 119 42.06 -50.83 -16.13
N GLU C 120 43.06 -50.07 -16.56
CA GLU C 120 44.49 -50.46 -16.39
C GLU C 120 44.96 -50.40 -14.93
N LEU C 121 44.56 -49.34 -14.25
CA LEU C 121 44.86 -49.15 -12.86
C LEU C 121 44.26 -50.30 -12.07
N LEU C 122 43.02 -50.65 -12.36
CA LEU C 122 42.36 -51.80 -11.68
C LEU C 122 43.05 -53.08 -12.07
N GLY C 123 43.38 -53.22 -13.35
CA GLY C 123 44.01 -54.41 -13.85
C GLY C 123 45.29 -54.76 -13.20
N SER C 124 46.11 -53.76 -12.93
N SER C 124 46.10 -53.76 -12.94
CA SER C 124 47.41 -54.01 -12.33
CA SER C 124 47.41 -53.98 -12.35
C SER C 124 47.29 -54.46 -10.87
C SER C 124 47.30 -54.45 -10.88
N ALA C 125 46.35 -53.90 -10.13
CA ALA C 125 46.11 -54.33 -8.76
C ALA C 125 45.54 -55.75 -8.77
N SER C 126 44.67 -55.98 -9.73
CA SER C 126 43.98 -57.25 -9.84
C SER C 126 44.95 -58.42 -10.11
N GLN C 127 46.02 -58.15 -10.85
CA GLN C 127 46.99 -59.17 -11.25
C GLN C 127 47.94 -59.59 -10.13
N ARG C 128 48.04 -58.77 -9.10
N ARG C 128 48.04 -58.77 -9.10
CA ARG C 128 48.86 -59.10 -7.93
CA ARG C 128 48.86 -59.11 -7.93
C ARG C 128 48.23 -60.20 -7.11
C ARG C 128 48.23 -60.20 -7.11
N GLN C 129 48.82 -61.39 -7.17
CA GLN C 129 48.27 -62.50 -6.42
C GLN C 129 48.74 -62.69 -5.00
N THR C 130 49.72 -61.87 -4.61
N THR C 130 49.70 -61.86 -4.61
CA THR C 130 50.25 -61.88 -3.26
CA THR C 130 50.26 -61.86 -3.28
C THR C 130 50.24 -60.45 -2.68
C THR C 130 50.23 -60.44 -2.69
N GLY C 131 49.94 -60.35 -1.42
CA GLY C 131 49.90 -59.08 -0.75
C GLY C 131 48.58 -58.37 -0.93
N ALA C 132 48.60 -57.07 -0.71
CA ALA C 132 47.44 -56.23 -0.80
C ALA C 132 47.81 -55.02 -1.69
N SER C 133 46.80 -54.41 -2.31
CA SER C 133 47.02 -53.19 -3.08
C SER C 133 45.97 -52.16 -2.67
N VAL C 134 46.39 -50.90 -2.50
CA VAL C 134 45.48 -49.83 -2.21
C VAL C 134 45.92 -48.66 -3.07
N PHE C 135 45.11 -47.60 -3.06
CA PHE C 135 45.35 -46.43 -3.89
C PHE C 135 45.39 -45.19 -3.05
N ALA C 136 46.32 -44.33 -3.42
CA ALA C 136 46.57 -43.06 -2.73
C ALA C 136 46.09 -41.89 -3.62
N TYR C 137 45.30 -40.97 -3.07
CA TYR C 137 44.80 -39.82 -3.84
C TYR C 137 44.98 -38.57 -3.03
N HIS C 138 45.54 -37.54 -3.65
CA HIS C 138 45.78 -36.26 -2.99
C HIS C 138 44.44 -35.57 -2.73
N VAL C 139 44.22 -35.18 -1.47
CA VAL C 139 42.97 -34.55 -1.01
C VAL C 139 43.27 -33.31 -0.20
N LEU C 140 42.25 -32.46 -0.12
CA LEU C 140 42.30 -31.26 0.69
C LEU C 140 42.27 -31.58 2.17
N ASP C 141 41.48 -32.56 2.53
CA ASP C 141 41.28 -32.87 3.94
C ASP C 141 41.67 -34.28 4.37
N PRO C 142 42.95 -34.55 4.39
CA PRO C 142 43.40 -35.91 4.62
C PRO C 142 43.00 -36.45 6.00
N GLU C 143 42.78 -35.55 6.94
CA GLU C 143 42.33 -35.92 8.29
C GLU C 143 40.99 -36.68 8.38
N ARG C 144 40.23 -36.68 7.30
N ARG C 144 40.23 -36.69 7.29
CA ARG C 144 38.97 -37.43 7.22
CA ARG C 144 38.97 -37.42 7.25
C ARG C 144 39.14 -38.86 6.78
C ARG C 144 39.13 -38.86 6.76
N TYR C 145 40.36 -39.24 6.39
CA TYR C 145 40.60 -40.51 5.85
C TYR C 145 41.76 -41.26 6.47
N GLY C 146 41.96 -42.49 6.03
CA GLY C 146 43.22 -43.19 6.26
C GLY C 146 44.27 -42.39 5.42
N VAL C 147 45.44 -42.12 5.97
CA VAL C 147 46.44 -41.29 5.34
C VAL C 147 47.70 -42.14 5.18
N VAL C 148 48.26 -42.06 4.00
CA VAL C 148 49.50 -42.78 3.68
C VAL C 148 50.61 -41.78 3.46
N GLU C 149 51.72 -42.02 4.14
CA GLU C 149 52.91 -41.19 4.04
C GLU C 149 53.94 -41.88 3.15
N PHE C 150 54.60 -41.10 2.31
CA PHE C 150 55.66 -41.61 1.45
C PHE C 150 57.04 -41.04 1.83
N ASP C 151 58.09 -41.82 1.63
CA ASP C 151 59.42 -41.25 1.85
C ASP C 151 59.87 -40.43 0.64
N GLN C 152 61.09 -39.93 0.68
CA GLN C 152 61.52 -39.02 -0.42
C GLN C 152 61.62 -39.73 -1.75
N GLY C 153 61.75 -41.03 -1.70
CA GLY C 153 61.77 -41.88 -2.87
C GLY C 153 60.48 -42.37 -3.42
N GLY C 154 59.39 -41.96 -2.79
CA GLY C 154 58.08 -42.41 -3.16
C GLY C 154 57.56 -43.71 -2.58
N LYS C 155 58.27 -44.25 -1.60
N LYS C 155 58.28 -44.26 -1.62
CA LYS C 155 57.91 -45.51 -0.96
CA LYS C 155 57.88 -45.51 -0.99
C LYS C 155 56.93 -45.27 0.17
C LYS C 155 56.90 -45.24 0.15
N ALA C 156 55.83 -46.02 0.23
CA ALA C 156 54.87 -45.88 1.36
C ALA C 156 55.61 -46.33 2.64
N ILE C 157 55.56 -45.52 3.70
CA ILE C 157 56.20 -45.80 4.97
C ILE C 157 55.31 -45.77 6.21
N SER C 158 54.11 -45.20 6.11
CA SER C 158 53.21 -45.24 7.26
C SER C 158 51.76 -45.03 6.86
N LEU C 159 50.88 -45.55 7.70
CA LEU C 159 49.46 -45.39 7.61
C LEU C 159 48.91 -44.94 8.94
N GLU C 160 47.99 -44.01 8.91
N GLU C 160 47.99 -44.00 8.90
CA GLU C 160 47.30 -43.53 10.10
CA GLU C 160 47.30 -43.53 10.09
C GLU C 160 45.85 -43.26 9.74
C GLU C 160 45.86 -43.24 9.74
N GLU C 161 44.94 -43.67 10.60
CA GLU C 161 43.51 -43.44 10.41
C GLU C 161 43.08 -42.13 11.03
N LYS C 162 42.55 -41.22 10.19
CA LYS C 162 41.99 -39.93 10.57
C LYS C 162 42.96 -39.21 11.53
N PRO C 163 44.21 -39.03 11.13
CA PRO C 163 45.16 -38.41 12.02
C PRO C 163 44.86 -36.97 12.27
N LEU C 164 45.03 -36.56 13.53
N LEU C 164 45.04 -36.56 13.52
CA LEU C 164 44.82 -35.16 13.89
CA LEU C 164 44.85 -35.16 13.89
C LEU C 164 45.92 -34.32 13.22
C LEU C 164 45.92 -34.33 13.20
N GLU C 165 47.08 -34.92 13.03
CA GLU C 165 48.17 -34.24 12.37
C GLU C 165 48.63 -35.11 11.17
N PRO C 166 47.93 -35.06 10.03
CA PRO C 166 48.31 -35.91 8.91
C PRO C 166 49.74 -35.67 8.44
N LYS C 167 50.40 -36.76 8.09
CA LYS C 167 51.76 -36.70 7.60
C LYS C 167 51.90 -36.41 6.09
N SER C 168 50.79 -36.46 5.36
CA SER C 168 50.77 -36.15 3.96
C SER C 168 49.36 -35.74 3.63
N ASN C 169 49.15 -35.33 2.39
CA ASN C 169 47.82 -35.07 1.88
C ASN C 169 47.28 -36.23 1.01
N TYR C 170 47.91 -37.38 1.12
CA TYR C 170 47.41 -38.57 0.43
C TYR C 170 46.52 -39.40 1.31
N ALA C 171 45.26 -39.44 0.90
CA ALA C 171 44.27 -40.37 1.44
C ALA C 171 44.30 -41.78 0.75
N VAL C 172 44.08 -42.82 1.52
CA VAL C 172 43.86 -44.15 0.98
C VAL C 172 42.35 -44.21 0.62
N THR C 173 42.08 -44.49 -0.63
CA THR C 173 40.69 -44.46 -1.16
C THR C 173 39.97 -45.72 -0.69
N GLY C 174 38.66 -45.74 -0.87
CA GLY C 174 37.83 -46.88 -0.38
C GLY C 174 37.73 -48.01 -1.38
N LEU C 175 38.88 -48.43 -1.88
CA LEU C 175 39.01 -49.60 -2.79
C LEU C 175 40.25 -50.37 -2.47
N TYR C 176 40.12 -51.64 -2.14
CA TYR C 176 41.21 -52.42 -1.61
C TYR C 176 41.23 -53.82 -2.23
N PHE C 177 42.40 -54.27 -2.63
CA PHE C 177 42.60 -55.59 -3.18
C PHE C 177 43.47 -56.45 -2.21
N TYR C 178 43.03 -57.66 -1.96
CA TYR C 178 43.70 -58.53 -0.99
C TYR C 178 43.94 -59.97 -1.48
N ASP C 179 45.01 -60.56 -0.94
CA ASP C 179 45.31 -61.98 -1.18
C ASP C 179 44.56 -62.78 -0.11
N GLN C 180 44.90 -64.07 0.03
CA GLN C 180 44.18 -64.91 0.93
C GLN C 180 44.44 -64.68 2.39
N GLN C 181 45.34 -63.77 2.72
CA GLN C 181 45.67 -63.53 4.11
C GLN C 181 44.69 -62.66 4.88
N VAL C 182 43.83 -61.95 4.15
CA VAL C 182 43.07 -60.88 4.76
C VAL C 182 42.08 -61.32 5.80
N VAL C 183 41.42 -62.44 5.53
CA VAL C 183 40.49 -62.95 6.53
C VAL C 183 41.16 -63.17 7.93
N ASP C 184 42.28 -63.86 7.95
CA ASP C 184 42.97 -64.14 9.23
C ASP C 184 43.54 -62.90 9.86
N ILE C 185 43.95 -61.92 9.05
CA ILE C 185 44.41 -60.67 9.63
C ILE C 185 43.22 -60.02 10.31
N ALA C 186 42.09 -59.96 9.61
CA ALA C 186 40.92 -59.31 10.18
C ALA C 186 40.45 -60.01 11.45
N ARG C 187 40.57 -61.34 11.48
CA ARG C 187 40.15 -62.18 12.62
C ARG C 187 40.95 -61.86 13.86
N ASP C 188 42.18 -61.42 13.68
CA ASP C 188 43.03 -61.09 14.81
C ASP C 188 42.92 -59.67 15.31
N LEU C 189 42.27 -58.78 14.56
CA LEU C 189 42.21 -57.39 14.98
C LEU C 189 41.38 -57.14 16.20
N LYS C 190 41.70 -56.10 16.96
CA LYS C 190 40.84 -55.66 18.05
C LYS C 190 40.37 -54.28 17.71
N PRO C 191 39.24 -53.88 18.28
CA PRO C 191 38.71 -52.54 18.04
C PRO C 191 39.73 -51.50 18.40
N SER C 192 39.67 -50.40 17.64
CA SER C 192 40.54 -49.27 17.82
C SER C 192 39.93 -48.45 18.96
N PRO C 193 40.57 -47.35 19.31
CA PRO C 193 40.01 -46.35 20.23
C PRO C 193 38.65 -45.84 19.72
N ARG C 194 38.58 -45.43 18.46
CA ARG C 194 37.33 -44.96 17.91
C ARG C 194 36.25 -46.04 18.08
N GLY C 195 36.66 -47.24 18.50
CA GLY C 195 35.79 -48.39 18.68
C GLY C 195 35.50 -49.21 17.41
N GLU C 196 36.31 -49.02 16.36
CA GLU C 196 36.06 -49.67 15.07
C GLU C 196 37.11 -50.71 14.73
N LEU C 197 36.69 -51.74 13.99
CA LEU C 197 37.60 -52.73 13.44
C LEU C 197 38.08 -52.11 12.12
N GLU C 198 39.31 -51.62 12.11
CA GLU C 198 39.75 -50.68 11.06
C GLU C 198 40.45 -51.30 9.89
N ILE C 199 39.98 -50.96 8.70
CA ILE C 199 40.71 -51.37 7.50
C ILE C 199 42.14 -50.83 7.51
N THR C 200 42.41 -49.66 8.13
CA THR C 200 43.75 -49.15 8.14
C THR C 200 44.66 -50.12 8.87
N ASP C 201 44.11 -50.78 9.87
CA ASP C 201 44.91 -51.77 10.60
C ASP C 201 45.21 -53.00 9.76
N VAL C 202 44.25 -53.40 8.96
CA VAL C 202 44.47 -54.52 8.05
C VAL C 202 45.59 -54.12 7.05
N ASN C 203 45.49 -52.93 6.45
CA ASN C 203 46.49 -52.50 5.49
C ASN C 203 47.86 -52.35 6.16
N ARG C 204 47.89 -51.88 7.39
CA ARG C 204 49.16 -51.76 8.10
C ARG C 204 49.83 -53.14 8.37
N ALA C 205 49.03 -54.16 8.60
CA ALA C 205 49.51 -55.52 8.79
C ALA C 205 50.29 -55.93 7.54
N TYR C 206 49.73 -55.63 6.36
CA TYR C 206 50.48 -55.94 5.13
C TYR C 206 51.71 -55.07 5.01
N LEU C 207 51.59 -53.78 5.30
CA LEU C 207 52.74 -52.86 5.22
C LEU C 207 53.91 -53.32 6.09
N GLU C 208 53.63 -53.79 7.30
CA GLU C 208 54.71 -54.16 8.24
C GLU C 208 55.38 -55.47 7.85
N ARG C 209 54.79 -56.16 6.87
CA ARG C 209 55.42 -57.33 6.27
C ARG C 209 56.01 -57.04 4.88
N GLY C 210 55.95 -55.80 4.46
CA GLY C 210 56.51 -55.43 3.19
C GLY C 210 55.65 -55.98 2.04
N GLN C 211 54.39 -56.15 2.29
CA GLN C 211 53.45 -56.78 1.32
C GLN C 211 52.29 -55.85 0.87
N LEU C 212 52.42 -54.56 1.15
CA LEU C 212 51.44 -53.58 0.75
C LEU C 212 51.93 -52.76 -0.42
N SER C 213 51.20 -52.86 -1.52
N SER C 213 51.19 -52.84 -1.52
CA SER C 213 51.44 -52.05 -2.70
CA SER C 213 51.45 -52.01 -2.68
C SER C 213 50.54 -50.82 -2.61
C SER C 213 50.54 -50.81 -2.61
N VAL C 214 51.13 -49.62 -2.69
CA VAL C 214 50.34 -48.41 -2.65
C VAL C 214 50.54 -47.73 -4.02
N GLU C 215 49.49 -47.72 -4.84
CA GLU C 215 49.52 -47.09 -6.17
C GLU C 215 48.92 -45.70 -6.11
N ILE C 216 49.57 -44.77 -6.75
CA ILE C 216 49.04 -43.40 -6.85
C ILE C 216 47.85 -43.43 -7.80
N MET C 217 46.76 -42.79 -7.38
CA MET C 217 45.64 -42.51 -8.25
C MET C 217 45.81 -41.02 -8.52
N GLY C 218 46.28 -40.70 -9.73
CA GLY C 218 46.60 -39.35 -10.12
C GLY C 218 45.47 -38.39 -10.07
N ARG C 219 45.86 -37.13 -10.12
CA ARG C 219 44.89 -36.01 -10.08
C ARG C 219 43.92 -35.94 -11.25
N GLY C 220 44.24 -36.63 -12.32
CA GLY C 220 43.37 -36.66 -13.49
C GLY C 220 42.16 -37.53 -13.23
N TYR C 221 42.21 -38.40 -12.21
CA TYR C 221 41.03 -39.14 -11.84
C TYR C 221 40.19 -38.34 -10.87
N ALA C 222 38.88 -38.61 -10.91
CA ALA C 222 37.97 -38.18 -9.84
C ALA C 222 37.72 -39.36 -8.89
N TRP C 223 37.94 -39.10 -7.60
CA TRP C 223 37.55 -40.03 -6.55
C TRP C 223 36.68 -39.20 -5.66
N LEU C 224 35.38 -39.49 -5.65
CA LEU C 224 34.41 -38.73 -4.84
C LEU C 224 33.71 -39.66 -3.88
N ASP C 225 33.20 -39.07 -2.82
CA ASP C 225 32.46 -39.83 -1.77
C ASP C 225 31.16 -39.06 -1.54
N THR C 226 30.04 -39.77 -1.32
CA THR C 226 28.79 -39.06 -1.03
C THR C 226 28.55 -38.84 0.47
N GLY C 227 29.60 -38.62 1.20
CA GLY C 227 29.49 -38.49 2.68
C GLY C 227 28.72 -37.27 3.23
N THR C 228 28.41 -36.27 2.42
CA THR C 228 27.76 -35.10 2.91
C THR C 228 26.73 -34.63 1.95
N HIS C 229 25.85 -33.74 2.40
CA HIS C 229 24.86 -33.20 1.46
C HIS C 229 25.55 -32.47 0.30
N ASP C 230 26.57 -31.69 0.60
CA ASP C 230 27.30 -31.00 -0.41
C ASP C 230 27.97 -31.93 -1.32
N SER C 231 28.53 -33.03 -0.81
CA SER C 231 29.30 -33.90 -1.69
C SER C 231 28.42 -34.73 -2.62
N LEU C 232 27.21 -35.10 -2.19
CA LEU C 232 26.26 -35.76 -3.07
C LEU C 232 25.84 -34.82 -4.17
N LEU C 233 25.59 -33.55 -3.82
CA LEU C 233 25.20 -32.58 -4.86
C LEU C 233 26.30 -32.41 -5.90
N GLU C 234 27.52 -32.20 -5.44
CA GLU C 234 28.65 -32.04 -6.34
C GLU C 234 28.87 -33.24 -7.19
N ALA C 235 28.67 -34.43 -6.64
CA ALA C 235 28.88 -35.66 -7.38
C ALA C 235 27.83 -35.74 -8.49
N GLY C 236 26.61 -35.37 -8.15
CA GLY C 236 25.55 -35.35 -9.14
C GLY C 236 25.83 -34.41 -10.28
N GLN C 237 26.28 -33.21 -9.96
N GLN C 237 26.28 -33.19 -9.97
CA GLN C 237 26.61 -32.26 -10.99
CA GLN C 237 26.57 -32.22 -11.01
C GLN C 237 27.75 -32.75 -11.87
C GLN C 237 27.76 -32.70 -11.87
N PHE C 238 28.71 -33.41 -11.25
CA PHE C 238 29.89 -33.94 -11.98
C PHE C 238 29.47 -34.98 -13.02
N ILE C 239 28.68 -35.94 -12.58
CA ILE C 239 28.17 -36.97 -13.48
C ILE C 239 27.29 -36.32 -14.58
N ALA C 240 26.41 -35.39 -14.19
CA ALA C 240 25.52 -34.82 -15.18
C ALA C 240 26.29 -34.03 -16.26
N THR C 241 27.36 -33.37 -15.86
CA THR C 241 28.14 -32.58 -16.84
C THR C 241 28.81 -33.48 -17.83
N LEU C 242 29.39 -34.55 -17.31
CA LEU C 242 30.07 -35.54 -18.20
C LEU C 242 29.04 -36.18 -19.12
N GLU C 243 27.91 -36.64 -18.58
CA GLU C 243 26.98 -37.40 -19.38
C GLU C 243 26.35 -36.54 -20.48
N ASN C 244 26.03 -35.28 -20.13
CA ASN C 244 25.35 -34.42 -21.05
C ASN C 244 26.29 -33.88 -22.11
N ARG C 245 27.57 -33.77 -21.79
CA ARG C 245 28.58 -33.44 -22.77
C ARG C 245 28.81 -34.59 -23.74
N GLN C 246 28.93 -35.79 -23.21
CA GLN C 246 29.34 -36.96 -24.00
C GLN C 246 28.25 -37.69 -24.75
N GLY C 247 27.03 -37.61 -24.25
CA GLY C 247 26.00 -38.52 -24.71
C GLY C 247 26.32 -39.96 -24.33
N LEU C 248 27.12 -40.16 -23.30
CA LEU C 248 27.44 -41.48 -22.72
C LEU C 248 27.00 -41.43 -21.28
N LYS C 249 26.75 -42.58 -20.69
CA LYS C 249 26.41 -42.60 -19.27
C LYS C 249 27.52 -43.21 -18.48
N VAL C 250 27.74 -42.74 -17.25
CA VAL C 250 28.79 -43.25 -16.40
C VAL C 250 28.26 -44.38 -15.52
N ALA C 251 28.99 -45.49 -15.42
CA ALA C 251 28.66 -46.59 -14.46
C ALA C 251 27.31 -47.25 -14.67
N CYS C 252 27.00 -47.51 -15.93
N CYS C 252 27.01 -47.50 -15.93
CA CYS C 252 25.83 -48.31 -16.28
CA CYS C 252 25.82 -48.24 -16.29
C CYS C 252 26.24 -49.74 -16.26
C CYS C 252 26.22 -49.74 -16.29
N PRO C 253 25.76 -50.51 -15.29
CA PRO C 253 26.14 -51.94 -15.28
C PRO C 253 25.83 -52.74 -16.48
N GLU C 254 24.68 -52.42 -17.08
CA GLU C 254 24.25 -53.09 -18.30
C GLU C 254 25.28 -52.93 -19.43
N GLU C 255 25.76 -51.69 -19.62
CA GLU C 255 26.76 -51.38 -20.63
C GLU C 255 28.04 -52.14 -20.36
N ILE C 256 28.49 -52.13 -19.11
CA ILE C 256 29.76 -52.77 -18.79
C ILE C 256 29.67 -54.29 -18.98
N ALA C 257 28.56 -54.89 -18.54
CA ALA C 257 28.33 -56.31 -18.76
C ALA C 257 28.44 -56.69 -20.24
N TYR C 258 27.82 -55.90 -21.08
CA TYR C 258 27.78 -56.11 -22.51
C TYR C 258 29.15 -55.99 -23.11
N ARG C 259 29.86 -54.92 -22.77
CA ARG C 259 31.17 -54.67 -23.30
C ARG C 259 32.14 -55.78 -22.88
N GLN C 260 31.89 -56.34 -21.71
CA GLN C 260 32.76 -57.40 -21.18
C GLN C 260 32.34 -58.77 -21.62
N LYS C 261 31.26 -58.87 -22.38
CA LYS C 261 30.77 -60.16 -22.91
C LYS C 261 30.16 -61.05 -21.85
N TRP C 262 29.72 -60.42 -20.78
CA TRP C 262 29.03 -61.15 -19.74
C TRP C 262 27.56 -61.33 -20.08
N ILE C 263 27.01 -60.41 -20.88
CA ILE C 263 25.67 -60.61 -21.44
C ILE C 263 25.78 -60.34 -22.97
N ASP C 264 24.86 -60.90 -23.74
CA ASP C 264 24.88 -60.68 -25.17
C ASP C 264 23.85 -59.62 -25.59
N ALA C 265 23.82 -59.32 -26.90
CA ALA C 265 22.99 -58.24 -27.44
C ALA C 265 21.53 -58.46 -27.15
N ALA C 266 21.12 -59.68 -27.31
CA ALA C 266 19.74 -60.03 -27.04
C ALA C 266 19.36 -59.74 -25.56
N GLN C 267 20.30 -60.05 -24.67
CA GLN C 267 20.10 -59.88 -23.24
C GLN C 267 20.04 -58.40 -22.97
N LEU C 268 20.95 -57.69 -23.61
CA LEU C 268 20.93 -56.26 -23.42
C LEU C 268 19.61 -55.68 -23.96
N GLU C 269 19.15 -56.13 -25.14
CA GLU C 269 17.90 -55.57 -25.68
C GLU C 269 16.74 -55.78 -24.73
N LYS C 270 16.68 -56.96 -24.10
CA LYS C 270 15.65 -57.27 -23.11
C LYS C 270 15.70 -56.40 -21.85
N LEU C 271 16.90 -55.99 -21.43
CA LEU C 271 17.04 -55.09 -20.28
C LEU C 271 16.57 -53.68 -20.59
N ALA C 272 16.74 -53.27 -21.84
CA ALA C 272 16.37 -51.93 -22.27
C ALA C 272 14.87 -51.71 -22.40
N ALA C 273 14.14 -52.75 -22.66
CA ALA C 273 12.72 -52.60 -22.99
C ALA C 273 11.86 -51.85 -21.95
N PRO C 274 11.86 -52.26 -20.70
CA PRO C 274 11.08 -51.54 -19.69
C PRO C 274 11.65 -50.17 -19.32
N LEU C 275 12.80 -49.79 -19.87
CA LEU C 275 13.36 -48.46 -19.60
C LEU C 275 13.23 -47.64 -20.87
N ALA C 276 12.55 -48.23 -21.86
CA ALA C 276 12.44 -47.66 -23.19
C ALA C 276 11.86 -46.25 -23.21
N LYS C 277 10.92 -45.97 -22.30
CA LYS C 277 10.25 -44.68 -22.31
C LYS C 277 11.20 -43.56 -21.87
N ASN C 278 12.30 -43.91 -21.21
CA ASN C 278 13.24 -42.90 -20.75
C ASN C 278 14.62 -42.98 -21.33
N GLY C 279 15.42 -41.96 -21.02
CA GLY C 279 16.75 -41.80 -21.53
C GLY C 279 17.67 -42.98 -21.24
N TYR C 280 17.45 -43.68 -20.13
CA TYR C 280 18.39 -44.74 -19.74
C TYR C 280 18.11 -45.95 -20.65
N GLY C 281 16.83 -46.30 -20.85
CA GLY C 281 16.49 -47.38 -21.76
C GLY C 281 16.87 -47.05 -23.19
N GLN C 282 16.58 -45.82 -23.60
CA GLN C 282 16.95 -45.36 -24.94
C GLN C 282 18.46 -45.49 -25.12
N TYR C 283 19.18 -45.23 -24.06
CA TYR C 283 20.63 -45.34 -24.10
C TYR C 283 21.16 -46.78 -24.31
N LEU C 284 20.61 -47.70 -23.55
CA LEU C 284 21.00 -49.08 -23.68
C LEU C 284 20.71 -49.61 -25.09
N LYS C 285 19.60 -49.18 -25.66
CA LYS C 285 19.29 -49.63 -27.03
C LYS C 285 20.33 -49.08 -28.00
N ARG C 286 20.68 -47.82 -27.81
CA ARG C 286 21.66 -47.20 -28.69
C ARG C 286 22.96 -47.98 -28.69
N LEU C 287 23.31 -48.56 -27.54
CA LEU C 287 24.52 -49.34 -27.46
C LEU C 287 24.62 -50.58 -28.36
N LEU C 288 23.48 -51.05 -28.84
CA LEU C 288 23.43 -52.24 -29.69
C LEU C 288 23.91 -51.94 -31.12
N THR C 289 23.86 -50.69 -31.52
CA THR C 289 24.21 -50.33 -32.89
C THR C 289 25.28 -49.27 -33.03
N GLU C 290 25.77 -48.73 -31.93
CA GLU C 290 26.80 -47.74 -32.04
C GLU C 290 28.11 -48.26 -31.44
N THR C 291 29.19 -48.06 -32.18
CA THR C 291 30.49 -48.36 -31.66
C THR C 291 31.01 -47.22 -30.81
N VAL C 292 31.41 -47.51 -29.60
CA VAL C 292 31.95 -46.56 -28.67
C VAL C 292 33.33 -47.05 -28.26
N TYR C 293 34.36 -46.25 -28.50
CA TYR C 293 35.72 -46.61 -28.24
C TYR C 293 36.12 -46.28 -26.80
N LYS D 2 -12.27 -23.51 8.25
CA LYS D 2 -11.41 -24.74 8.47
C LYS D 2 -11.09 -25.44 7.15
N ARG D 3 -9.81 -25.52 6.82
CA ARG D 3 -9.34 -26.12 5.57
C ARG D 3 -8.40 -27.30 5.76
N LYS D 4 -8.69 -28.38 5.08
CA LYS D 4 -7.93 -29.58 5.15
C LYS D 4 -7.04 -29.65 3.98
N GLY D 5 -5.86 -30.16 4.19
CA GLY D 5 -4.97 -30.32 3.09
C GLY D 5 -4.67 -31.72 2.61
N ILE D 6 -4.26 -31.77 1.34
CA ILE D 6 -3.86 -32.98 0.71
C ILE D 6 -2.56 -32.81 -0.01
N ILE D 7 -1.65 -33.76 0.18
CA ILE D 7 -0.42 -33.85 -0.59
C ILE D 7 -0.57 -35.10 -1.47
N LEU D 8 -0.59 -34.87 -2.78
CA LEU D 8 -0.66 -35.96 -3.73
C LEU D 8 0.78 -36.26 -4.13
N ALA D 9 1.31 -37.36 -3.59
CA ALA D 9 2.67 -37.73 -3.78
C ALA D 9 2.84 -39.15 -4.31
N GLY D 10 2.18 -39.45 -5.41
CA GLY D 10 2.29 -40.73 -6.06
C GLY D 10 2.91 -40.53 -7.41
N GLY D 11 2.28 -41.08 -8.44
CA GLY D 11 2.71 -40.91 -9.83
C GLY D 11 3.54 -42.05 -10.33
N SER D 12 3.56 -42.20 -11.65
CA SER D 12 4.40 -43.18 -12.32
C SER D 12 5.87 -42.80 -12.05
N GLY D 13 6.65 -43.80 -11.71
CA GLY D 13 8.07 -43.58 -11.48
C GLY D 13 8.90 -43.99 -12.69
N THR D 14 8.24 -44.56 -13.69
CA THR D 14 8.94 -45.09 -14.86
C THR D 14 10.04 -44.18 -15.42
N ARG D 15 9.71 -42.91 -15.60
CA ARG D 15 10.65 -41.91 -16.12
C ARG D 15 11.97 -41.88 -15.33
N LEU D 16 11.88 -41.83 -14.00
CA LEU D 16 13.06 -41.73 -13.16
C LEU D 16 13.85 -42.99 -12.88
N HIS D 17 13.43 -44.14 -13.38
CA HIS D 17 14.17 -45.35 -13.13
C HIS D 17 15.40 -45.22 -14.01
N PRO D 18 16.50 -45.84 -13.62
CA PRO D 18 16.60 -46.67 -12.43
C PRO D 18 16.96 -45.96 -11.12
N ALA D 19 17.14 -44.67 -11.19
CA ALA D 19 17.54 -43.89 -10.01
C ALA D 19 16.65 -44.21 -8.80
N THR D 20 15.35 -44.33 -9.05
CA THR D 20 14.41 -44.49 -7.94
C THR D 20 13.81 -45.87 -7.74
N LEU D 21 14.51 -46.92 -8.16
CA LEU D 21 13.98 -48.27 -8.09
C LEU D 21 13.55 -48.83 -6.73
N ALA D 22 14.44 -48.98 -5.78
CA ALA D 22 14.02 -49.65 -4.52
C ALA D 22 13.69 -48.65 -3.40
N ILE D 23 13.32 -47.44 -3.82
CA ILE D 23 13.08 -46.34 -2.92
C ILE D 23 11.94 -45.46 -3.49
N SER D 24 11.56 -44.40 -2.79
CA SER D 24 10.54 -43.45 -3.29
C SER D 24 11.09 -42.12 -3.77
N LYS D 25 10.55 -41.70 -4.89
N LYS D 25 10.54 -41.70 -4.89
CA LYS D 25 10.95 -40.50 -5.58
CA LYS D 25 10.95 -40.50 -5.58
C LYS D 25 10.71 -39.16 -4.84
C LYS D 25 10.71 -39.16 -4.84
N GLN D 26 9.60 -39.08 -4.09
CA GLN D 26 9.34 -37.89 -3.34
C GLN D 26 10.01 -38.04 -1.97
N LEU D 27 10.78 -39.11 -1.78
CA LEU D 27 11.63 -39.18 -0.60
C LEU D 27 13.09 -38.85 -0.93
N LEU D 28 13.39 -38.63 -2.20
CA LEU D 28 14.74 -38.24 -2.55
C LEU D 28 15.05 -36.90 -1.85
N PRO D 29 16.27 -36.63 -1.39
CA PRO D 29 16.56 -35.29 -0.86
C PRO D 29 16.59 -34.18 -1.89
N VAL D 30 16.10 -33.03 -1.49
CA VAL D 30 16.36 -31.85 -2.22
C VAL D 30 17.41 -31.18 -1.34
N TYR D 31 18.68 -31.37 -1.70
CA TYR D 31 19.84 -30.94 -0.93
C TYR D 31 20.02 -31.68 0.37
N ASP D 32 19.26 -31.31 1.41
CA ASP D 32 19.50 -31.70 2.77
C ASP D 32 18.27 -32.26 3.53
N LYS D 33 17.11 -32.40 2.88
CA LYS D 33 15.93 -32.99 3.54
C LYS D 33 15.03 -33.56 2.49
N PRO D 34 14.19 -34.51 2.88
CA PRO D 34 13.30 -35.18 1.91
C PRO D 34 12.39 -34.24 1.16
N MET D 35 12.21 -34.56 -0.09
N MET D 35 12.20 -34.56 -0.10
CA MET D 35 11.43 -33.76 -1.02
CA MET D 35 11.40 -33.76 -1.00
C MET D 35 10.04 -33.42 -0.44
C MET D 35 10.05 -33.40 -0.41
N ILE D 36 9.37 -34.38 0.16
CA ILE D 36 8.03 -34.13 0.70
C ILE D 36 7.96 -33.01 1.80
N TYR D 37 9.07 -32.71 2.47
CA TYR D 37 9.09 -31.63 3.47
C TYR D 37 8.70 -30.31 2.84
N TYR D 38 9.03 -30.14 1.56
CA TYR D 38 8.79 -28.87 0.87
C TYR D 38 7.31 -28.59 0.69
N PRO D 39 6.57 -29.42 -0.01
CA PRO D 39 5.12 -29.19 -0.08
C PRO D 39 4.43 -29.27 1.27
N LEU D 40 4.91 -30.12 2.17
CA LEU D 40 4.29 -30.13 3.52
C LEU D 40 4.38 -28.75 4.15
N SER D 41 5.56 -28.17 4.08
N SER D 41 5.57 -28.18 4.10
CA SER D 41 5.86 -26.89 4.67
CA SER D 41 5.85 -26.89 4.69
C SER D 41 4.96 -25.81 4.03
C SER D 41 4.96 -25.82 4.04
N THR D 42 4.64 -25.98 2.76
CA THR D 42 3.77 -25.06 2.06
C THR D 42 2.38 -25.07 2.67
N LEU D 43 1.82 -26.26 2.90
CA LEU D 43 0.52 -26.33 3.56
C LEU D 43 0.57 -25.77 5.00
N MET D 44 1.65 -26.05 5.70
CA MET D 44 1.83 -25.57 7.04
C MET D 44 1.85 -24.05 7.04
N LEU D 45 2.57 -23.45 6.08
CA LEU D 45 2.69 -22.01 6.01
C LEU D 45 1.33 -21.38 5.67
N ALA D 46 0.46 -22.17 5.08
CA ALA D 46 -0.89 -21.76 4.74
C ALA D 46 -1.81 -21.89 5.93
N GLY D 47 -1.28 -22.31 7.06
CA GLY D 47 -2.06 -22.47 8.27
C GLY D 47 -2.80 -23.79 8.36
N ILE D 48 -2.40 -24.76 7.57
CA ILE D 48 -3.08 -26.04 7.54
C ILE D 48 -2.35 -27.09 8.36
N ARG D 49 -3.07 -27.62 9.38
CA ARG D 49 -2.56 -28.61 10.31
C ARG D 49 -3.05 -30.07 10.03
N GLU D 50 -4.18 -30.19 9.40
CA GLU D 50 -4.77 -31.50 9.15
C GLU D 50 -4.58 -31.85 7.68
N ILE D 51 -3.74 -32.88 7.43
CA ILE D 51 -3.25 -33.14 6.09
C ILE D 51 -3.32 -34.64 5.76
N LEU D 52 -3.76 -34.94 4.55
CA LEU D 52 -3.85 -36.27 4.04
C LEU D 52 -2.77 -36.45 2.99
N ILE D 53 -1.90 -37.45 3.15
CA ILE D 53 -0.82 -37.78 2.20
C ILE D 53 -1.24 -39.01 1.41
N ILE D 54 -1.31 -38.81 0.09
CA ILE D 54 -1.77 -39.82 -0.80
C ILE D 54 -0.59 -40.21 -1.63
N SER D 55 -0.30 -41.52 -1.64
CA SER D 55 0.74 -42.03 -2.48
C SER D 55 0.37 -43.41 -2.99
N THR D 56 1.37 -44.03 -3.61
CA THR D 56 1.22 -45.33 -4.25
C THR D 56 1.20 -46.41 -3.18
N PRO D 57 0.75 -47.58 -3.55
CA PRO D 57 0.69 -48.69 -2.59
C PRO D 57 2.06 -48.94 -1.92
N GLN D 58 3.11 -48.77 -2.71
CA GLN D 58 4.46 -49.02 -2.25
C GLN D 58 5.03 -47.91 -1.43
N ASP D 59 4.73 -46.69 -1.80
CA ASP D 59 5.33 -45.56 -1.12
C ASP D 59 4.54 -45.03 0.09
N THR D 60 3.23 -45.28 0.12
CA THR D 60 2.44 -44.79 1.27
C THR D 60 3.04 -45.23 2.61
N PRO D 61 3.36 -46.50 2.80
CA PRO D 61 4.00 -46.94 4.06
C PRO D 61 5.33 -46.25 4.40
N ARG D 62 6.04 -45.85 3.36
CA ARG D 62 7.31 -45.16 3.48
C ARG D 62 7.10 -43.75 4.04
N PHE D 63 6.08 -43.06 3.54
CA PHE D 63 5.75 -41.76 4.08
C PHE D 63 5.41 -41.91 5.56
N GLN D 64 4.60 -42.92 5.91
CA GLN D 64 4.14 -43.10 7.30
C GLN D 64 5.28 -43.34 8.22
N GLN D 65 6.24 -44.06 7.74
CA GLN D 65 7.38 -44.35 8.58
C GLN D 65 8.19 -43.08 8.83
N LEU D 66 8.33 -42.27 7.80
CA LEU D 66 9.10 -41.04 7.94
C LEU D 66 8.40 -39.97 8.78
N LEU D 67 7.10 -39.86 8.64
CA LEU D 67 6.40 -38.71 9.20
C LEU D 67 5.45 -39.03 10.35
N GLY D 68 5.10 -40.30 10.49
CA GLY D 68 4.21 -40.69 11.56
C GLY D 68 2.84 -40.03 11.45
N ASP D 69 2.21 -39.80 12.59
CA ASP D 69 0.93 -39.15 12.65
C ASP D 69 0.97 -37.64 12.72
N GLY D 70 2.17 -37.09 12.69
CA GLY D 70 2.35 -35.65 12.72
C GLY D 70 2.33 -34.93 14.04
N SER D 71 1.93 -35.65 15.09
CA SER D 71 1.74 -35.06 16.41
C SER D 71 3.02 -34.46 16.95
N ASN D 72 4.18 -34.99 16.57
CA ASN D 72 5.43 -34.43 17.03
C ASN D 72 5.60 -33.00 16.54
N TRP D 73 4.91 -32.69 15.44
CA TRP D 73 5.00 -31.39 14.81
C TRP D 73 3.73 -30.60 14.92
N GLY D 74 2.86 -31.02 15.85
CA GLY D 74 1.59 -30.37 16.01
C GLY D 74 0.63 -30.60 14.85
N LEU D 75 0.89 -31.63 14.08
CA LEU D 75 0.05 -31.88 12.95
C LEU D 75 -0.83 -33.10 13.17
N ASP D 76 -1.86 -33.15 12.34
CA ASP D 76 -2.64 -34.37 12.16
C ASP D 76 -2.42 -34.90 10.76
N LEU D 77 -1.56 -35.88 10.59
CA LEU D 77 -1.33 -36.52 9.29
C LEU D 77 -2.11 -37.82 9.18
N GLN D 78 -2.82 -37.95 8.05
CA GLN D 78 -3.49 -39.15 7.64
C GLN D 78 -2.93 -39.60 6.29
N TYR D 79 -3.20 -40.84 5.94
CA TYR D 79 -2.65 -41.43 4.76
C TYR D 79 -3.69 -42.20 3.95
N ALA D 80 -3.51 -42.24 2.63
CA ALA D 80 -4.36 -43.00 1.72
C ALA D 80 -3.59 -43.38 0.49
N VAL D 81 -4.10 -44.38 -0.20
CA VAL D 81 -3.40 -44.94 -1.32
C VAL D 81 -4.14 -44.64 -2.62
N GLN D 82 -3.37 -44.35 -3.65
CA GLN D 82 -3.88 -44.18 -4.98
C GLN D 82 -3.38 -45.39 -5.73
N PRO D 83 -4.25 -46.38 -5.97
CA PRO D 83 -3.82 -47.61 -6.66
C PRO D 83 -3.12 -47.45 -8.01
N SER D 84 -3.49 -46.44 -8.75
CA SER D 84 -2.94 -46.24 -10.09
C SER D 84 -2.96 -44.73 -10.32
N PRO D 85 -1.96 -44.19 -11.00
CA PRO D 85 -1.93 -42.72 -11.21
C PRO D 85 -2.88 -42.29 -12.29
N ASP D 86 -4.18 -42.34 -12.00
CA ASP D 86 -5.14 -42.03 -13.01
C ASP D 86 -5.73 -40.60 -12.93
N GLY D 87 -5.00 -39.68 -12.32
CA GLY D 87 -5.41 -38.32 -12.35
C GLY D 87 -5.23 -37.56 -11.08
N LEU D 88 -4.83 -36.30 -11.22
CA LEU D 88 -4.62 -35.45 -10.08
C LEU D 88 -5.98 -35.26 -9.41
N ALA D 89 -7.07 -35.33 -10.16
CA ALA D 89 -8.34 -35.05 -9.55
C ALA D 89 -8.83 -36.21 -8.69
N GLN D 90 -8.17 -37.37 -8.81
CA GLN D 90 -8.51 -38.52 -7.96
C GLN D 90 -8.28 -38.22 -6.50
N ALA D 91 -7.40 -37.28 -6.20
CA ALA D 91 -7.18 -36.86 -4.84
C ALA D 91 -8.49 -36.58 -4.11
N PHE D 92 -9.46 -35.94 -4.77
CA PHE D 92 -10.70 -35.56 -4.17
C PHE D 92 -11.69 -36.69 -4.01
N LEU D 93 -11.48 -37.79 -4.73
CA LEU D 93 -12.27 -39.00 -4.53
C LEU D 93 -11.67 -39.84 -3.41
N ILE D 94 -10.36 -40.07 -3.48
CA ILE D 94 -9.63 -40.77 -2.43
C ILE D 94 -9.80 -40.00 -1.14
N GLY D 95 -9.77 -38.68 -1.25
CA GLY D 95 -9.84 -37.81 -0.09
C GLY D 95 -11.20 -37.35 0.31
N GLU D 96 -12.25 -37.84 -0.36
CA GLU D 96 -13.59 -37.40 -0.01
C GLU D 96 -13.97 -37.50 1.50
N SER D 97 -13.84 -38.65 2.11
CA SER D 97 -14.29 -38.73 3.50
C SER D 97 -13.40 -37.92 4.44
N PHE D 98 -12.11 -37.81 4.10
CA PHE D 98 -11.19 -36.96 4.89
C PHE D 98 -11.63 -35.48 4.89
N ILE D 99 -11.97 -34.97 3.72
CA ILE D 99 -12.40 -33.59 3.56
C ILE D 99 -13.71 -33.27 4.31
N GLY D 100 -14.66 -34.19 4.26
CA GLY D 100 -15.90 -33.97 4.98
C GLY D 100 -16.57 -32.78 4.37
N ASN D 101 -17.01 -31.88 5.22
CA ASN D 101 -17.72 -30.71 4.75
C ASN D 101 -16.80 -29.47 4.84
N ASP D 102 -15.49 -29.71 4.85
CA ASP D 102 -14.55 -28.60 4.98
C ASP D 102 -14.08 -28.05 3.64
N LEU D 103 -13.49 -26.84 3.71
CA LEU D 103 -12.69 -26.34 2.59
C LEU D 103 -11.44 -27.18 2.45
N SER D 104 -10.74 -27.08 1.31
CA SER D 104 -9.55 -27.89 1.14
C SER D 104 -8.48 -27.22 0.34
N ALA D 105 -7.29 -27.84 0.36
CA ALA D 105 -6.18 -27.42 -0.48
C ALA D 105 -5.39 -28.65 -0.87
N LEU D 106 -4.91 -28.67 -2.09
CA LEU D 106 -4.12 -29.72 -2.64
C LEU D 106 -2.79 -29.17 -3.10
N VAL D 107 -1.71 -29.88 -2.77
CA VAL D 107 -0.40 -29.55 -3.30
C VAL D 107 0.25 -30.81 -3.82
N LEU D 108 1.02 -30.71 -4.89
CA LEU D 108 1.70 -31.85 -5.44
C LEU D 108 3.05 -32.11 -4.77
N GLY D 109 3.37 -33.40 -4.61
CA GLY D 109 4.51 -33.80 -3.81
C GLY D 109 5.86 -33.40 -4.29
N ASP D 110 5.99 -33.11 -5.57
CA ASP D 110 7.27 -32.70 -6.12
C ASP D 110 7.35 -31.21 -6.48
N ASN D 111 6.41 -30.45 -5.94
CA ASN D 111 6.44 -28.96 -6.12
C ASN D 111 7.09 -28.23 -4.97
N LEU D 112 8.06 -27.40 -5.33
CA LEU D 112 8.86 -26.62 -4.41
C LEU D 112 8.60 -25.11 -4.67
N TYR D 113 8.02 -24.42 -3.69
CA TYR D 113 7.79 -22.99 -3.77
C TYR D 113 8.71 -22.29 -2.79
N TYR D 114 9.18 -21.11 -3.17
CA TYR D 114 9.96 -20.26 -2.26
C TYR D 114 9.93 -18.81 -2.68
N GLY D 115 9.70 -17.96 -1.71
CA GLY D 115 9.85 -16.55 -1.94
C GLY D 115 9.29 -15.64 -0.89
N HIS D 116 9.70 -14.37 -1.03
CA HIS D 116 9.26 -13.34 -0.10
C HIS D 116 7.77 -13.08 -0.14
N ASP D 117 7.16 -13.00 1.04
CA ASP D 117 5.76 -12.66 1.20
C ASP D 117 4.85 -13.84 0.77
N PHE D 118 5.42 -15.04 0.68
CA PHE D 118 4.68 -16.23 0.28
C PHE D 118 3.55 -16.44 1.29
N HIS D 119 3.78 -16.12 2.58
CA HIS D 119 2.69 -16.39 3.51
C HIS D 119 1.44 -15.55 3.20
N GLU D 120 1.64 -14.35 2.66
CA GLU D 120 0.57 -13.48 2.25
C GLU D 120 -0.14 -13.99 1.02
N LEU D 121 0.62 -14.53 0.08
CA LEU D 121 0.06 -15.09 -1.13
C LEU D 121 -0.85 -16.25 -0.70
N LEU D 122 -0.38 -17.08 0.21
CA LEU D 122 -1.18 -18.26 0.62
C LEU D 122 -2.37 -17.76 1.43
N GLY D 123 -2.09 -16.81 2.33
CA GLY D 123 -3.15 -16.30 3.20
C GLY D 123 -4.31 -15.77 2.38
N SER D 124 -3.99 -15.09 1.29
N SER D 124 -3.99 -15.09 1.30
CA SER D 124 -5.03 -14.53 0.43
CA SER D 124 -5.03 -14.53 0.47
C SER D 124 -5.95 -15.62 -0.13
C SER D 124 -5.94 -15.60 -0.15
N ALA D 125 -5.36 -16.72 -0.64
CA ALA D 125 -6.20 -17.83 -1.17
C ALA D 125 -6.94 -18.55 -0.06
N SER D 126 -6.29 -18.70 1.07
CA SER D 126 -6.88 -19.43 2.18
C SER D 126 -8.13 -18.70 2.67
N GLN D 127 -8.13 -17.38 2.57
CA GLN D 127 -9.24 -16.62 3.13
C GLN D 127 -10.49 -16.53 2.22
N ARG D 128 -10.43 -17.14 1.04
CA ARG D 128 -11.60 -17.21 0.17
C ARG D 128 -12.44 -18.40 0.54
N GLN D 129 -13.60 -18.17 1.09
CA GLN D 129 -14.43 -19.27 1.50
C GLN D 129 -15.33 -19.80 0.37
N THR D 130 -15.43 -19.08 -0.74
N THR D 130 -15.41 -19.10 -0.75
CA THR D 130 -16.28 -19.48 -1.89
CA THR D 130 -16.26 -19.51 -1.89
C THR D 130 -15.40 -19.56 -3.14
C THR D 130 -15.40 -19.56 -3.15
N GLY D 131 -15.62 -20.59 -3.95
CA GLY D 131 -14.86 -20.78 -5.18
C GLY D 131 -13.54 -21.49 -5.00
N ALA D 132 -12.64 -21.30 -5.97
CA ALA D 132 -11.37 -21.94 -6.01
C ALA D 132 -10.31 -20.88 -6.33
N SER D 133 -9.09 -21.15 -5.87
CA SER D 133 -7.94 -20.30 -6.17
C SER D 133 -6.79 -21.16 -6.67
N VAL D 134 -6.13 -20.67 -7.73
CA VAL D 134 -4.94 -21.29 -8.28
C VAL D 134 -3.97 -20.16 -8.60
N PHE D 135 -2.75 -20.54 -8.96
CA PHE D 135 -1.66 -19.60 -9.15
C PHE D 135 -1.03 -19.79 -10.51
N ALA D 136 -0.74 -18.68 -11.17
CA ALA D 136 -0.16 -18.67 -12.54
C ALA D 136 1.27 -18.17 -12.46
N TYR D 137 2.18 -18.92 -13.06
CA TYR D 137 3.59 -18.60 -13.02
C TYR D 137 4.17 -18.70 -14.42
N HIS D 138 4.93 -17.67 -14.84
CA HIS D 138 5.52 -17.62 -16.17
C HIS D 138 6.64 -18.68 -16.25
N VAL D 139 6.57 -19.52 -17.28
CA VAL D 139 7.55 -20.58 -17.51
C VAL D 139 8.05 -20.66 -18.92
N LEU D 140 9.17 -21.30 -19.10
CA LEU D 140 9.71 -21.46 -20.44
C LEU D 140 8.94 -22.55 -21.22
N ASP D 141 8.49 -23.59 -20.55
CA ASP D 141 7.84 -24.69 -21.30
C ASP D 141 6.38 -24.95 -20.80
N PRO D 142 5.47 -24.03 -21.14
CA PRO D 142 4.11 -24.13 -20.60
C PRO D 142 3.41 -25.41 -21.07
N GLU D 143 3.83 -25.96 -22.21
CA GLU D 143 3.20 -27.21 -22.75
C GLU D 143 3.26 -28.41 -21.76
N ARG D 144 4.16 -28.35 -20.78
CA ARG D 144 4.22 -29.35 -19.74
C ARG D 144 3.15 -29.32 -18.63
N TYR D 145 2.31 -28.28 -18.60
CA TYR D 145 1.45 -28.04 -17.48
C TYR D 145 0.06 -27.65 -17.95
N GLY D 146 -0.81 -27.42 -16.99
CA GLY D 146 -2.05 -26.74 -17.28
C GLY D 146 -1.67 -25.28 -17.57
N VAL D 147 -2.23 -24.72 -18.64
CA VAL D 147 -1.92 -23.37 -19.09
C VAL D 147 -3.16 -22.47 -18.95
N VAL D 148 -2.95 -21.29 -18.43
CA VAL D 148 -4.00 -20.28 -18.27
C VAL D 148 -3.76 -19.11 -19.17
N GLU D 149 -4.80 -18.75 -19.91
CA GLU D 149 -4.82 -17.62 -20.83
C GLU D 149 -5.57 -16.46 -20.22
N PHE D 150 -4.98 -15.29 -20.32
CA PHE D 150 -5.60 -14.04 -19.86
C PHE D 150 -6.05 -13.14 -21.01
N ASP D 151 -7.11 -12.42 -20.78
CA ASP D 151 -7.50 -11.38 -21.74
C ASP D 151 -6.62 -10.12 -21.58
N GLN D 152 -6.90 -9.10 -22.40
CA GLN D 152 -6.04 -7.92 -22.42
C GLN D 152 -6.13 -7.19 -21.10
N GLY D 153 -7.21 -7.42 -20.37
CA GLY D 153 -7.38 -6.82 -19.10
C GLY D 153 -6.84 -7.65 -17.97
N GLY D 154 -6.18 -8.75 -18.29
CA GLY D 154 -5.55 -9.58 -17.28
C GLY D 154 -6.47 -10.56 -16.58
N LYS D 155 -7.67 -10.74 -17.14
CA LYS D 155 -8.66 -11.67 -16.60
C LYS D 155 -8.40 -13.08 -17.18
N ALA D 156 -8.41 -14.12 -16.36
CA ALA D 156 -8.25 -15.47 -16.84
C ALA D 156 -9.47 -15.83 -17.70
N ILE D 157 -9.23 -16.40 -18.89
CA ILE D 157 -10.33 -16.71 -19.82
C ILE D 157 -10.34 -18.13 -20.29
N SER D 158 -9.25 -18.86 -20.10
CA SER D 158 -9.26 -20.27 -20.50
C SER D 158 -8.16 -21.04 -19.79
N LEU D 159 -8.40 -22.31 -19.73
CA LEU D 159 -7.43 -23.31 -19.24
C LEU D 159 -7.31 -24.47 -20.25
N GLU D 160 -6.09 -24.93 -20.51
N GLU D 160 -6.09 -24.93 -20.50
CA GLU D 160 -5.86 -26.12 -21.34
CA GLU D 160 -5.89 -26.11 -21.34
C GLU D 160 -4.83 -26.95 -20.69
C GLU D 160 -4.82 -26.95 -20.69
N GLU D 161 -5.02 -28.26 -20.68
CA GLU D 161 -4.06 -29.17 -20.09
C GLU D 161 -3.03 -29.63 -21.13
N LYS D 162 -1.79 -29.29 -20.87
N LYS D 162 -1.78 -29.29 -20.86
CA LYS D 162 -0.67 -29.67 -21.73
CA LYS D 162 -0.66 -29.67 -21.72
C LYS D 162 -0.96 -29.43 -23.17
C LYS D 162 -0.98 -29.44 -23.18
N PRO D 163 -1.30 -28.19 -23.51
CA PRO D 163 -1.64 -27.87 -24.89
C PRO D 163 -0.47 -27.98 -25.87
N LEU D 164 -0.73 -28.48 -27.07
CA LEU D 164 0.28 -28.51 -28.10
C LEU D 164 0.64 -27.09 -28.52
N GLU D 165 -0.33 -26.18 -28.50
CA GLU D 165 -0.08 -24.77 -28.84
C GLU D 165 -0.53 -23.90 -27.70
N PRO D 166 0.32 -23.72 -26.70
CA PRO D 166 -0.10 -22.94 -25.51
C PRO D 166 -0.50 -21.57 -25.90
N LYS D 167 -1.54 -21.06 -25.28
CA LYS D 167 -2.03 -19.72 -25.51
C LYS D 167 -1.33 -18.64 -24.67
N SER D 168 -0.46 -19.03 -23.77
CA SER D 168 0.35 -18.11 -23.01
C SER D 168 1.49 -18.95 -22.44
N ASN D 169 2.40 -18.27 -21.77
CA ASN D 169 3.47 -18.91 -21.05
C ASN D 169 3.22 -18.99 -19.56
N TYR D 170 1.97 -18.88 -19.16
CA TYR D 170 1.57 -19.01 -17.77
C TYR D 170 1.06 -20.37 -17.48
N ALA D 171 1.81 -21.10 -16.65
CA ALA D 171 1.43 -22.39 -16.14
C ALA D 171 0.65 -22.27 -14.85
N VAL D 172 -0.32 -23.14 -14.65
CA VAL D 172 -1.01 -23.25 -13.34
C VAL D 172 -0.12 -24.13 -12.47
N THR D 173 0.26 -23.63 -11.29
CA THR D 173 1.19 -24.37 -10.44
C THR D 173 0.46 -25.50 -9.73
N GLY D 174 1.23 -26.35 -9.06
CA GLY D 174 0.66 -27.52 -8.40
C GLY D 174 0.22 -27.24 -6.95
N LEU D 175 -0.59 -26.21 -6.76
CA LEU D 175 -1.11 -25.79 -5.48
C LEU D 175 -2.48 -25.22 -5.74
N TYR D 176 -3.49 -25.76 -5.06
CA TYR D 176 -4.85 -25.45 -5.39
C TYR D 176 -5.71 -25.34 -4.14
N PHE D 177 -6.53 -24.32 -4.07
CA PHE D 177 -7.42 -24.11 -2.94
C PHE D 177 -8.86 -24.20 -3.40
N TYR D 178 -9.67 -24.98 -2.63
CA TYR D 178 -11.08 -25.25 -2.98
C TYR D 178 -12.07 -25.09 -1.85
N ASP D 179 -13.24 -24.69 -2.24
CA ASP D 179 -14.39 -24.65 -1.34
C ASP D 179 -15.04 -25.99 -1.32
N GLN D 180 -16.24 -26.06 -0.74
CA GLN D 180 -16.91 -27.36 -0.65
C GLN D 180 -17.48 -27.99 -1.91
N GLN D 181 -17.33 -27.36 -3.05
CA GLN D 181 -17.90 -27.90 -4.27
C GLN D 181 -17.00 -28.89 -4.94
N VAL D 182 -15.74 -28.97 -4.52
CA VAL D 182 -14.78 -29.70 -5.32
C VAL D 182 -15.02 -31.22 -5.37
N VAL D 183 -15.39 -31.83 -4.28
CA VAL D 183 -15.60 -33.28 -4.30
C VAL D 183 -16.69 -33.65 -5.36
N ASP D 184 -17.80 -32.95 -5.32
CA ASP D 184 -18.87 -33.17 -6.29
C ASP D 184 -18.47 -32.88 -7.71
N ILE D 185 -17.64 -31.85 -7.93
CA ILE D 185 -17.17 -31.58 -9.27
C ILE D 185 -16.31 -32.77 -9.72
N ALA D 186 -15.41 -33.24 -8.86
CA ALA D 186 -14.56 -34.37 -9.23
C ALA D 186 -15.34 -35.67 -9.44
N ARG D 187 -16.38 -35.85 -8.65
CA ARG D 187 -17.26 -37.03 -8.74
C ARG D 187 -17.86 -37.16 -10.12
N ASP D 188 -18.14 -36.04 -10.77
CA ASP D 188 -18.76 -36.06 -12.09
C ASP D 188 -17.83 -36.11 -13.25
N LEU D 189 -16.51 -36.06 -13.03
CA LEU D 189 -15.59 -36.06 -14.15
C LEU D 189 -15.49 -37.42 -14.81
N LYS D 190 -15.18 -37.38 -16.11
CA LYS D 190 -14.79 -38.53 -16.88
C LYS D 190 -13.34 -38.38 -17.25
N PRO D 191 -12.65 -39.48 -17.44
CA PRO D 191 -11.25 -39.41 -17.87
C PRO D 191 -11.12 -38.64 -19.16
N SER D 192 -9.97 -38.02 -19.33
CA SER D 192 -9.67 -37.25 -20.49
C SER D 192 -9.14 -38.13 -21.61
N PRO D 193 -8.80 -37.50 -22.74
CA PRO D 193 -8.05 -38.16 -23.82
C PRO D 193 -6.67 -38.65 -23.37
N ARG D 194 -6.08 -38.03 -22.36
CA ARG D 194 -4.83 -38.57 -21.88
C ARG D 194 -5.14 -39.80 -21.07
N GLY D 195 -6.43 -39.96 -20.74
CA GLY D 195 -6.90 -41.06 -19.88
C GLY D 195 -6.71 -40.76 -18.36
N GLU D 196 -6.89 -39.50 -17.96
CA GLU D 196 -6.67 -39.05 -16.58
C GLU D 196 -7.88 -38.28 -16.11
N LEU D 197 -8.16 -38.35 -14.81
CA LEU D 197 -9.17 -37.51 -14.17
C LEU D 197 -8.36 -36.24 -13.83
N GLU D 198 -8.61 -35.18 -14.60
N GLU D 198 -8.63 -35.17 -14.58
CA GLU D 198 -7.78 -33.98 -14.63
CA GLU D 198 -7.76 -34.00 -14.62
C GLU D 198 -8.14 -32.85 -13.68
C GLU D 198 -8.13 -32.83 -13.72
N ILE D 199 -7.15 -32.35 -12.96
CA ILE D 199 -7.38 -31.22 -12.11
C ILE D 199 -7.72 -30.02 -12.99
N THR D 200 -7.26 -29.98 -14.22
CA THR D 200 -7.57 -28.83 -15.08
C THR D 200 -9.05 -28.81 -15.35
N ASP D 201 -9.67 -29.99 -15.37
CA ASP D 201 -11.09 -30.04 -15.63
C ASP D 201 -11.83 -29.57 -14.40
N VAL D 202 -11.32 -29.90 -13.19
CA VAL D 202 -11.89 -29.32 -11.97
C VAL D 202 -11.78 -27.76 -11.98
N ASN D 203 -10.60 -27.24 -12.26
CA ASN D 203 -10.37 -25.80 -12.26
C ASN D 203 -11.23 -25.13 -13.33
N ARG D 204 -11.41 -25.79 -14.49
CA ARG D 204 -12.29 -25.27 -15.54
C ARG D 204 -13.77 -25.22 -15.13
N ALA D 205 -14.20 -26.17 -14.32
CA ALA D 205 -15.56 -26.18 -13.83
C ALA D 205 -15.81 -24.92 -12.97
N TYR D 206 -14.83 -24.55 -12.15
CA TYR D 206 -15.00 -23.33 -11.37
C TYR D 206 -14.91 -22.08 -12.27
N LEU D 207 -14.02 -22.11 -13.24
CA LEU D 207 -13.89 -20.99 -14.16
C LEU D 207 -15.20 -20.76 -14.95
N GLU D 208 -15.85 -21.84 -15.38
CA GLU D 208 -17.10 -21.73 -16.18
C GLU D 208 -18.29 -21.21 -15.37
N ARG D 209 -18.12 -21.18 -14.05
CA ARG D 209 -19.13 -20.62 -13.17
C ARG D 209 -18.72 -19.23 -12.63
N GLY D 210 -17.57 -18.75 -13.08
CA GLY D 210 -17.08 -17.48 -12.66
C GLY D 210 -16.59 -17.51 -11.24
N GLN D 211 -16.14 -18.67 -10.81
CA GLN D 211 -15.68 -18.91 -9.44
C GLN D 211 -14.27 -19.36 -9.33
N LEU D 212 -13.47 -19.12 -10.36
CA LEU D 212 -12.04 -19.38 -10.25
C LEU D 212 -11.21 -18.07 -10.08
N SER D 213 -10.45 -17.99 -9.01
N SER D 213 -10.43 -18.00 -9.02
CA SER D 213 -9.52 -16.90 -8.79
CA SER D 213 -9.51 -16.89 -8.83
C SER D 213 -8.16 -17.38 -9.29
C SER D 213 -8.14 -17.37 -9.26
N VAL D 214 -7.57 -16.66 -10.23
CA VAL D 214 -6.24 -17.00 -10.70
C VAL D 214 -5.33 -15.84 -10.25
N GLU D 215 -4.42 -16.16 -9.37
CA GLU D 215 -3.49 -15.19 -8.82
C GLU D 215 -2.15 -15.38 -9.44
N ILE D 216 -1.55 -14.28 -9.86
CA ILE D 216 -0.20 -14.36 -10.43
C ILE D 216 0.77 -14.63 -9.31
N MET D 217 1.66 -15.61 -9.56
CA MET D 217 2.81 -15.86 -8.71
C MET D 217 3.97 -15.23 -9.49
N GLY D 218 4.46 -14.10 -9.00
CA GLY D 218 5.46 -13.30 -9.66
C GLY D 218 6.78 -14.00 -9.89
N ARG D 219 7.54 -13.40 -10.81
CA ARG D 219 8.87 -13.91 -11.14
C ARG D 219 9.89 -13.89 -9.99
N GLY D 220 9.57 -13.18 -8.94
CA GLY D 220 10.44 -13.14 -7.75
C GLY D 220 10.36 -14.40 -6.96
N TYR D 221 9.28 -15.15 -7.11
CA TYR D 221 9.17 -16.47 -6.50
C TYR D 221 9.86 -17.51 -7.31
N ALA D 222 10.35 -18.54 -6.63
CA ALA D 222 10.77 -19.77 -7.32
C ALA D 222 9.66 -20.80 -7.20
N TRP D 223 9.27 -21.38 -8.32
CA TRP D 223 8.37 -22.51 -8.34
C TRP D 223 9.12 -23.55 -9.13
N LEU D 224 9.66 -24.57 -8.45
CA LEU D 224 10.44 -25.63 -9.09
C LEU D 224 9.67 -26.95 -8.97
N ASP D 225 9.86 -27.78 -9.99
CA ASP D 225 9.28 -29.12 -10.09
C ASP D 225 10.50 -30.03 -10.08
N THR D 226 10.65 -30.86 -9.07
CA THR D 226 11.81 -31.67 -8.83
C THR D 226 11.71 -33.07 -9.39
N GLY D 227 10.87 -33.26 -10.39
CA GLY D 227 10.54 -34.57 -10.90
C GLY D 227 11.37 -35.11 -12.05
N THR D 228 12.53 -34.52 -12.33
CA THR D 228 13.44 -35.06 -13.37
C THR D 228 14.80 -35.00 -12.76
N HIS D 229 15.72 -35.78 -13.31
CA HIS D 229 17.05 -35.78 -12.74
C HIS D 229 17.69 -34.37 -12.76
N ASP D 230 17.64 -33.66 -13.87
CA ASP D 230 18.17 -32.36 -13.97
C ASP D 230 17.53 -31.35 -13.04
N SER D 231 16.22 -31.41 -12.91
CA SER D 231 15.55 -30.40 -12.17
C SER D 231 15.75 -30.62 -10.67
N LEU D 232 15.94 -31.90 -10.28
CA LEU D 232 16.28 -32.23 -8.92
C LEU D 232 17.64 -31.64 -8.56
N LEU D 233 18.61 -31.78 -9.45
N LEU D 233 18.63 -31.78 -9.44
CA LEU D 233 19.91 -31.20 -9.17
CA LEU D 233 19.96 -31.16 -9.17
C LEU D 233 19.87 -29.66 -9.05
C LEU D 233 19.86 -29.66 -9.03
N GLU D 234 19.13 -29.02 -9.93
CA GLU D 234 19.00 -27.55 -9.91
C GLU D 234 18.33 -27.08 -8.62
N ALA D 235 17.30 -27.81 -8.22
CA ALA D 235 16.60 -27.46 -7.00
C ALA D 235 17.53 -27.61 -5.79
N GLY D 236 18.26 -28.72 -5.74
CA GLY D 236 19.21 -28.95 -4.70
C GLY D 236 20.23 -27.81 -4.56
N GLN D 237 20.76 -27.38 -5.69
N GLN D 237 20.75 -27.37 -5.69
CA GLN D 237 21.74 -26.30 -5.69
CA GLN D 237 21.71 -26.27 -5.72
C GLN D 237 21.10 -24.98 -5.24
C GLN D 237 21.09 -24.99 -5.23
N PHE D 238 19.84 -24.74 -5.63
CA PHE D 238 19.13 -23.54 -5.29
C PHE D 238 18.97 -23.46 -3.79
N ILE D 239 18.45 -24.54 -3.19
CA ILE D 239 18.33 -24.58 -1.71
C ILE D 239 19.68 -24.49 -1.01
N ALA D 240 20.72 -25.17 -1.52
CA ALA D 240 22.05 -25.09 -0.92
C ALA D 240 22.57 -23.65 -0.90
N THR D 241 22.36 -22.95 -1.99
CA THR D 241 22.89 -21.57 -2.11
C THR D 241 22.19 -20.67 -1.10
N LEU D 242 20.88 -20.79 -1.02
CA LEU D 242 20.10 -19.99 -0.02
C LEU D 242 20.50 -20.32 1.39
N GLU D 243 20.56 -21.63 1.70
CA GLU D 243 20.84 -22.05 3.09
C GLU D 243 22.22 -21.66 3.57
N ASN D 244 23.23 -21.85 2.70
CA ASN D 244 24.58 -21.52 3.10
C ASN D 244 24.89 -20.04 3.12
N ARG D 245 24.14 -19.26 2.37
CA ARG D 245 24.27 -17.83 2.38
C ARG D 245 23.64 -17.31 3.70
N GLN D 246 22.45 -17.80 4.03
CA GLN D 246 21.66 -17.25 5.12
C GLN D 246 21.94 -17.79 6.48
N GLY D 247 22.44 -19.01 6.56
CA GLY D 247 22.48 -19.69 7.86
C GLY D 247 21.08 -20.05 8.37
N LEU D 248 20.11 -20.11 7.47
CA LEU D 248 18.77 -20.55 7.74
C LEU D 248 18.44 -21.70 6.84
N LYS D 249 17.51 -22.54 7.25
CA LYS D 249 17.08 -23.63 6.42
C LYS D 249 15.69 -23.40 5.84
N VAL D 250 15.50 -23.88 4.61
CA VAL D 250 14.26 -23.76 3.92
C VAL D 250 13.38 -24.99 4.22
N ALA D 251 12.11 -24.76 4.51
CA ALA D 251 11.15 -25.83 4.68
C ALA D 251 11.43 -26.84 5.77
N CYS D 252 11.89 -26.37 6.93
N CYS D 252 11.83 -26.35 6.92
CA CYS D 252 11.96 -27.24 8.13
CA CYS D 252 11.99 -27.16 8.09
C CYS D 252 10.63 -27.25 8.83
C CYS D 252 10.65 -27.25 8.83
N PRO D 253 9.96 -28.39 8.80
CA PRO D 253 8.66 -28.43 9.47
C PRO D 253 8.75 -28.12 10.94
N GLU D 254 9.84 -28.52 11.58
CA GLU D 254 9.95 -28.23 13.01
C GLU D 254 9.94 -26.74 13.27
N GLU D 255 10.64 -26.04 12.45
CA GLU D 255 10.71 -24.59 12.63
C GLU D 255 9.37 -23.96 12.40
N ILE D 256 8.74 -24.36 11.30
CA ILE D 256 7.46 -23.76 10.96
C ILE D 256 6.41 -24.05 12.06
N ALA D 257 6.41 -25.27 12.57
CA ALA D 257 5.46 -25.61 13.62
C ALA D 257 5.66 -24.76 14.88
N TYR D 258 6.92 -24.53 15.21
CA TYR D 258 7.26 -23.72 16.35
C TYR D 258 6.86 -22.26 16.15
N ARG D 259 7.13 -21.76 14.96
CA ARG D 259 6.84 -20.37 14.65
C ARG D 259 5.34 -20.12 14.68
N GLN D 260 4.58 -21.13 14.30
CA GLN D 260 3.13 -21.05 14.32
C GLN D 260 2.52 -21.43 15.68
N LYS D 261 3.37 -21.73 16.66
CA LYS D 261 2.88 -22.13 17.99
C LYS D 261 2.12 -23.43 18.03
N TRP D 262 2.38 -24.32 17.10
CA TRP D 262 1.79 -25.64 17.05
C TRP D 262 2.54 -26.58 17.96
N ILE D 263 3.80 -26.23 18.23
CA ILE D 263 4.61 -26.93 19.20
C ILE D 263 5.30 -25.85 20.03
N ASP D 264 5.65 -26.16 21.29
CA ASP D 264 6.32 -25.18 22.16
C ASP D 264 7.83 -25.42 22.19
N ALA D 265 8.56 -24.60 22.93
CA ALA D 265 10.00 -24.71 22.98
C ALA D 265 10.51 -26.03 23.50
N ALA D 266 9.83 -26.54 24.51
CA ALA D 266 10.21 -27.82 25.09
C ALA D 266 10.17 -28.90 24.04
N GLN D 267 9.11 -28.83 23.22
CA GLN D 267 8.87 -29.77 22.15
C GLN D 267 9.91 -29.68 21.09
N LEU D 268 10.22 -28.46 20.67
CA LEU D 268 11.26 -28.25 19.70
C LEU D 268 12.62 -28.78 20.27
N GLU D 269 12.92 -28.47 21.53
CA GLU D 269 14.16 -28.98 22.13
C GLU D 269 14.26 -30.53 22.00
N LYS D 270 13.17 -31.21 22.31
CA LYS D 270 13.08 -32.68 22.23
C LYS D 270 13.25 -33.23 20.79
N LEU D 271 12.82 -32.47 19.79
CA LEU D 271 13.00 -32.87 18.39
C LEU D 271 14.44 -32.70 17.95
N ALA D 272 15.11 -31.71 18.51
CA ALA D 272 16.46 -31.39 18.08
C ALA D 272 17.47 -32.41 18.62
N ALA D 273 17.20 -32.91 19.81
CA ALA D 273 18.12 -33.82 20.49
C ALA D 273 18.67 -34.95 19.57
N PRO D 274 17.83 -35.77 18.94
CA PRO D 274 18.35 -36.86 18.12
C PRO D 274 19.07 -36.41 16.87
N LEU D 275 18.95 -35.14 16.52
CA LEU D 275 19.61 -34.61 15.34
C LEU D 275 20.79 -33.75 15.77
N ALA D 276 21.09 -33.77 17.06
CA ALA D 276 22.13 -32.90 17.61
C ALA D 276 23.48 -33.04 16.90
N LYS D 277 23.84 -34.26 16.51
CA LYS D 277 25.14 -34.47 15.88
C LYS D 277 25.30 -33.74 14.53
N ASN D 278 24.23 -33.30 13.88
CA ASN D 278 24.39 -32.61 12.61
C ASN D 278 23.86 -31.19 12.57
N GLY D 279 24.10 -30.57 11.43
CA GLY D 279 23.70 -29.22 11.17
C GLY D 279 22.22 -28.99 11.40
N TYR D 280 21.41 -29.97 11.04
CA TYR D 280 19.94 -29.81 11.14
C TYR D 280 19.49 -29.72 12.59
N GLY D 281 19.98 -30.61 13.45
CA GLY D 281 19.68 -30.59 14.89
C GLY D 281 20.26 -29.35 15.55
N GLN D 282 21.47 -28.99 15.15
CA GLN D 282 22.09 -27.81 15.71
C GLN D 282 21.28 -26.57 15.34
N TYR D 283 20.74 -26.58 14.12
CA TYR D 283 19.92 -25.49 13.65
C TYR D 283 18.65 -25.32 14.50
N LEU D 284 17.99 -26.43 14.76
CA LEU D 284 16.75 -26.41 15.53
C LEU D 284 17.00 -25.86 16.91
N LYS D 285 18.12 -26.26 17.50
CA LYS D 285 18.49 -25.74 18.79
C LYS D 285 18.70 -24.24 18.78
N ARG D 286 19.36 -23.75 17.77
CA ARG D 286 19.60 -22.35 17.66
C ARG D 286 18.31 -21.51 17.62
N LEU D 287 17.28 -22.07 17.01
CA LEU D 287 15.99 -21.35 16.88
C LEU D 287 15.34 -21.06 18.26
N LEU D 288 15.82 -21.77 19.25
CA LEU D 288 15.32 -21.58 20.59
C LEU D 288 15.80 -20.28 21.20
N THR D 289 16.94 -19.79 20.78
CA THR D 289 17.46 -18.58 21.39
C THR D 289 17.86 -17.45 20.44
N GLU D 290 17.57 -17.60 19.19
CA GLU D 290 17.84 -16.55 18.25
C GLU D 290 16.51 -15.98 17.69
N THR D 291 16.36 -14.67 17.63
CA THR D 291 15.21 -14.10 16.98
C THR D 291 15.49 -14.04 15.48
N VAL D 292 14.58 -14.59 14.69
CA VAL D 292 14.67 -14.54 13.22
C VAL D 292 13.42 -13.84 12.71
N TYR D 293 13.61 -12.75 11.98
CA TYR D 293 12.50 -11.95 11.43
C TYR D 293 12.01 -12.50 10.10
N MET E 1 16.09 34.67 20.39
CA MET E 1 16.14 35.50 19.16
C MET E 1 14.72 35.84 18.61
N LYS E 2 14.43 37.13 18.47
CA LYS E 2 13.21 37.66 17.82
C LYS E 2 12.63 37.01 16.53
N ARG E 3 11.30 36.86 16.53
CA ARG E 3 10.64 36.28 15.37
C ARG E 3 9.67 37.29 14.74
N LYS E 4 9.80 37.43 13.43
CA LYS E 4 8.93 38.27 12.64
C LYS E 4 7.91 37.46 11.90
N GLY E 5 6.72 38.05 11.69
CA GLY E 5 5.63 37.33 11.05
C GLY E 5 5.24 37.92 9.71
N ILE E 6 4.67 37.06 8.89
CA ILE E 6 4.19 37.40 7.57
C ILE E 6 2.84 36.79 7.41
N ILE E 7 1.87 37.60 7.00
CA ILE E 7 0.54 37.12 6.66
C ILE E 7 0.45 37.25 5.18
N LEU E 8 0.27 36.11 4.50
CA LEU E 8 0.09 36.12 3.04
C LEU E 8 -1.40 36.10 2.69
N ALA E 9 -1.92 37.25 2.23
CA ALA E 9 -3.35 37.51 2.05
C ALA E 9 -3.68 38.01 0.66
N GLY E 10 -3.06 37.37 -0.32
CA GLY E 10 -3.34 37.73 -1.69
C GLY E 10 -4.16 36.66 -2.35
N GLY E 11 -3.74 36.29 -3.57
CA GLY E 11 -4.30 35.14 -4.26
C GLY E 11 -5.07 35.50 -5.48
N SER E 12 -5.24 34.48 -6.34
CA SER E 12 -5.94 34.55 -7.63
C SER E 12 -7.31 35.24 -7.60
N GLY E 13 -8.18 34.84 -6.66
CA GLY E 13 -9.47 35.50 -6.50
C GLY E 13 -10.64 34.92 -7.28
N THR E 14 -10.41 34.69 -8.58
CA THR E 14 -11.41 34.22 -9.52
C THR E 14 -12.36 33.08 -9.05
N ARG E 15 -11.88 32.09 -8.31
CA ARG E 15 -12.76 31.00 -7.83
C ARG E 15 -14.04 31.49 -7.14
N LEU E 16 -13.90 32.41 -6.17
CA LEU E 16 -15.04 32.91 -5.39
C LEU E 16 -15.80 34.07 -6.01
N HIS E 17 -15.50 34.41 -7.25
CA HIS E 17 -16.27 35.44 -7.90
C HIS E 17 -17.63 34.82 -8.23
N PRO E 18 -18.69 35.61 -8.34
CA PRO E 18 -18.66 37.06 -8.12
C PRO E 18 -18.72 37.51 -6.67
N ALA E 19 -18.81 36.58 -5.74
CA ALA E 19 -18.93 36.93 -4.32
C ALA E 19 -17.84 37.92 -3.96
N THR E 20 -16.61 37.72 -4.46
CA THR E 20 -15.51 38.61 -4.13
C THR E 20 -15.14 39.64 -5.21
N LEU E 21 -16.01 39.89 -6.17
CA LEU E 21 -15.65 40.85 -7.19
C LEU E 21 -15.27 42.17 -6.54
N ALA E 22 -15.97 42.54 -5.49
CA ALA E 22 -15.75 43.87 -4.91
C ALA E 22 -14.79 43.87 -3.75
N ILE E 23 -14.56 42.69 -3.19
CA ILE E 23 -13.83 42.58 -1.93
C ILE E 23 -12.99 41.34 -1.86
N SER E 24 -11.75 41.49 -1.42
CA SER E 24 -10.83 40.39 -1.28
C SER E 24 -11.41 39.50 -0.21
N LYS E 25 -11.25 38.20 -0.45
CA LYS E 25 -11.69 37.22 0.49
C LYS E 25 -11.24 37.56 1.89
N GLN E 26 -9.97 37.94 2.09
CA GLN E 26 -9.48 38.09 3.45
C GLN E 26 -9.99 39.33 4.19
N LEU E 27 -10.75 40.17 3.47
CA LEU E 27 -11.51 41.26 4.05
C LEU E 27 -12.96 40.85 4.34
N LEU E 28 -13.43 39.70 3.85
CA LEU E 28 -14.79 39.28 4.16
C LEU E 28 -14.91 38.93 5.66
N PRO E 29 -16.03 39.24 6.26
CA PRO E 29 -16.19 38.82 7.65
C PRO E 29 -16.48 37.34 7.79
N VAL E 30 -15.91 36.78 8.85
CA VAL E 30 -16.28 35.44 9.33
C VAL E 30 -17.07 35.72 10.59
N TYR E 31 -18.37 35.64 10.40
CA TYR E 31 -19.40 35.98 11.39
C TYR E 31 -19.43 37.44 11.72
N ASP E 32 -18.49 37.94 12.57
CA ASP E 32 -18.52 39.28 13.20
C ASP E 32 -17.27 40.16 13.09
N LYS E 33 -16.26 39.71 12.36
CA LYS E 33 -15.03 40.49 12.21
C LYS E 33 -14.29 40.01 10.97
N PRO E 34 -13.45 40.86 10.43
CA PRO E 34 -12.71 40.57 9.20
C PRO E 34 -11.90 39.30 9.28
N MET E 35 -11.92 38.56 8.20
N MET E 35 -11.93 38.54 8.19
CA MET E 35 -11.22 37.25 8.14
CA MET E 35 -11.22 37.25 8.14
C MET E 35 -9.78 37.41 8.58
C MET E 35 -9.78 37.40 8.58
N ILE E 36 -9.10 38.43 8.08
CA ILE E 36 -7.71 38.61 8.46
C ILE E 36 -7.45 38.72 9.97
N TYR E 37 -8.43 39.14 10.75
CA TYR E 37 -8.20 39.20 12.20
C TYR E 37 -7.82 37.86 12.77
N TYR E 38 -8.30 36.81 12.14
CA TYR E 38 -8.07 35.46 12.66
C TYR E 38 -6.58 35.04 12.59
N PRO E 39 -6.00 34.99 11.40
CA PRO E 39 -4.55 34.67 11.32
C PRO E 39 -3.68 35.74 12.00
N LEU E 40 -4.08 36.99 11.96
CA LEU E 40 -3.33 38.02 12.74
C LEU E 40 -3.28 37.63 14.23
N SER E 41 -4.44 37.29 14.80
CA SER E 41 -4.52 36.87 16.18
C SER E 41 -3.65 35.66 16.47
N THR E 42 -3.58 34.76 15.52
CA THR E 42 -2.70 33.59 15.68
C THR E 42 -1.24 34.03 15.84
N LEU E 43 -0.77 34.94 14.99
CA LEU E 43 0.61 35.46 15.16
C LEU E 43 0.81 36.17 16.50
N MET E 44 -0.18 36.94 16.90
CA MET E 44 -0.13 37.63 18.16
C MET E 44 -0.03 36.65 19.31
N LEU E 45 -0.82 35.59 19.24
CA LEU E 45 -0.80 34.57 20.31
C LEU E 45 0.51 33.82 20.38
N ALA E 46 1.24 33.83 19.27
CA ALA E 46 2.58 33.25 19.16
C ALA E 46 3.66 34.23 19.66
N GLY E 47 3.26 35.42 20.12
CA GLY E 47 4.17 36.42 20.66
C GLY E 47 4.80 37.37 19.63
N ILE E 48 4.28 37.36 18.39
CA ILE E 48 4.84 38.11 17.27
C ILE E 48 4.07 39.42 17.14
N ARG E 49 4.83 40.51 17.22
CA ARG E 49 4.33 41.90 17.16
C ARG E 49 4.67 42.62 15.87
N GLU E 50 5.75 42.21 15.23
CA GLU E 50 6.22 42.83 14.00
C GLU E 50 5.83 41.89 12.80
N ILE E 51 4.87 42.34 12.03
CA ILE E 51 4.23 41.54 11.03
C ILE E 51 4.15 42.26 9.68
N LEU E 52 4.46 41.54 8.61
CA LEU E 52 4.36 42.01 7.27
C LEU E 52 3.13 41.38 6.65
N ILE E 53 2.21 42.20 6.15
CA ILE E 53 1.04 41.74 5.42
C ILE E 53 1.29 41.91 3.93
N ILE E 54 1.16 40.81 3.20
CA ILE E 54 1.43 40.75 1.80
C ILE E 54 0.13 40.53 1.09
N SER E 55 -0.16 41.39 0.14
CA SER E 55 -1.35 41.16 -0.63
C SER E 55 -1.20 41.62 -2.06
N THR E 56 -2.29 41.68 -2.79
CA THR E 56 -2.21 42.04 -4.21
C THR E 56 -1.99 43.53 -4.34
N PRO E 57 -1.66 44.01 -5.55
CA PRO E 57 -1.50 45.46 -5.74
C PRO E 57 -2.77 46.23 -5.35
N GLN E 58 -3.91 45.69 -5.72
CA GLN E 58 -5.18 46.30 -5.41
C GLN E 58 -5.53 46.14 -3.96
N ASP E 59 -5.18 45.02 -3.31
CA ASP E 59 -5.65 44.85 -1.92
C ASP E 59 -4.70 45.31 -0.83
N THR E 60 -3.42 45.36 -1.13
CA THR E 60 -2.45 45.74 -0.11
C THR E 60 -2.82 47.11 0.50
N PRO E 61 -3.09 48.12 -0.30
CA PRO E 61 -3.53 49.41 0.24
C PRO E 61 -4.77 49.28 1.10
N ARG E 62 -5.60 48.32 0.80
CA ARG E 62 -6.85 48.14 1.57
C ARG E 62 -6.64 47.54 2.95
N PHE E 63 -5.70 46.63 3.06
CA PHE E 63 -5.31 46.14 4.36
C PHE E 63 -4.64 47.26 5.21
N GLN E 64 -3.80 48.09 4.57
CA GLN E 64 -3.13 49.20 5.25
C GLN E 64 -4.17 50.16 5.80
N GLN E 65 -5.24 50.37 5.02
CA GLN E 65 -6.35 51.21 5.47
C GLN E 65 -7.01 50.58 6.71
N LEU E 66 -7.35 49.32 6.63
CA LEU E 66 -8.08 48.63 7.68
C LEU E 66 -7.33 48.46 9.01
N LEU E 67 -6.03 48.22 8.89
CA LEU E 67 -5.22 47.89 10.06
C LEU E 67 -4.19 48.96 10.46
N GLY E 68 -3.85 49.85 9.55
CA GLY E 68 -2.83 50.85 9.82
C GLY E 68 -1.47 50.29 10.23
N ASP E 69 -0.72 51.10 10.97
CA ASP E 69 0.62 50.68 11.30
C ASP E 69 0.64 49.75 12.50
N GLY E 70 -0.49 49.49 13.09
CA GLY E 70 -0.59 48.50 14.15
C GLY E 70 -0.37 49.09 15.54
N SER E 71 0.11 50.33 15.55
CA SER E 71 0.49 51.00 16.80
C SER E 71 -0.65 51.00 17.82
N ASN E 72 -1.86 51.20 17.34
CA ASN E 72 -3.05 51.17 18.21
C ASN E 72 -3.22 49.83 18.98
N TRP E 73 -2.64 48.74 18.46
CA TRP E 73 -2.76 47.43 19.06
C TRP E 73 -1.42 46.92 19.62
N GLY E 74 -0.46 47.81 19.79
CA GLY E 74 0.86 47.42 20.26
C GLY E 74 1.68 46.66 19.23
N LEU E 75 1.29 46.73 17.96
CA LEU E 75 1.96 46.02 16.90
C LEU E 75 2.76 46.97 15.97
N ASP E 76 3.59 46.39 15.12
CA ASP E 76 4.32 47.11 14.08
C ASP E 76 4.01 46.37 12.80
N LEU E 77 3.01 46.89 12.10
CA LEU E 77 2.57 46.32 10.84
C LEU E 77 3.18 47.06 9.67
N GLN E 78 3.60 46.25 8.71
CA GLN E 78 4.20 46.69 7.48
C GLN E 78 3.50 45.98 6.37
N TYR E 79 3.65 46.54 5.19
CA TYR E 79 2.95 46.07 4.02
C TYR E 79 3.81 45.88 2.80
N ALA E 80 3.55 44.82 2.03
CA ALA E 80 4.22 44.64 0.75
C ALA E 80 3.31 43.98 -0.26
N VAL E 81 3.59 44.25 -1.52
CA VAL E 81 2.76 43.79 -2.60
C VAL E 81 3.31 42.52 -3.26
N GLN E 82 2.42 41.64 -3.67
CA GLN E 82 2.76 40.47 -4.48
C GLN E 82 2.13 40.73 -5.84
N PRO E 83 2.92 41.13 -6.83
CA PRO E 83 2.35 41.51 -8.13
C PRO E 83 1.59 40.39 -8.84
N SER E 84 1.99 39.14 -8.58
CA SER E 84 1.37 37.98 -9.18
C SER E 84 1.40 36.80 -8.20
N PRO E 85 0.35 35.99 -8.11
CA PRO E 85 0.31 34.88 -7.13
C PRO E 85 1.15 33.71 -7.61
N ASP E 86 2.44 33.90 -7.54
CA ASP E 86 3.36 32.95 -8.13
C ASP E 86 3.80 31.88 -7.12
N GLY E 87 3.18 31.82 -5.97
CA GLY E 87 3.47 30.76 -5.02
C GLY E 87 3.59 31.26 -3.59
N LEU E 88 3.30 30.39 -2.64
CA LEU E 88 3.36 30.78 -1.23
C LEU E 88 4.76 31.13 -0.85
N ALA E 89 5.72 30.42 -1.42
CA ALA E 89 7.09 30.64 -1.02
C ALA E 89 7.60 32.00 -1.48
N GLN E 90 6.91 32.61 -2.42
CA GLN E 90 7.30 33.97 -2.82
C GLN E 90 7.28 34.95 -1.65
N ALA E 91 6.53 34.63 -0.61
CA ALA E 91 6.46 35.50 0.56
C ALA E 91 7.82 35.77 1.15
N PHE E 92 8.71 34.80 1.07
CA PHE E 92 10.07 34.98 1.58
C PHE E 92 10.92 35.81 0.65
N LEU E 93 10.57 35.81 -0.63
CA LEU E 93 11.25 36.70 -1.56
C LEU E 93 10.77 38.15 -1.32
N ILE E 94 9.46 38.36 -1.35
CA ILE E 94 8.86 39.66 -1.11
C ILE E 94 9.32 40.18 0.25
N GLY E 95 9.35 39.28 1.25
CA GLY E 95 9.73 39.65 2.61
C GLY E 95 11.20 39.57 3.04
N GLU E 96 12.11 39.38 2.08
CA GLU E 96 13.54 39.19 2.42
C GLU E 96 14.08 40.33 3.26
N SER E 97 13.87 41.55 2.78
CA SER E 97 14.39 42.73 3.48
C SER E 97 13.67 42.88 4.83
N PHE E 98 12.35 42.65 4.86
CA PHE E 98 11.62 42.63 6.13
C PHE E 98 12.20 41.65 7.15
N ILE E 99 12.45 40.41 6.75
CA ILE E 99 13.00 39.40 7.65
C ILE E 99 14.42 39.65 8.15
N GLY E 100 15.30 40.10 7.26
CA GLY E 100 16.62 40.39 7.71
C GLY E 100 17.24 39.10 8.14
N ASN E 101 17.88 39.12 9.30
CA ASN E 101 18.62 37.97 9.78
C ASN E 101 17.84 37.38 10.93
N ASP E 102 16.52 37.58 10.96
CA ASP E 102 15.71 37.08 12.06
C ASP E 102 15.02 35.76 11.73
N LEU E 103 14.47 35.14 12.74
CA LEU E 103 13.55 34.01 12.55
C LEU E 103 12.25 34.52 12.04
N SER E 104 11.41 33.64 11.53
CA SER E 104 10.14 34.08 11.01
C SER E 104 9.02 33.05 11.15
N ALA E 105 7.83 33.52 10.82
CA ALA E 105 6.63 32.71 10.74
C ALA E 105 5.76 33.24 9.66
N LEU E 106 5.08 32.33 8.96
CA LEU E 106 4.20 32.66 7.87
C LEU E 106 2.87 32.03 8.19
N VAL E 107 1.82 32.83 8.03
CA VAL E 107 0.46 32.29 8.13
C VAL E 107 -0.34 32.78 6.92
N LEU E 108 -1.26 31.93 6.48
CA LEU E 108 -2.09 32.29 5.36
C LEU E 108 -3.26 33.14 5.83
N GLY E 109 -3.65 34.12 5.03
CA GLY E 109 -4.67 35.07 5.44
C GLY E 109 -6.09 34.51 5.61
N ASP E 110 -6.34 33.33 5.08
CA ASP E 110 -7.62 32.70 5.16
C ASP E 110 -7.63 31.48 6.06
N ASN E 111 -6.65 31.35 6.91
CA ASN E 111 -6.57 30.18 7.84
C ASN E 111 -7.06 30.56 9.23
N LEU E 112 -8.04 29.81 9.72
CA LEU E 112 -8.68 30.06 11.00
C LEU E 112 -8.42 28.86 11.94
N TYR E 113 -7.66 29.09 12.98
CA TYR E 113 -7.33 28.09 13.99
C TYR E 113 -8.03 28.41 15.29
N TYR E 114 -8.43 27.38 16.02
CA TYR E 114 -9.05 27.59 17.29
C TYR E 114 -8.97 26.33 18.16
N GLY E 115 -8.57 26.52 19.42
CA GLY E 115 -8.67 25.39 20.32
C GLY E 115 -7.94 25.58 21.64
N HIS E 116 -8.25 24.71 22.57
CA HIS E 116 -7.61 24.71 23.86
C HIS E 116 -6.14 24.44 23.82
N ASP E 117 -5.41 25.21 24.59
CA ASP E 117 -3.96 25.10 24.74
C ASP E 117 -3.25 25.49 23.43
N PHE E 118 -3.89 26.27 22.57
CA PHE E 118 -3.24 26.68 21.31
C PHE E 118 -1.97 27.49 21.62
N HIS E 119 -2.00 28.25 22.70
CA HIS E 119 -0.82 29.08 22.96
C HIS E 119 0.43 28.19 23.22
N GLU E 120 0.23 27.02 23.82
CA GLU E 120 1.32 26.08 24.07
C GLU E 120 1.88 25.44 22.83
N LEU E 121 0.98 25.11 21.90
CA LEU E 121 1.33 24.59 20.60
C LEU E 121 2.17 25.59 19.83
N LEU E 122 1.72 26.83 19.82
CA LEU E 122 2.46 27.91 19.17
C LEU E 122 3.81 28.11 19.84
N GLY E 123 3.79 28.23 21.17
CA GLY E 123 4.99 28.43 21.96
C GLY E 123 6.08 27.38 21.72
N SER E 124 5.72 26.14 21.59
CA SER E 124 6.75 25.15 21.32
C SER E 124 7.42 25.30 19.94
N ALA E 125 6.66 25.67 18.91
CA ALA E 125 7.27 25.94 17.62
C ALA E 125 8.08 27.24 17.68
N SER E 126 7.54 28.22 18.36
CA SER E 126 8.19 29.51 18.47
C SER E 126 9.57 29.42 19.13
N GLN E 127 9.70 28.50 20.07
CA GLN E 127 10.94 28.41 20.81
C GLN E 127 12.09 27.72 20.09
N ARG E 128 11.77 26.98 19.05
CA ARG E 128 12.78 26.32 18.24
C ARG E 128 13.58 27.31 17.45
N GLN E 129 14.84 27.48 17.84
CA GLN E 129 15.67 28.46 17.17
C GLN E 129 16.30 27.89 15.87
N THR E 130 16.25 26.58 15.71
CA THR E 130 16.91 25.90 14.58
C THR E 130 15.84 25.18 13.79
N GLY E 131 15.99 25.12 12.47
CA GLY E 131 15.09 24.39 11.59
C GLY E 131 13.77 25.07 11.38
N ALA E 132 12.78 24.26 11.02
CA ALA E 132 11.45 24.72 10.74
C ALA E 132 10.43 23.88 11.51
N SER E 133 9.24 24.43 11.77
CA SER E 133 8.18 23.68 12.39
C SER E 133 6.91 23.91 11.55
N VAL E 134 6.19 22.84 11.32
CA VAL E 134 4.88 22.92 10.69
C VAL E 134 3.90 22.05 11.48
N PHE E 135 2.62 22.12 11.13
CA PHE E 135 1.61 21.37 11.87
C PHE E 135 0.82 20.49 10.95
N ALA E 136 0.48 19.31 11.43
CA ALA E 136 -0.25 18.26 10.67
C ALA E 136 -1.64 18.09 11.28
N TYR E 137 -2.68 18.08 10.44
CA TYR E 137 -4.06 18.01 10.88
C TYR E 137 -4.77 17.01 10.00
N HIS E 138 -5.45 16.11 10.65
CA HIS E 138 -6.20 15.05 9.92
C HIS E 138 -7.39 15.73 9.19
N VAL E 139 -7.50 15.49 7.89
CA VAL E 139 -8.58 16.06 7.06
C VAL E 139 -9.24 15.00 6.20
N LEU E 140 -10.43 15.32 5.73
CA LEU E 140 -11.20 14.41 4.88
C LEU E 140 -10.60 14.34 3.48
N ASP E 141 -10.10 15.49 3.01
CA ASP E 141 -9.62 15.57 1.63
C ASP E 141 -8.17 16.02 1.51
N PRO E 142 -7.25 15.17 1.94
CA PRO E 142 -5.85 15.57 1.95
C PRO E 142 -5.30 15.93 0.56
N GLU E 143 -5.89 15.36 -0.49
CA GLU E 143 -5.45 15.68 -1.87
C GLU E 143 -5.52 17.21 -2.18
N ARG E 144 -6.24 18.01 -1.39
CA ARG E 144 -6.27 19.46 -1.57
C ARG E 144 -5.12 20.23 -0.98
N TYR E 145 -4.22 19.53 -0.28
CA TYR E 145 -3.24 20.22 0.52
C TYR E 145 -1.86 19.62 0.34
N GLY E 146 -0.89 20.25 1.03
CA GLY E 146 0.41 19.62 1.24
C GLY E 146 0.13 18.45 2.18
N VAL E 147 0.65 17.26 1.95
CA VAL E 147 0.37 16.11 2.72
C VAL E 147 1.65 15.56 3.32
N VAL E 148 1.57 15.25 4.60
CA VAL E 148 2.73 14.70 5.31
C VAL E 148 2.44 13.25 5.69
N GLU E 149 3.40 12.39 5.34
CA GLU E 149 3.38 11.00 5.61
C GLU E 149 4.23 10.71 6.83
N PHE E 150 3.75 9.86 7.73
CA PHE E 150 4.51 9.43 8.89
C PHE E 150 4.87 7.94 8.81
N ASP E 151 5.97 7.54 9.42
CA ASP E 151 6.30 6.10 9.45
C ASP E 151 5.54 5.48 10.62
N GLN E 152 5.73 4.20 10.86
N GLN E 152 5.73 4.19 10.85
CA GLN E 152 4.97 3.52 11.92
CA GLN E 152 4.98 3.50 11.92
C GLN E 152 5.30 4.07 13.30
C GLN E 152 5.31 4.06 13.29
N GLY E 153 6.47 4.66 13.42
CA GLY E 153 6.88 5.27 14.68
C GLY E 153 6.42 6.68 14.92
N GLY E 154 5.68 7.22 13.97
CA GLY E 154 5.18 8.58 14.10
C GLY E 154 6.09 9.68 13.55
N LYS E 155 7.18 9.31 12.87
CA LYS E 155 8.09 10.33 12.40
C LYS E 155 7.73 10.72 10.96
N ALA E 156 7.70 11.99 10.67
CA ALA E 156 7.46 12.47 9.29
C ALA E 156 8.58 11.97 8.37
N ILE E 157 8.16 11.43 7.24
CA ILE E 157 9.05 10.87 6.24
C ILE E 157 8.86 11.38 4.84
N SER E 158 7.75 12.03 4.52
CA SER E 158 7.63 12.63 3.20
C SER E 158 6.58 13.71 3.17
N LEU E 159 6.77 14.61 2.17
CA LEU E 159 5.81 15.65 1.86
C LEU E 159 5.48 15.62 0.39
N GLU E 160 4.20 15.79 0.06
N GLU E 160 4.21 15.80 0.06
CA GLU E 160 3.74 15.89 -1.34
CA GLU E 160 3.75 15.89 -1.34
C GLU E 160 2.69 16.97 -1.46
C GLU E 160 2.69 16.97 -1.46
N GLU E 161 2.83 17.83 -2.44
CA GLU E 161 1.85 18.88 -2.67
C GLU E 161 0.68 18.36 -3.51
N LYS E 162 -0.53 18.40 -2.95
CA LYS E 162 -1.73 17.96 -3.64
C LYS E 162 -1.57 16.66 -4.42
N PRO E 163 -1.24 15.57 -3.73
CA PRO E 163 -1.03 14.26 -4.36
C PRO E 163 -2.36 13.69 -4.85
N LEU E 164 -2.33 13.07 -6.02
CA LEU E 164 -3.51 12.39 -6.49
C LEU E 164 -3.79 11.16 -5.61
N GLU E 165 -2.75 10.51 -5.09
CA GLU E 165 -2.89 9.36 -4.19
C GLU E 165 -2.17 9.69 -2.90
N PRO E 166 -2.85 10.44 -2.05
CA PRO E 166 -2.24 10.89 -0.80
C PRO E 166 -1.77 9.73 0.04
N LYS E 167 -0.59 9.84 0.67
CA LYS E 167 -0.04 8.78 1.52
C LYS E 167 -0.51 8.80 2.95
N SER E 168 -1.32 9.79 3.30
CA SER E 168 -1.95 9.84 4.61
C SER E 168 -3.07 10.85 4.50
N ASN E 169 -3.82 11.00 5.58
CA ASN E 169 -4.87 11.96 5.68
C ASN E 169 -4.46 13.21 6.48
N TYR E 170 -3.14 13.40 6.62
CA TYR E 170 -2.60 14.53 7.35
C TYR E 170 -2.15 15.63 6.38
N ALA E 171 -2.88 16.73 6.48
CA ALA E 171 -2.53 17.93 5.76
C ALA E 171 -1.58 18.80 6.58
N VAL E 172 -0.68 19.46 5.86
CA VAL E 172 0.17 20.47 6.52
C VAL E 172 -0.66 21.76 6.53
N THR E 173 -0.87 22.36 7.69
CA THR E 173 -1.69 23.58 7.76
C THR E 173 -0.95 24.81 7.28
N GLY E 174 -1.69 25.90 7.06
CA GLY E 174 -1.11 27.14 6.55
C GLY E 174 -0.47 28.00 7.62
N LEU E 175 0.38 27.41 8.46
CA LEU E 175 1.11 28.10 9.51
C LEU E 175 2.51 27.49 9.61
N TYR E 176 3.52 28.29 9.49
CA TYR E 176 4.88 27.75 9.33
C TYR E 176 5.87 28.59 10.10
N PHE E 177 6.76 27.96 10.82
CA PHE E 177 7.80 28.66 11.56
C PHE E 177 9.17 28.33 10.97
N TYR E 178 10.02 29.35 10.76
CA TYR E 178 11.30 29.11 10.13
C TYR E 178 12.45 29.79 10.81
N ASP E 179 13.61 29.15 10.70
CA ASP E 179 14.87 29.81 11.12
C ASP E 179 15.42 30.72 10.01
N GLN E 180 16.66 31.17 10.15
CA GLN E 180 17.27 32.06 9.16
C GLN E 180 17.57 31.50 7.80
N GLN E 181 17.42 30.18 7.64
CA GLN E 181 17.76 29.54 6.37
C GLN E 181 16.69 29.74 5.27
N VAL E 182 15.49 30.16 5.63
CA VAL E 182 14.35 30.07 4.70
C VAL E 182 14.44 30.95 3.49
N VAL E 183 14.96 32.15 3.71
CA VAL E 183 15.10 33.05 2.58
C VAL E 183 15.96 32.44 1.46
N ASP E 184 17.09 31.81 1.79
CA ASP E 184 18.00 31.28 0.76
C ASP E 184 17.43 30.00 0.15
N ILE E 185 16.68 29.24 0.95
CA ILE E 185 16.01 28.08 0.46
C ILE E 185 15.03 28.54 -0.58
N ALA E 186 14.26 29.59 -0.29
CA ALA E 186 13.23 30.04 -1.22
C ALA E 186 13.89 30.57 -2.49
N ARG E 187 15.05 31.18 -2.32
CA ARG E 187 15.79 31.76 -3.44
C ARG E 187 16.23 30.71 -4.44
N ASP E 188 16.50 29.51 -3.94
CA ASP E 188 17.04 28.43 -4.72
C ASP E 188 16.00 27.37 -5.17
N LEU E 189 14.70 27.66 -5.01
CA LEU E 189 13.62 26.71 -5.35
C LEU E 189 13.49 26.39 -6.82
N LYS E 190 13.14 25.14 -7.10
CA LYS E 190 12.80 24.74 -8.43
C LYS E 190 11.32 25.02 -8.65
N PRO E 191 11.04 25.90 -9.59
CA PRO E 191 9.68 26.33 -9.85
C PRO E 191 8.86 25.13 -10.19
N SER E 192 7.63 25.18 -9.76
CA SER E 192 6.80 24.03 -9.90
C SER E 192 6.42 23.82 -11.33
N PRO E 193 5.91 22.62 -11.55
CA PRO E 193 5.16 22.33 -12.76
C PRO E 193 3.95 23.25 -12.61
N ARG E 194 3.12 22.92 -11.60
CA ARG E 194 1.95 23.70 -11.24
C ARG E 194 2.30 25.12 -11.62
N GLY E 195 3.60 25.42 -11.51
CA GLY E 195 4.18 26.72 -11.91
C GLY E 195 4.52 27.61 -10.70
N GLU E 196 4.19 27.18 -9.49
CA GLU E 196 4.41 28.02 -8.34
C GLU E 196 5.79 27.84 -7.64
N LEU E 197 6.07 28.77 -6.73
CA LEU E 197 7.18 28.66 -5.84
C LEU E 197 6.48 28.09 -4.63
N GLU E 198 6.64 26.81 -4.42
CA GLU E 198 5.82 26.07 -3.44
C GLU E 198 6.40 25.97 -2.06
N ILE E 199 5.59 26.27 -1.06
CA ILE E 199 6.02 26.18 0.33
C ILE E 199 6.32 24.72 0.66
N THR E 200 5.66 23.79 0.01
CA THR E 200 5.93 22.35 0.28
C THR E 200 7.38 22.04 -0.07
N ASP E 201 7.89 22.69 -1.13
CA ASP E 201 9.26 22.51 -1.46
C ASP E 201 10.20 23.08 -0.42
N VAL E 202 9.85 24.23 0.18
CA VAL E 202 10.62 24.84 1.21
C VAL E 202 10.69 23.88 2.39
N ASN E 203 9.52 23.36 2.75
CA ASN E 203 9.41 22.46 3.89
C ASN E 203 10.20 21.16 3.67
N ARG E 204 10.21 20.69 2.42
CA ARG E 204 10.96 19.52 2.08
C ARG E 204 12.46 19.72 2.20
N ALA E 205 12.94 20.92 1.88
CA ALA E 205 14.35 21.25 2.01
C ALA E 205 14.81 21.05 3.48
N TYR E 206 13.99 21.50 4.39
CA TYR E 206 14.28 21.26 5.79
C TYR E 206 14.19 19.79 6.14
N LEU E 207 13.15 19.11 5.66
CA LEU E 207 12.97 17.65 5.92
C LEU E 207 14.18 16.83 5.48
N GLU E 208 14.73 17.18 4.31
CA GLU E 208 15.83 16.41 3.73
C GLU E 208 17.16 16.66 4.44
N ARG E 209 17.18 17.68 5.30
CA ARG E 209 18.32 17.95 6.18
C ARG E 209 18.03 17.49 7.64
N GLY E 210 16.90 16.86 7.87
CA GLY E 210 16.54 16.41 9.19
C GLY E 210 16.20 17.55 10.13
N GLN E 211 15.80 18.66 9.56
CA GLN E 211 15.55 19.87 10.33
C GLN E 211 14.08 20.34 10.28
N LEU E 212 13.17 19.47 9.89
CA LEU E 212 11.77 19.75 9.92
C LEU E 212 11.07 19.11 11.11
N SER E 213 10.44 19.96 11.92
N SER E 213 10.44 19.95 11.92
CA SER E 213 9.63 19.45 13.03
CA SER E 213 9.63 19.43 13.03
C SER E 213 8.21 19.46 12.56
C SER E 213 8.20 19.46 12.58
N VAL E 214 7.54 18.30 12.65
CA VAL E 214 6.13 18.25 12.30
C VAL E 214 5.35 17.91 13.57
N GLU E 215 4.59 18.88 14.08
CA GLU E 215 3.77 18.70 15.28
C GLU E 215 2.33 18.37 14.86
N ILE E 216 1.74 17.37 15.52
CA ILE E 216 0.37 17.06 15.28
C ILE E 216 -0.49 18.14 15.88
N MET E 217 -1.47 18.59 15.12
CA MET E 217 -2.50 19.50 15.63
C MET E 217 -3.67 18.56 15.80
N GLY E 218 -3.98 18.16 17.05
CA GLY E 218 -5.01 17.15 17.30
C GLY E 218 -6.43 17.51 16.83
N ARG E 219 -7.30 16.50 16.81
CA ARG E 219 -8.67 16.68 16.36
C ARG E 219 -9.50 17.57 17.30
N GLY E 220 -9.00 17.85 18.49
CA GLY E 220 -9.72 18.78 19.39
C GLY E 220 -9.60 20.23 18.93
N TYR E 221 -8.61 20.53 18.08
CA TYR E 221 -8.54 21.79 17.43
C TYR E 221 -9.42 21.90 16.20
N ALA E 222 -9.92 23.12 15.96
CA ALA E 222 -10.51 23.44 14.71
C ALA E 222 -9.50 24.18 13.82
N TRP E 223 -9.31 23.65 12.64
CA TRP E 223 -8.57 24.34 11.59
C TRP E 223 -9.48 24.46 10.41
N LEU E 224 -9.97 25.65 10.17
CA LEU E 224 -10.85 25.85 8.99
C LEU E 224 -10.17 26.72 7.93
N ASP E 225 -10.52 26.49 6.67
CA ASP E 225 -9.95 27.27 5.57
C ASP E 225 -11.15 28.01 5.01
N THR E 226 -11.10 29.31 4.86
CA THR E 226 -12.28 30.01 4.45
C THR E 226 -12.41 30.23 2.96
N GLY E 227 -11.88 29.28 2.21
CA GLY E 227 -11.69 29.38 0.79
C GLY E 227 -12.85 29.15 -0.16
N THR E 228 -13.96 28.51 0.27
CA THR E 228 -15.10 28.26 -0.61
C THR E 228 -16.34 28.89 -0.01
N HIS E 229 -17.38 29.07 -0.82
CA HIS E 229 -18.60 29.64 -0.26
C HIS E 229 -19.18 28.84 0.90
N ASP E 230 -19.20 27.53 0.76
CA ASP E 230 -19.77 26.68 1.80
C ASP E 230 -18.94 26.72 3.04
N SER E 231 -17.62 26.69 2.86
N SER E 231 -17.62 26.66 2.87
CA SER E 231 -16.68 26.63 3.97
CA SER E 231 -16.69 26.65 4.00
C SER E 231 -16.72 27.92 4.82
C SER E 231 -16.76 27.92 4.82
N LEU E 232 -16.90 29.06 4.14
CA LEU E 232 -16.99 30.32 4.82
C LEU E 232 -18.25 30.38 5.68
N LEU E 233 -19.36 29.82 5.19
CA LEU E 233 -20.59 29.82 5.94
C LEU E 233 -20.44 28.94 7.17
N GLU E 234 -19.76 27.81 6.98
CA GLU E 234 -19.56 26.91 8.10
C GLU E 234 -18.70 27.54 9.15
N ALA E 235 -17.69 28.27 8.73
CA ALA E 235 -16.79 28.88 9.67
C ALA E 235 -17.55 29.93 10.47
N GLY E 236 -18.35 30.71 9.75
CA GLY E 236 -19.19 31.71 10.39
C GLY E 236 -20.07 31.16 11.51
N GLN E 237 -20.72 30.03 11.23
CA GLN E 237 -21.61 29.41 12.17
C GLN E 237 -20.83 28.88 13.34
N PHE E 238 -19.62 28.36 13.04
CA PHE E 238 -18.76 27.84 14.10
C PHE E 238 -18.40 28.91 15.13
N ILE E 239 -17.96 30.06 14.64
CA ILE E 239 -17.57 31.19 15.50
C ILE E 239 -18.83 31.68 16.24
N ALA E 240 -19.93 31.78 15.51
CA ALA E 240 -21.15 32.30 16.13
C ALA E 240 -21.56 31.42 17.30
N THR E 241 -21.45 30.11 17.12
CA THR E 241 -21.91 29.17 18.14
C THR E 241 -21.02 29.35 19.38
N LEU E 242 -19.73 29.40 19.17
CA LEU E 242 -18.80 29.59 20.31
C LEU E 242 -19.04 30.91 21.02
N GLU E 243 -19.16 32.00 20.26
CA GLU E 243 -19.26 33.32 20.86
C GLU E 243 -20.54 33.48 21.62
N ASN E 244 -21.65 32.98 21.03
CA ASN E 244 -22.93 33.13 21.68
C ASN E 244 -23.07 32.27 22.90
N ARG E 245 -22.46 31.10 22.88
CA ARG E 245 -22.49 30.23 24.04
C ARG E 245 -21.67 30.81 25.21
N GLN E 246 -20.49 31.34 24.88
CA GLN E 246 -19.48 31.78 25.85
C GLN E 246 -19.64 33.21 26.37
N GLY E 247 -20.16 34.12 25.54
CA GLY E 247 -20.12 35.52 25.86
C GLY E 247 -18.70 36.05 25.77
N LEU E 248 -17.85 35.35 25.01
CA LEU E 248 -16.47 35.71 24.71
C LEU E 248 -16.34 35.83 23.19
N LYS E 249 -15.41 36.59 22.68
CA LYS E 249 -15.20 36.65 21.25
C LYS E 249 -13.88 36.03 20.85
N VAL E 250 -13.90 35.39 19.70
CA VAL E 250 -12.75 34.74 19.13
C VAL E 250 -11.91 35.71 18.31
N ALA E 251 -10.60 35.73 18.57
CA ALA E 251 -9.66 36.46 17.76
C ALA E 251 -9.90 37.95 17.66
N CYS E 252 -10.24 38.59 18.79
N CYS E 252 -10.18 38.57 18.80
CA CYS E 252 -10.26 40.05 18.88
CA CYS E 252 -10.30 39.99 18.87
C CYS E 252 -8.83 40.51 19.14
C CYS E 252 -8.87 40.54 19.16
N PRO E 253 -8.21 41.19 18.18
CA PRO E 253 -6.84 41.64 18.37
C PRO E 253 -6.65 42.55 19.58
N GLU E 254 -7.68 43.34 19.85
CA GLU E 254 -7.60 44.31 20.92
C GLU E 254 -7.53 43.57 22.23
N GLU E 255 -8.31 42.48 22.33
CA GLU E 255 -8.29 41.67 23.56
C GLU E 255 -6.95 41.00 23.76
N ILE E 256 -6.44 40.40 22.68
CA ILE E 256 -5.14 39.73 22.78
C ILE E 256 -4.00 40.69 23.17
N ALA E 257 -3.95 41.86 22.55
CA ALA E 257 -2.94 42.85 22.85
C ALA E 257 -2.97 43.21 24.32
N TYR E 258 -4.19 43.33 24.84
CA TYR E 258 -4.39 43.74 26.23
C TYR E 258 -3.91 42.65 27.15
N ARG E 259 -4.33 41.42 26.88
CA ARG E 259 -3.94 40.30 27.74
C ARG E 259 -2.43 40.11 27.74
N GLN E 260 -1.81 40.43 26.62
CA GLN E 260 -0.36 40.29 26.46
C GLN E 260 0.45 41.49 26.95
N LYS E 261 -0.24 42.47 27.51
CA LYS E 261 0.37 43.71 27.98
C LYS E 261 1.07 44.54 26.89
N TRP E 262 0.64 44.38 25.65
CA TRP E 262 1.10 45.21 24.56
C TRP E 262 0.39 46.54 24.52
N ILE E 263 -0.80 46.59 25.12
CA ILE E 263 -1.53 47.86 25.30
C ILE E 263 -2.10 47.82 26.72
N ASP E 264 -2.26 49.00 27.33
CA ASP E 264 -2.81 49.05 28.70
C ASP E 264 -4.32 49.33 28.71
N ALA E 265 -4.88 49.32 29.91
CA ALA E 265 -6.29 49.55 30.10
C ALA E 265 -6.76 50.87 29.53
N ALA E 266 -5.95 51.92 29.63
CA ALA E 266 -6.35 53.20 29.10
C ALA E 266 -6.47 53.11 27.56
N GLN E 267 -5.55 52.37 26.96
CA GLN E 267 -5.49 52.22 25.51
C GLN E 267 -6.69 51.41 25.02
N LEU E 268 -7.03 50.36 25.74
CA LEU E 268 -8.18 49.55 25.37
C LEU E 268 -9.49 50.34 25.40
N GLU E 269 -9.64 51.14 26.44
CA GLU E 269 -10.85 51.94 26.67
C GLU E 269 -10.97 52.87 25.49
N LYS E 270 -9.85 53.44 25.07
CA LYS E 270 -9.83 54.35 23.89
C LYS E 270 -10.22 53.64 22.54
N LEU E 271 -9.82 52.38 22.42
CA LEU E 271 -10.20 51.57 21.26
C LEU E 271 -11.69 51.24 21.30
N ALA E 272 -12.21 51.00 22.51
CA ALA E 272 -13.62 50.67 22.67
C ALA E 272 -14.58 51.83 22.35
N ALA E 273 -14.17 53.05 22.60
CA ALA E 273 -15.12 54.18 22.49
C ALA E 273 -15.87 54.31 21.16
N PRO E 274 -15.20 54.22 20.04
CA PRO E 274 -15.86 54.40 18.75
C PRO E 274 -16.73 53.23 18.34
N LEU E 275 -16.61 52.11 19.03
CA LEU E 275 -17.39 50.93 18.73
C LEU E 275 -18.40 50.69 19.84
N ALA E 276 -18.53 51.68 20.72
CA ALA E 276 -19.34 51.54 21.92
C ALA E 276 -20.81 51.32 21.60
N LYS E 277 -21.26 51.75 20.44
CA LYS E 277 -22.68 51.61 20.14
C LYS E 277 -22.99 50.21 19.66
N ASN E 278 -21.96 49.37 19.61
CA ASN E 278 -22.14 48.01 19.14
C ASN E 278 -21.58 46.98 20.09
N GLY E 279 -21.95 45.73 19.83
CA GLY E 279 -21.57 44.61 20.63
C GLY E 279 -20.07 44.44 20.72
N TYR E 280 -19.35 44.85 19.70
CA TYR E 280 -17.90 44.64 19.72
C TYR E 280 -17.28 45.63 20.70
N GLY E 281 -17.68 46.90 20.61
CA GLY E 281 -17.16 47.88 21.55
C GLY E 281 -17.59 47.61 22.99
N GLN E 282 -18.83 47.18 23.13
CA GLN E 282 -19.34 46.79 24.44
C GLN E 282 -18.51 45.66 25.07
N TYR E 283 -18.10 44.74 24.21
CA TYR E 283 -17.24 43.63 24.67
C TYR E 283 -15.89 44.10 25.18
N LEU E 284 -15.23 44.95 24.40
CA LEU E 284 -13.94 45.45 24.79
C LEU E 284 -14.03 46.12 26.15
N LYS E 285 -15.07 46.91 26.35
CA LYS E 285 -15.21 47.61 27.63
C LYS E 285 -15.34 46.65 28.83
N ARG E 286 -16.09 45.59 28.60
CA ARG E 286 -16.29 44.59 29.64
C ARG E 286 -14.98 43.95 30.12
N LEU E 287 -14.04 43.83 29.20
CA LEU E 287 -12.78 43.19 29.50
C LEU E 287 -11.94 43.91 30.51
N LEU E 288 -12.29 45.16 30.75
CA LEU E 288 -11.55 45.97 31.69
C LEU E 288 -11.92 45.65 33.10
N THR E 289 -13.10 45.11 33.31
CA THR E 289 -13.48 44.83 34.66
C THR E 289 -13.67 43.37 34.96
N GLU E 290 -13.87 42.52 33.96
CA GLU E 290 -14.10 41.13 34.19
C GLU E 290 -12.82 40.28 34.11
N THR E 291 -12.63 39.37 35.05
CA THR E 291 -11.54 38.40 34.98
C THR E 291 -11.99 37.20 34.11
N VAL E 292 -11.21 36.94 33.08
CA VAL E 292 -11.44 35.79 32.17
C VAL E 292 -10.23 34.90 32.25
N TYR E 293 -10.43 33.65 32.64
CA TYR E 293 -9.35 32.68 32.85
C TYR E 293 -9.02 31.93 31.56
N MET F 1 -46.86 54.24 -18.42
CA MET F 1 -45.88 55.18 -17.83
C MET F 1 -44.67 54.39 -17.33
N LYS F 2 -43.49 54.87 -17.65
CA LYS F 2 -42.24 54.30 -17.18
C LYS F 2 -42.06 54.41 -15.65
N ARG F 3 -41.57 53.30 -15.04
CA ARG F 3 -41.16 53.32 -13.63
C ARG F 3 -39.66 53.15 -13.49
N LYS F 4 -39.04 54.07 -12.80
CA LYS F 4 -37.63 54.01 -12.49
C LYS F 4 -37.44 53.44 -11.11
N GLY F 5 -36.32 52.81 -10.89
CA GLY F 5 -35.96 52.20 -9.66
C GLY F 5 -34.84 52.91 -8.95
N ILE F 6 -34.81 52.74 -7.63
CA ILE F 6 -33.76 53.24 -6.78
C ILE F 6 -33.39 52.15 -5.80
N ILE F 7 -32.09 51.92 -5.65
CA ILE F 7 -31.57 51.05 -4.57
C ILE F 7 -30.89 51.98 -3.58
N LEU F 8 -31.35 51.99 -2.35
CA LEU F 8 -30.68 52.77 -1.32
C LEU F 8 -29.70 51.85 -0.62
N ALA F 9 -28.43 52.07 -0.92
CA ALA F 9 -27.34 51.23 -0.45
C ALA F 9 -26.29 52.08 0.29
N GLY F 10 -26.80 52.93 1.19
CA GLY F 10 -25.96 53.79 2.00
C GLY F 10 -25.54 53.19 3.31
N GLY F 11 -25.10 54.05 4.20
CA GLY F 11 -24.26 53.56 5.30
C GLY F 11 -25.05 53.57 6.52
N SER F 12 -24.35 54.07 7.54
CA SER F 12 -24.76 54.19 8.94
C SER F 12 -23.48 53.59 9.42
N GLY F 13 -23.29 52.38 8.91
CA GLY F 13 -22.09 51.60 9.10
C GLY F 13 -21.93 51.05 10.50
N THR F 14 -21.76 51.96 11.47
CA THR F 14 -21.28 51.67 12.84
C THR F 14 -21.80 50.46 13.61
N ARG F 15 -22.97 49.97 13.28
CA ARG F 15 -23.48 48.81 13.98
C ARG F 15 -22.58 47.57 13.77
N LEU F 16 -22.35 47.21 12.50
CA LEU F 16 -21.60 45.98 12.13
C LEU F 16 -20.09 46.09 12.08
N HIS F 17 -19.54 47.16 12.64
CA HIS F 17 -18.11 47.30 12.72
C HIS F 17 -17.67 46.33 13.79
N PRO F 18 -16.49 45.74 13.64
CA PRO F 18 -15.56 46.03 12.54
C PRO F 18 -15.76 45.20 11.28
N ALA F 19 -16.71 44.29 11.28
CA ALA F 19 -16.91 43.39 10.16
C ALA F 19 -16.95 44.19 8.87
N THR F 20 -17.57 45.36 8.91
CA THR F 20 -17.70 46.17 7.70
C THR F 20 -16.74 47.32 7.58
N LEU F 21 -15.67 47.32 8.36
CA LEU F 21 -14.75 48.45 8.26
C LEU F 21 -14.09 48.53 6.91
N ALA F 22 -13.86 47.39 6.28
CA ALA F 22 -13.12 47.40 5.04
C ALA F 22 -14.08 47.40 3.88
N ILE F 23 -15.27 46.86 4.12
CA ILE F 23 -16.26 46.74 3.08
C ILE F 23 -17.65 47.07 3.58
N SER F 24 -18.37 47.84 2.78
CA SER F 24 -19.76 48.17 3.01
C SER F 24 -20.59 46.92 2.97
N LYS F 25 -21.59 46.90 3.83
CA LYS F 25 -22.49 45.77 3.95
C LYS F 25 -23.05 45.30 2.60
N GLN F 26 -23.43 46.22 1.70
CA GLN F 26 -24.11 45.84 0.48
C GLN F 26 -23.15 45.28 -0.56
N LEU F 27 -21.85 45.36 -0.28
CA LEU F 27 -20.85 44.77 -1.18
C LEU F 27 -20.40 43.39 -0.69
N LEU F 28 -20.80 43.05 0.56
CA LEU F 28 -20.48 41.76 1.22
C LEU F 28 -21.28 40.62 0.52
N PRO F 29 -20.73 39.44 0.26
CA PRO F 29 -21.62 38.40 -0.29
C PRO F 29 -22.62 37.84 0.69
N VAL F 30 -23.79 37.49 0.14
CA VAL F 30 -24.74 36.65 0.83
C VAL F 30 -24.62 35.30 0.11
N TYR F 31 -23.88 34.43 0.78
CA TYR F 31 -23.52 33.12 0.25
C TYR F 31 -22.55 33.18 -0.89
N ASP F 32 -22.97 33.39 -2.13
CA ASP F 32 -22.14 33.24 -3.32
C ASP F 32 -22.18 34.42 -4.28
N LYS F 33 -22.76 35.52 -3.83
CA LYS F 33 -22.82 36.72 -4.70
C LYS F 33 -23.06 37.96 -3.85
N PRO F 34 -22.67 39.14 -4.35
CA PRO F 34 -22.80 40.36 -3.55
C PRO F 34 -24.22 40.66 -3.13
N MET F 35 -24.35 41.14 -1.90
N MET F 35 -24.35 41.16 -1.91
CA MET F 35 -25.64 41.50 -1.35
CA MET F 35 -25.65 41.51 -1.35
C MET F 35 -26.50 42.32 -2.31
C MET F 35 -26.51 42.33 -2.30
N ILE F 36 -25.94 43.37 -2.92
CA ILE F 36 -26.70 44.21 -3.82
C ILE F 36 -27.37 43.51 -5.02
N TYR F 37 -26.85 42.37 -5.45
CA TYR F 37 -27.51 41.62 -6.50
C TYR F 37 -28.93 41.25 -6.15
N TYR F 38 -29.17 41.05 -4.87
CA TYR F 38 -30.51 40.58 -4.42
C TYR F 38 -31.57 41.67 -4.66
N PRO F 39 -31.41 42.84 -4.07
CA PRO F 39 -32.40 43.88 -4.33
C PRO F 39 -32.40 44.33 -5.79
N LEU F 40 -31.25 44.33 -6.46
CA LEU F 40 -31.22 44.64 -7.86
C LEU F 40 -32.15 43.69 -8.63
N SER F 41 -32.00 42.38 -8.40
CA SER F 41 -32.81 41.40 -9.03
C SER F 41 -34.30 41.62 -8.76
N THR F 42 -34.62 42.12 -7.56
CA THR F 42 -36.00 42.40 -7.22
C THR F 42 -36.56 43.48 -8.17
N LEU F 43 -35.81 44.57 -8.39
CA LEU F 43 -36.28 45.60 -9.33
C LEU F 43 -36.40 45.02 -10.75
N MET F 44 -35.46 44.18 -11.13
CA MET F 44 -35.42 43.63 -12.46
C MET F 44 -36.67 42.73 -12.66
N LEU F 45 -37.04 41.97 -11.62
CA LEU F 45 -38.17 41.09 -11.67
C LEU F 45 -39.47 41.85 -11.74
N ALA F 46 -39.44 43.09 -11.28
CA ALA F 46 -40.55 44.03 -11.37
C ALA F 46 -40.64 44.73 -12.72
N GLY F 47 -39.73 44.40 -13.61
CA GLY F 47 -39.68 44.97 -14.98
C GLY F 47 -38.95 46.31 -15.11
N ILE F 48 -38.18 46.68 -14.08
CA ILE F 48 -37.48 47.96 -14.07
C ILE F 48 -36.05 47.79 -14.56
N ARG F 49 -35.73 48.55 -15.60
CA ARG F 49 -34.40 48.53 -16.22
C ARG F 49 -33.57 49.76 -15.92
N GLU F 50 -34.21 50.87 -15.57
CA GLU F 50 -33.45 52.11 -15.27
C GLU F 50 -33.41 52.29 -13.78
N ILE F 51 -32.20 52.22 -13.22
CA ILE F 51 -32.04 52.12 -11.80
C ILE F 51 -30.94 53.01 -11.29
N LEU F 52 -31.21 53.66 -10.17
CA LEU F 52 -30.27 54.53 -9.48
C LEU F 52 -29.74 53.85 -8.26
N ILE F 53 -28.43 53.75 -8.14
CA ILE F 53 -27.80 53.20 -6.96
C ILE F 53 -27.28 54.35 -6.11
N ILE F 54 -27.79 54.46 -4.90
CA ILE F 54 -27.37 55.48 -3.93
C ILE F 54 -26.45 54.84 -2.91
N SER F 55 -25.27 55.40 -2.72
N SER F 55 -25.27 55.40 -2.73
CA SER F 55 -24.34 54.88 -1.74
CA SER F 55 -24.32 54.87 -1.77
C SER F 55 -23.56 56.03 -1.17
C SER F 55 -23.56 56.02 -1.17
N THR F 56 -22.69 55.76 -0.20
CA THR F 56 -21.82 56.79 0.28
C THR F 56 -20.86 57.18 -0.91
N PRO F 57 -20.35 58.40 -0.92
CA PRO F 57 -19.40 58.81 -1.97
C PRO F 57 -18.19 57.90 -2.07
N GLN F 58 -17.66 57.43 -0.95
CA GLN F 58 -16.53 56.48 -0.98
C GLN F 58 -16.88 55.14 -1.70
N ASP F 59 -18.12 54.69 -1.59
CA ASP F 59 -18.57 53.45 -2.18
C ASP F 59 -18.95 53.60 -3.70
N THR F 60 -19.20 54.81 -4.21
CA THR F 60 -19.59 54.92 -5.62
C THR F 60 -18.66 54.21 -6.56
N PRO F 61 -17.36 54.45 -6.52
CA PRO F 61 -16.48 53.72 -7.46
C PRO F 61 -16.55 52.24 -7.28
N ARG F 62 -16.73 51.78 -6.03
CA ARG F 62 -16.81 50.35 -5.77
C ARG F 62 -18.09 49.76 -6.36
N PHE F 63 -19.24 50.37 -6.15
CA PHE F 63 -20.42 49.83 -6.79
C PHE F 63 -20.27 49.92 -8.30
N GLN F 64 -19.65 51.00 -8.77
CA GLN F 64 -19.55 51.23 -10.19
C GLN F 64 -18.65 50.18 -10.84
N GLN F 65 -17.64 49.77 -10.09
CA GLN F 65 -16.70 48.75 -10.54
C GLN F 65 -17.39 47.44 -10.65
N LEU F 66 -18.26 47.17 -9.68
CA LEU F 66 -19.04 45.96 -9.66
C LEU F 66 -20.14 45.93 -10.74
N LEU F 67 -20.91 47.00 -10.87
CA LEU F 67 -22.08 46.98 -11.72
C LEU F 67 -21.95 47.73 -13.05
N GLY F 68 -20.98 48.63 -13.15
CA GLY F 68 -20.87 49.46 -14.34
C GLY F 68 -22.09 50.26 -14.68
N ASP F 69 -22.33 50.46 -15.97
CA ASP F 69 -23.48 51.23 -16.37
C ASP F 69 -24.72 50.35 -16.60
N GLY F 70 -24.61 49.07 -16.30
CA GLY F 70 -25.68 48.12 -16.49
C GLY F 70 -25.90 47.53 -17.88
N SER F 71 -25.26 48.14 -18.87
CA SER F 71 -25.44 47.75 -20.28
C SER F 71 -25.14 46.27 -20.53
N ASN F 72 -24.19 45.72 -19.79
CA ASN F 72 -23.92 44.28 -19.90
C ASN F 72 -25.12 43.40 -19.58
N TRP F 73 -26.05 43.93 -18.78
CA TRP F 73 -27.24 43.21 -18.30
C TRP F 73 -28.54 43.74 -18.84
N GLY F 74 -28.47 44.56 -19.88
CA GLY F 74 -29.66 45.19 -20.45
C GLY F 74 -30.29 46.31 -19.62
N LEU F 75 -29.54 46.79 -18.64
CA LEU F 75 -30.00 47.84 -17.71
C LEU F 75 -29.31 49.17 -18.04
N ASP F 76 -29.89 50.24 -17.50
CA ASP F 76 -29.33 51.58 -17.47
C ASP F 76 -29.12 51.99 -16.00
N LEU F 77 -27.89 51.81 -15.50
CA LEU F 77 -27.59 52.10 -14.10
C LEU F 77 -26.90 53.44 -13.97
N GLN F 78 -27.32 54.20 -12.96
CA GLN F 78 -26.74 55.47 -12.61
C GLN F 78 -26.47 55.50 -11.11
N TYR F 79 -25.63 56.46 -10.70
CA TYR F 79 -25.08 56.55 -9.35
C TYR F 79 -25.43 57.85 -8.69
N ALA F 80 -25.74 57.78 -7.41
CA ALA F 80 -25.99 58.92 -6.59
C ALA F 80 -25.40 58.72 -5.21
N VAL F 81 -25.31 59.80 -4.46
N VAL F 81 -25.29 59.80 -4.46
CA VAL F 81 -24.67 59.71 -3.17
CA VAL F 81 -24.63 59.72 -3.17
C VAL F 81 -25.49 60.20 -1.99
C VAL F 81 -25.48 60.21 -1.98
N GLN F 82 -25.30 59.53 -0.84
CA GLN F 82 -25.90 59.89 0.42
C GLN F 82 -24.74 59.78 1.44
N PRO F 83 -24.11 60.86 1.80
CA PRO F 83 -22.97 60.84 2.75
C PRO F 83 -23.29 60.18 4.09
N SER F 84 -24.47 60.47 4.61
CA SER F 84 -24.90 59.99 5.95
C SER F 84 -26.32 59.49 5.87
N PRO F 85 -26.63 58.45 6.62
CA PRO F 85 -27.93 57.80 6.56
C PRO F 85 -28.97 58.62 7.28
N ASP F 86 -29.35 59.73 6.63
CA ASP F 86 -30.25 60.70 7.20
C ASP F 86 -31.72 60.51 6.93
N GLY F 87 -32.03 59.32 6.41
CA GLY F 87 -33.39 58.84 6.27
C GLY F 87 -33.73 58.25 4.95
N LEU F 88 -34.58 57.24 5.00
CA LEU F 88 -34.95 56.54 3.80
C LEU F 88 -35.64 57.48 2.80
N ALA F 89 -36.38 58.48 3.27
CA ALA F 89 -37.10 59.37 2.37
C ALA F 89 -36.17 60.26 1.59
N GLN F 90 -34.95 60.41 2.05
CA GLN F 90 -33.93 61.18 1.28
C GLN F 90 -33.71 60.61 -0.08
N ALA F 91 -34.05 59.36 -0.29
CA ALA F 91 -33.88 58.73 -1.58
C ALA F 91 -34.56 59.55 -2.68
N PHE F 92 -35.72 60.17 -2.37
CA PHE F 92 -36.50 60.91 -3.32
C PHE F 92 -36.01 62.31 -3.57
N LEU F 93 -35.22 62.85 -2.62
CA LEU F 93 -34.57 64.12 -2.81
C LEU F 93 -33.30 63.88 -3.64
N ILE F 94 -32.50 62.93 -3.16
CA ILE F 94 -31.30 62.51 -3.84
C ILE F 94 -31.63 62.09 -5.26
N GLY F 95 -32.72 61.39 -5.44
CA GLY F 95 -33.10 60.83 -6.71
C GLY F 95 -33.99 61.72 -7.55
N GLU F 96 -34.19 62.96 -7.12
CA GLU F 96 -35.19 63.80 -7.79
C GLU F 96 -34.94 63.98 -9.31
N SER F 97 -33.74 64.42 -9.65
CA SER F 97 -33.38 64.62 -11.05
C SER F 97 -33.47 63.33 -11.89
N PHE F 98 -33.14 62.21 -11.27
CA PHE F 98 -33.17 60.92 -11.93
C PHE F 98 -34.62 60.47 -12.19
N ILE F 99 -35.52 60.75 -11.25
CA ILE F 99 -36.93 60.31 -11.39
C ILE F 99 -37.65 61.11 -12.44
N GLY F 100 -37.34 62.41 -12.50
CA GLY F 100 -38.05 63.30 -13.40
C GLY F 100 -39.55 63.23 -13.14
N ASN F 101 -40.33 63.02 -14.20
CA ASN F 101 -41.77 62.97 -14.07
C ASN F 101 -42.32 61.55 -14.10
N ASP F 102 -41.48 60.57 -13.80
CA ASP F 102 -41.88 59.17 -13.88
C ASP F 102 -42.35 58.58 -12.56
N LEU F 103 -43.03 57.47 -12.68
CA LEU F 103 -43.27 56.59 -11.52
C LEU F 103 -41.95 56.09 -11.00
N SER F 104 -41.95 55.55 -9.79
CA SER F 104 -40.72 55.03 -9.20
C SER F 104 -40.95 53.89 -8.24
N ALA F 105 -39.87 53.20 -7.89
CA ALA F 105 -39.85 52.19 -6.85
C ALA F 105 -38.54 52.31 -6.11
N LEU F 106 -38.56 52.08 -4.81
CA LEU F 106 -37.40 52.11 -3.97
C LEU F 106 -37.21 50.75 -3.29
N VAL F 107 -36.01 50.20 -3.34
CA VAL F 107 -35.71 49.01 -2.55
C VAL F 107 -34.45 49.29 -1.70
N LEU F 108 -34.40 48.76 -0.47
CA LEU F 108 -33.27 48.89 0.38
C LEU F 108 -32.19 47.90 -0.06
N GLY F 109 -30.93 48.31 0.00
CA GLY F 109 -29.84 47.54 -0.57
C GLY F 109 -29.49 46.29 0.20
N ASP F 110 -29.98 46.14 1.43
CA ASP F 110 -29.75 44.97 2.25
C ASP F 110 -30.99 44.11 2.47
N ASN F 111 -32.00 44.33 1.66
CA ASN F 111 -33.26 43.56 1.75
C ASN F 111 -33.27 42.41 0.74
N LEU F 112 -33.57 41.21 1.23
CA LEU F 112 -33.56 40.05 0.42
C LEU F 112 -34.97 39.44 0.43
N TYR F 113 -35.60 39.37 -0.73
CA TYR F 113 -36.94 38.80 -0.88
C TYR F 113 -36.82 37.50 -1.69
N TYR F 114 -37.62 36.49 -1.37
CA TYR F 114 -37.69 35.30 -2.14
C TYR F 114 -39.01 34.58 -1.93
N GLY F 115 -39.54 34.07 -3.02
CA GLY F 115 -40.71 33.22 -2.92
C GLY F 115 -41.46 33.00 -4.21
N HIS F 116 -42.35 32.02 -4.14
CA HIS F 116 -43.17 31.71 -5.28
C HIS F 116 -44.17 32.77 -5.67
N ASP F 117 -44.26 33.02 -6.97
CA ASP F 117 -45.21 34.00 -7.53
C ASP F 117 -44.81 35.41 -7.12
N PHE F 118 -43.54 35.62 -6.85
CA PHE F 118 -43.08 36.95 -6.49
C PHE F 118 -43.31 37.89 -7.66
N HIS F 119 -43.12 37.37 -8.88
CA HIS F 119 -43.31 38.22 -10.08
C HIS F 119 -44.70 38.83 -10.13
N GLU F 120 -45.70 38.08 -9.73
CA GLU F 120 -47.11 38.52 -9.64
C GLU F 120 -47.33 39.57 -8.60
N LEU F 121 -46.74 39.35 -7.44
CA LEU F 121 -46.84 40.30 -6.34
C LEU F 121 -46.22 41.62 -6.83
N LEU F 122 -45.06 41.54 -7.47
CA LEU F 122 -44.40 42.79 -7.97
C LEU F 122 -45.21 43.42 -9.09
N GLY F 123 -45.73 42.60 -10.00
CA GLY F 123 -46.51 43.14 -11.10
C GLY F 123 -47.75 43.90 -10.69
N SER F 124 -48.44 43.42 -9.68
CA SER F 124 -49.62 44.10 -9.21
C SER F 124 -49.33 45.51 -8.71
N ALA F 125 -48.25 45.66 -7.91
CA ALA F 125 -47.85 47.00 -7.45
C ALA F 125 -47.39 47.85 -8.59
N SER F 126 -46.65 47.26 -9.49
CA SER F 126 -46.05 47.96 -10.56
C SER F 126 -47.17 48.56 -11.49
N GLN F 127 -48.23 47.81 -11.67
CA GLN F 127 -49.24 48.18 -12.63
C GLN F 127 -50.12 49.37 -12.10
N ARG F 128 -50.04 49.70 -10.83
CA ARG F 128 -50.83 50.83 -10.30
C ARG F 128 -50.18 52.15 -10.65
N GLN F 129 -50.87 52.97 -11.40
CA GLN F 129 -50.28 54.22 -11.86
C GLN F 129 -50.58 55.41 -10.95
N THR F 130 -51.42 55.18 -9.96
N THR F 130 -51.42 55.18 -9.96
CA THR F 130 -51.90 56.20 -9.05
CA THR F 130 -51.90 56.21 -9.05
C THR F 130 -51.65 55.71 -7.61
C THR F 130 -51.66 55.72 -7.61
N GLY F 131 -51.13 56.60 -6.78
CA GLY F 131 -50.89 56.30 -5.38
C GLY F 131 -49.59 55.61 -5.09
N ALA F 132 -49.53 54.92 -3.97
CA ALA F 132 -48.35 54.20 -3.56
C ALA F 132 -48.74 52.78 -3.16
N SER F 133 -47.80 51.86 -3.27
CA SER F 133 -48.00 50.49 -2.81
C SER F 133 -46.81 50.07 -1.93
N VAL F 134 -47.12 49.38 -0.83
CA VAL F 134 -46.14 48.85 0.10
C VAL F 134 -46.61 47.46 0.48
N PHE F 135 -45.75 46.71 1.15
CA PHE F 135 -46.02 45.32 1.48
C PHE F 135 -45.90 45.11 2.99
N ALA F 136 -46.81 44.31 3.53
CA ALA F 136 -46.84 44.07 4.97
C ALA F 136 -46.47 42.62 5.25
N TYR F 137 -45.54 42.42 6.16
CA TYR F 137 -45.04 41.07 6.41
C TYR F 137 -45.00 40.81 7.91
N HIS F 138 -45.57 39.68 8.33
CA HIS F 138 -45.61 39.32 9.75
C HIS F 138 -44.18 39.02 10.25
N VAL F 139 -43.83 39.67 11.34
CA VAL F 139 -42.46 39.59 11.96
C VAL F 139 -42.55 39.40 13.47
N LEU F 140 -41.51 38.82 14.03
CA LEU F 140 -41.37 38.62 15.45
C LEU F 140 -41.18 39.92 16.18
N ASP F 141 -40.46 40.85 15.54
CA ASP F 141 -40.06 42.12 16.23
C ASP F 141 -40.48 43.38 15.47
N PRO F 142 -41.80 43.63 15.44
CA PRO F 142 -42.31 44.74 14.64
C PRO F 142 -41.76 46.10 15.08
N GLU F 143 -41.39 46.20 16.36
CA GLU F 143 -40.84 47.45 16.91
C GLU F 143 -39.58 47.98 16.21
N ARG F 144 -38.90 47.15 15.42
CA ARG F 144 -37.72 47.53 14.65
C ARG F 144 -38.01 48.16 13.30
N TYR F 145 -39.29 48.19 12.94
CA TYR F 145 -39.69 48.56 11.63
C TYR F 145 -40.85 49.55 11.63
N GLY F 146 -41.19 50.00 10.42
CA GLY F 146 -42.44 50.73 10.27
C GLY F 146 -43.56 49.67 10.40
N VAL F 147 -44.59 49.96 11.20
CA VAL F 147 -45.61 49.01 11.53
C VAL F 147 -46.95 49.49 10.99
N VAL F 148 -47.65 48.59 10.32
CA VAL F 148 -48.96 48.85 9.76
C VAL F 148 -50.02 48.09 10.53
N GLU F 149 -51.02 48.84 10.97
CA GLU F 149 -52.19 48.34 11.61
C GLU F 149 -53.35 48.22 10.64
N PHE F 150 -54.10 47.14 10.79
CA PHE F 150 -55.28 46.90 9.97
C PHE F 150 -56.54 46.89 10.82
N ASP F 151 -57.66 47.28 10.24
CA ASP F 151 -58.92 47.15 10.96
C ASP F 151 -59.48 45.74 10.80
N GLN F 152 -60.62 45.46 11.42
CA GLN F 152 -61.17 44.09 11.36
C GLN F 152 -61.46 43.61 9.94
N GLY F 153 -61.66 44.54 9.03
CA GLY F 153 -61.89 44.26 7.64
C GLY F 153 -60.64 44.03 6.84
N GLY F 154 -59.50 44.16 7.49
CA GLY F 154 -58.22 43.94 6.83
C GLY F 154 -57.71 45.18 6.10
N LYS F 155 -58.33 46.33 6.37
N LYS F 155 -58.31 46.33 6.39
CA LYS F 155 -57.91 47.59 5.73
CA LYS F 155 -57.88 47.57 5.73
C LYS F 155 -56.83 48.24 6.57
C LYS F 155 -56.84 48.27 6.57
N ALA F 156 -55.76 48.72 5.93
CA ALA F 156 -54.70 49.49 6.62
C ALA F 156 -55.28 50.79 7.21
N ILE F 157 -55.06 51.02 8.50
CA ILE F 157 -55.57 52.21 9.17
C ILE F 157 -54.53 53.07 9.88
N SER F 158 -53.31 52.59 10.10
CA SER F 158 -52.28 53.41 10.70
C SER F 158 -50.92 52.89 10.42
N LEU F 159 -49.95 53.81 10.45
CA LEU F 159 -48.55 53.49 10.33
C LEU F 159 -47.82 54.19 11.47
N GLU F 160 -46.88 53.48 12.06
N GLU F 160 -46.87 53.49 12.06
CA GLU F 160 -46.02 54.05 13.11
CA GLU F 160 -46.04 54.05 13.13
C GLU F 160 -44.64 53.56 12.90
C GLU F 160 -44.64 53.55 12.91
N GLU F 161 -43.67 54.45 13.00
CA GLU F 161 -42.27 54.08 12.84
C GLU F 161 -41.63 53.62 14.18
N LYS F 162 -41.20 52.38 14.24
CA LYS F 162 -40.53 51.79 15.40
C LYS F 162 -41.27 52.11 16.71
N PRO F 163 -42.53 51.73 16.74
CA PRO F 163 -43.35 52.02 17.90
C PRO F 163 -42.91 51.25 19.12
N LEU F 164 -43.03 51.88 20.28
N LEU F 164 -43.03 51.89 20.29
CA LEU F 164 -42.70 51.18 21.54
CA LEU F 164 -42.69 51.21 21.55
C LEU F 164 -43.75 50.15 21.85
C LEU F 164 -43.75 50.15 21.85
N GLU F 165 -44.99 50.44 21.47
CA GLU F 165 -46.08 49.50 21.64
C GLU F 165 -46.74 49.24 20.26
N PRO F 166 -46.14 48.35 19.45
CA PRO F 166 -46.70 48.06 18.13
C PRO F 166 -48.16 47.67 18.15
N LYS F 167 -48.90 48.16 17.19
CA LYS F 167 -50.33 47.86 17.12
C LYS F 167 -50.62 46.59 16.35
N SER F 168 -49.60 46.04 15.72
CA SER F 168 -49.72 44.76 15.04
C SER F 168 -48.33 44.18 14.93
N ASN F 169 -48.26 42.96 14.41
CA ASN F 169 -46.99 42.34 14.08
C ASN F 169 -46.65 42.39 12.60
N TYR F 170 -47.26 43.33 11.89
CA TYR F 170 -46.98 43.51 10.47
C TYR F 170 -46.06 44.72 10.29
N ALA F 171 -44.89 44.40 9.73
CA ALA F 171 -43.88 45.37 9.37
C ALA F 171 -44.06 45.76 7.90
N VAL F 172 -43.81 47.01 7.57
CA VAL F 172 -43.76 47.43 6.18
C VAL F 172 -42.34 47.03 5.69
N THR F 173 -42.27 46.29 4.61
CA THR F 173 -40.99 45.85 4.08
C THR F 173 -40.27 46.98 3.36
N GLY F 174 -39.02 46.74 3.02
CA GLY F 174 -38.20 47.74 2.37
C GLY F 174 -38.28 47.75 0.86
N LEU F 175 -39.49 47.77 0.34
CA LEU F 175 -39.78 47.80 -1.08
C LEU F 175 -41.02 48.63 -1.22
N TYR F 176 -40.95 49.66 -2.03
CA TYR F 176 -41.99 50.67 -2.07
C TYR F 176 -42.16 51.14 -3.51
N PHE F 177 -43.42 51.28 -3.92
CA PHE F 177 -43.80 51.73 -5.29
C PHE F 177 -44.59 53.06 -5.20
N TYR F 178 -44.18 54.05 -5.97
CA TYR F 178 -44.76 55.38 -5.91
C TYR F 178 -45.12 55.96 -7.25
N ASP F 179 -46.18 56.76 -7.18
CA ASP F 179 -46.56 57.59 -8.34
C ASP F 179 -45.75 58.91 -8.38
N GLN F 180 -46.20 59.82 -9.24
CA GLN F 180 -45.49 61.08 -9.37
C GLN F 180 -45.52 62.05 -8.18
N GLN F 181 -46.26 61.73 -7.14
CA GLN F 181 -46.37 62.60 -6.01
C GLN F 181 -45.23 62.54 -4.99
N VAL F 182 -44.42 61.50 -5.02
CA VAL F 182 -43.51 61.19 -3.92
C VAL F 182 -42.46 62.27 -3.71
N VAL F 183 -41.95 62.80 -4.81
CA VAL F 183 -40.88 63.78 -4.66
C VAL F 183 -41.41 65.03 -3.89
N ASP F 184 -42.58 65.54 -4.27
CA ASP F 184 -43.17 66.64 -3.55
C ASP F 184 -43.54 66.31 -2.09
N ILE F 185 -43.99 65.09 -1.81
CA ILE F 185 -44.25 64.71 -0.46
C ILE F 185 -42.93 64.72 0.32
N ALA F 186 -41.89 64.19 -0.29
CA ALA F 186 -40.62 64.08 0.43
C ALA F 186 -40.02 65.47 0.71
N ARG F 187 -40.21 66.37 -0.22
CA ARG F 187 -39.66 67.76 -0.13
C ARG F 187 -40.31 68.52 1.02
N ASP F 188 -41.52 68.13 1.36
CA ASP F 188 -42.26 68.82 2.39
C ASP F 188 -42.01 68.30 3.76
N LEU F 189 -41.32 67.17 3.85
CA LEU F 189 -41.07 66.58 5.14
C LEU F 189 -39.97 67.27 5.89
N LYS F 190 -40.01 67.10 7.23
CA LYS F 190 -38.95 67.53 8.14
C LYS F 190 -38.48 66.30 8.88
N PRO F 191 -37.22 66.32 9.31
CA PRO F 191 -36.63 65.22 10.05
C PRO F 191 -37.33 65.01 11.38
N SER F 192 -37.59 63.76 11.65
CA SER F 192 -38.25 63.26 12.83
C SER F 192 -37.47 63.46 14.11
N PRO F 193 -38.10 63.10 15.23
CA PRO F 193 -37.42 63.08 16.54
C PRO F 193 -36.10 62.37 16.42
N ARG F 194 -36.12 61.15 15.86
CA ARG F 194 -34.94 60.33 15.60
C ARG F 194 -33.89 61.02 14.77
N GLY F 195 -34.26 62.09 14.03
CA GLY F 195 -33.36 62.86 13.17
C GLY F 195 -33.29 62.27 11.74
N GLU F 196 -34.37 61.66 11.28
CA GLU F 196 -34.35 61.06 9.96
C GLU F 196 -35.52 61.54 9.13
N LEU F 197 -35.31 61.65 7.83
CA LEU F 197 -36.38 61.92 6.88
C LEU F 197 -37.03 60.55 6.62
N GLU F 198 -38.22 60.38 7.17
N GLU F 198 -38.21 60.37 7.20
CA GLU F 198 -38.83 59.04 7.31
CA GLU F 198 -38.80 59.04 7.30
C GLU F 198 -39.71 58.60 6.14
C GLU F 198 -39.73 58.59 6.17
N ILE F 199 -39.45 57.42 5.63
CA ILE F 199 -40.29 56.85 4.60
C ILE F 199 -41.65 56.57 5.18
N THR F 200 -41.73 56.32 6.49
CA THR F 200 -43.04 56.09 7.08
C THR F 200 -43.94 57.33 6.95
N ASP F 201 -43.34 58.50 7.03
CA ASP F 201 -44.06 59.77 6.91
C ASP F 201 -44.50 59.90 5.44
N VAL F 202 -43.68 59.47 4.48
CA VAL F 202 -44.14 59.50 3.06
C VAL F 202 -45.36 58.61 2.90
N ASN F 203 -45.22 57.41 3.42
CA ASN F 203 -46.30 56.43 3.29
C ASN F 203 -47.58 56.89 4.00
N ARG F 204 -47.41 57.50 5.15
CA ARG F 204 -48.52 58.09 5.86
C ARG F 204 -49.22 59.22 5.06
N ALA F 205 -48.47 60.02 4.31
CA ALA F 205 -49.06 61.04 3.52
C ALA F 205 -50.00 60.41 2.50
N TYR F 206 -49.62 59.30 1.88
CA TYR F 206 -50.50 58.63 0.95
C TYR F 206 -51.71 58.03 1.67
N LEU F 207 -51.46 57.45 2.84
CA LEU F 207 -52.55 56.82 3.61
C LEU F 207 -53.62 57.85 3.99
N GLU F 208 -53.17 59.06 4.33
CA GLU F 208 -54.09 60.10 4.78
C GLU F 208 -54.91 60.67 3.62
N ARG F 209 -54.51 60.32 2.39
N ARG F 209 -54.52 60.33 2.39
CA ARG F 209 -55.23 60.76 1.19
CA ARG F 209 -55.25 60.76 1.21
C ARG F 209 -56.01 59.59 0.59
C ARG F 209 -56.01 59.59 0.59
N GLY F 210 -55.97 58.46 1.28
CA GLY F 210 -56.65 57.27 0.83
C GLY F 210 -55.98 56.70 -0.42
N GLN F 211 -54.68 56.94 -0.57
CA GLN F 211 -53.93 56.54 -1.75
C GLN F 211 -52.82 55.53 -1.50
N LEU F 212 -52.86 54.89 -0.33
CA LEU F 212 -51.89 53.85 0.01
C LEU F 212 -52.47 52.50 -0.10
N SER F 213 -51.88 51.67 -0.96
N SER F 213 -51.89 51.68 -0.97
CA SER F 213 -52.23 50.25 -1.07
CA SER F 213 -52.25 50.26 -1.07
C SER F 213 -51.26 49.47 -0.22
C SER F 213 -51.27 49.46 -0.24
N VAL F 214 -51.79 48.65 0.68
CA VAL F 214 -50.93 47.79 1.49
C VAL F 214 -51.28 46.36 1.11
N GLU F 215 -50.32 45.68 0.51
N GLU F 215 -50.32 45.69 0.50
CA GLU F 215 -50.44 44.32 0.07
CA GLU F 215 -50.47 44.32 0.08
C GLU F 215 -49.78 43.40 1.08
C GLU F 215 -49.78 43.39 1.07
N ILE F 216 -50.49 42.34 1.47
CA ILE F 216 -49.88 41.34 2.34
C ILE F 216 -48.81 40.56 1.55
N MET F 217 -47.60 40.43 2.14
CA MET F 217 -46.59 39.56 1.64
C MET F 217 -46.70 38.34 2.62
N GLY F 218 -47.27 37.23 2.14
CA GLY F 218 -47.57 36.10 2.99
C GLY F 218 -46.37 35.40 3.59
N ARG F 219 -46.67 34.56 4.59
CA ARG F 219 -45.63 33.86 5.31
C ARG F 219 -44.82 32.87 4.40
N GLY F 220 -45.33 32.58 3.23
CA GLY F 220 -44.58 31.69 2.32
C GLY F 220 -43.41 32.34 1.65
N TYR F 221 -43.37 33.65 1.71
CA TYR F 221 -42.25 34.41 1.23
C TYR F 221 -41.25 34.57 2.34
N ALA F 222 -39.97 34.61 1.95
CA ALA F 222 -38.92 35.02 2.86
C ALA F 222 -38.61 36.49 2.59
N TRP F 223 -38.62 37.32 3.63
CA TRP F 223 -38.17 38.69 3.55
C TRP F 223 -37.12 38.74 4.63
N LEU F 224 -35.88 38.94 4.25
CA LEU F 224 -34.76 38.98 5.20
C LEU F 224 -34.01 40.30 5.04
N ASP F 225 -33.40 40.75 6.12
CA ASP F 225 -32.63 42.01 6.16
C ASP F 225 -31.28 41.53 6.69
N THR F 226 -30.18 41.90 6.03
CA THR F 226 -28.89 41.38 6.42
C THR F 226 -28.02 42.32 7.25
N GLY F 227 -28.62 43.15 8.05
CA GLY F 227 -27.91 44.21 8.78
C GLY F 227 -27.46 43.87 10.20
N THR F 228 -27.43 42.57 10.56
CA THR F 228 -26.83 42.14 11.80
C THR F 228 -25.98 40.91 11.45
N HIS F 229 -25.03 40.61 12.31
CA HIS F 229 -24.17 39.44 12.05
C HIS F 229 -24.96 38.16 12.00
N ASP F 230 -25.82 37.94 12.97
CA ASP F 230 -26.66 36.75 12.95
C ASP F 230 -27.56 36.64 11.72
N SER F 231 -28.18 37.75 11.32
CA SER F 231 -29.13 37.74 10.22
C SER F 231 -28.44 37.53 8.86
N LEU F 232 -27.24 38.11 8.69
CA LEU F 232 -26.47 37.89 7.52
C LEU F 232 -26.11 36.40 7.40
N LEU F 233 -25.73 35.81 8.52
CA LEU F 233 -25.32 34.38 8.49
C LEU F 233 -26.55 33.53 8.08
N GLU F 234 -27.69 33.77 8.71
CA GLU F 234 -28.88 33.05 8.38
C GLU F 234 -29.30 33.20 6.94
N ALA F 235 -29.17 34.41 6.40
CA ALA F 235 -29.54 34.68 5.06
C ALA F 235 -28.63 33.83 4.17
N GLY F 236 -27.32 33.84 4.44
CA GLY F 236 -26.40 33.04 3.60
C GLY F 236 -26.72 31.52 3.64
N GLN F 237 -27.13 31.02 4.81
CA GLN F 237 -27.49 29.59 4.97
C GLN F 237 -28.76 29.31 4.19
N PHE F 238 -29.69 30.27 4.23
CA PHE F 238 -30.97 30.14 3.54
C PHE F 238 -30.76 30.02 2.02
N ILE F 239 -29.99 30.93 1.46
CA ILE F 239 -29.68 30.85 0.05
C ILE F 239 -28.90 29.57 -0.30
N ALA F 240 -27.94 29.22 0.52
CA ALA F 240 -27.17 28.03 0.23
C ALA F 240 -28.08 26.78 0.21
N THR F 241 -28.99 26.68 1.15
CA THR F 241 -29.89 25.52 1.21
C THR F 241 -30.73 25.42 -0.03
N LEU F 242 -31.32 26.52 -0.44
CA LEU F 242 -32.12 26.54 -1.70
C LEU F 242 -31.23 26.18 -2.91
N GLU F 243 -30.10 26.87 -3.07
CA GLU F 243 -29.29 26.67 -4.27
C GLU F 243 -28.75 25.23 -4.39
N ASN F 244 -28.27 24.70 -3.27
CA ASN F 244 -27.69 23.35 -3.29
C ASN F 244 -28.76 22.26 -3.47
N ARG F 245 -29.99 22.48 -3.01
CA ARG F 245 -31.07 21.58 -3.20
C ARG F 245 -31.48 21.61 -4.69
N GLN F 246 -31.56 22.82 -5.23
CA GLN F 246 -32.19 23.00 -6.54
C GLN F 246 -31.27 22.87 -7.75
N GLY F 247 -30.00 23.18 -7.52
CA GLY F 247 -29.07 23.33 -8.61
C GLY F 247 -29.44 24.55 -9.45
N LEU F 248 -30.14 25.51 -8.87
CA LEU F 248 -30.42 26.84 -9.45
C LEU F 248 -29.87 27.89 -8.51
N LYS F 249 -29.61 29.07 -9.02
CA LYS F 249 -29.10 30.16 -8.20
C LYS F 249 -30.16 31.23 -8.06
N VAL F 250 -30.18 31.83 -6.86
CA VAL F 250 -31.09 32.90 -6.51
C VAL F 250 -30.50 34.29 -6.88
N ALA F 251 -31.28 35.10 -7.58
CA ALA F 251 -30.88 36.49 -7.86
C ALA F 251 -29.64 36.68 -8.66
N CYS F 252 -29.45 35.84 -9.68
N CYS F 252 -29.47 35.85 -9.67
CA CYS F 252 -28.40 36.08 -10.69
CA CYS F 252 -28.42 36.04 -10.66
C CYS F 252 -28.93 37.07 -11.72
C CYS F 252 -28.91 37.05 -11.72
N PRO F 253 -28.39 38.29 -11.75
CA PRO F 253 -28.89 39.28 -12.71
C PRO F 253 -28.76 38.88 -14.14
N GLU F 254 -27.71 38.11 -14.44
CA GLU F 254 -27.49 37.64 -15.81
C GLU F 254 -28.66 36.74 -16.21
N GLU F 255 -29.06 35.84 -15.31
CA GLU F 255 -30.16 34.95 -15.64
C GLU F 255 -31.48 35.70 -15.85
N ILE F 256 -31.75 36.62 -14.94
CA ILE F 256 -32.97 37.36 -14.99
C ILE F 256 -33.04 38.20 -16.27
N ALA F 257 -31.94 38.83 -16.63
CA ALA F 257 -31.89 39.61 -17.86
C ALA F 257 -32.16 38.75 -19.11
N TYR F 258 -31.57 37.55 -19.14
CA TYR F 258 -31.74 36.64 -20.23
C TYR F 258 -33.20 36.19 -20.29
N ARG F 259 -33.77 35.84 -19.14
CA ARG F 259 -35.14 35.32 -19.12
C ARG F 259 -36.11 36.38 -19.56
N GLN F 260 -35.77 37.65 -19.27
CA GLN F 260 -36.63 38.77 -19.60
C GLN F 260 -36.37 39.31 -21.02
N LYS F 261 -35.43 38.70 -21.74
CA LYS F 261 -35.06 39.06 -23.11
C LYS F 261 -34.38 40.42 -23.20
N TRP F 262 -33.81 40.83 -22.07
CA TRP F 262 -33.03 42.07 -22.02
C TRP F 262 -31.62 41.86 -22.58
N ILE F 263 -31.12 40.63 -22.51
CA ILE F 263 -29.91 40.26 -23.23
C ILE F 263 -30.21 38.98 -24.00
N ASP F 264 -29.45 38.68 -25.05
CA ASP F 264 -29.70 37.43 -25.82
C ASP F 264 -28.69 36.36 -25.45
N ALA F 265 -28.81 35.18 -26.06
CA ALA F 265 -27.94 34.05 -25.80
C ALA F 265 -26.44 34.35 -25.99
N ALA F 266 -26.14 35.10 -27.03
CA ALA F 266 -24.77 35.43 -27.34
C ALA F 266 -24.18 36.27 -26.22
N GLN F 267 -25.00 37.18 -25.69
CA GLN F 267 -24.56 38.09 -24.63
C GLN F 267 -24.32 37.33 -23.35
N LEU F 268 -25.23 36.41 -23.06
CA LEU F 268 -25.08 35.58 -21.88
C LEU F 268 -23.82 34.76 -21.94
N GLU F 269 -23.58 34.09 -23.06
CA GLU F 269 -22.41 33.25 -23.16
C GLU F 269 -21.19 34.13 -22.93
N LYS F 270 -21.18 35.34 -23.47
CA LYS F 270 -20.07 36.28 -23.23
C LYS F 270 -19.86 36.62 -21.74
N LEU F 271 -20.96 36.78 -20.99
CA LEU F 271 -20.86 37.06 -19.56
C LEU F 271 -20.27 35.88 -18.78
N ALA F 272 -20.54 34.67 -19.27
CA ALA F 272 -20.14 33.46 -18.56
C ALA F 272 -18.66 33.17 -18.69
N ALA F 273 -18.11 33.55 -19.81
CA ALA F 273 -16.73 33.23 -20.16
C ALA F 273 -15.74 33.47 -19.01
N PRO F 274 -15.71 34.65 -18.44
CA PRO F 274 -14.74 34.96 -17.37
C PRO F 274 -15.07 34.41 -16.01
N LEU F 275 -16.18 33.72 -15.90
CA LEU F 275 -16.51 33.04 -14.65
C LEU F 275 -16.50 31.57 -14.93
N ALA F 276 -16.03 31.23 -16.13
CA ALA F 276 -16.05 29.86 -16.61
C ALA F 276 -15.40 28.86 -15.68
N LYS F 277 -14.49 29.29 -14.80
CA LYS F 277 -13.76 28.37 -13.92
C LYS F 277 -14.48 28.09 -12.64
N ASN F 278 -15.48 28.90 -12.31
CA ASN F 278 -16.26 28.61 -11.11
C ASN F 278 -17.67 28.20 -11.47
N GLY F 279 -18.39 27.77 -10.45
CA GLY F 279 -19.73 27.27 -10.60
C GLY F 279 -20.67 28.34 -11.09
N TYR F 280 -20.40 29.61 -10.81
CA TYR F 280 -21.31 30.68 -11.29
C TYR F 280 -21.26 30.78 -12.81
N GLY F 281 -20.07 30.84 -13.39
CA GLY F 281 -19.98 30.84 -14.84
C GLY F 281 -20.49 29.57 -15.44
N GLN F 282 -20.21 28.44 -14.79
CA GLN F 282 -20.67 27.17 -15.31
C GLN F 282 -22.21 27.17 -15.35
N TYR F 283 -22.78 27.83 -14.37
CA TYR F 283 -24.21 27.90 -14.25
C TYR F 283 -24.81 28.73 -15.37
N LEU F 284 -24.24 29.88 -15.62
CA LEU F 284 -24.75 30.73 -16.67
C LEU F 284 -24.73 29.98 -17.97
N LYS F 285 -23.66 29.24 -18.21
CA LYS F 285 -23.58 28.47 -19.46
C LYS F 285 -24.64 27.43 -19.53
N ARG F 286 -24.91 26.78 -18.41
CA ARG F 286 -25.92 25.75 -18.42
C ARG F 286 -27.28 26.32 -18.81
N LEU F 287 -27.55 27.55 -18.41
CA LEU F 287 -28.83 28.19 -18.76
C LEU F 287 -29.12 28.32 -20.26
N LEU F 288 -28.10 28.24 -21.11
CA LEU F 288 -28.28 28.36 -22.55
C LEU F 288 -28.89 27.13 -23.19
N THR F 289 -28.79 26.00 -22.52
CA THR F 289 -29.32 24.82 -23.13
C THR F 289 -30.39 24.14 -22.32
N GLU F 290 -30.58 24.54 -21.07
CA GLU F 290 -31.52 23.83 -20.24
C GLU F 290 -32.81 24.64 -20.10
N THR F 291 -33.95 23.99 -20.21
CA THR F 291 -35.19 24.66 -19.95
C THR F 291 -35.48 24.61 -18.45
N VAL F 292 -35.72 25.78 -17.89
CA VAL F 292 -36.12 25.92 -16.51
C VAL F 292 -37.46 26.60 -16.42
N TYR F 293 -38.45 25.94 -15.80
CA TYR F 293 -39.82 26.46 -15.69
C TYR F 293 -39.96 27.32 -14.47
N MET G 1 -63.43 16.48 -4.29
CA MET G 1 -64.14 16.46 -2.97
C MET G 1 -63.42 15.60 -1.95
N LYS G 2 -64.13 14.74 -1.20
CA LYS G 2 -63.48 13.88 -0.21
C LYS G 2 -62.29 13.10 -0.76
N ARG G 3 -61.17 13.24 -0.11
CA ARG G 3 -59.99 12.49 -0.54
C ARG G 3 -59.38 11.90 0.67
N LYS G 4 -59.00 10.64 0.63
CA LYS G 4 -58.32 10.03 1.78
C LYS G 4 -56.82 10.14 1.63
N GLY G 5 -56.09 10.36 2.73
CA GLY G 5 -54.65 10.53 2.70
C GLY G 5 -53.91 9.38 3.35
N ILE G 6 -52.69 9.16 2.89
CA ILE G 6 -51.78 8.20 3.44
C ILE G 6 -50.41 8.90 3.60
N ILE G 7 -49.84 8.72 4.81
CA ILE G 7 -48.47 9.13 5.07
C ILE G 7 -47.67 7.85 5.16
N LEU G 8 -46.74 7.66 4.25
CA LEU G 8 -45.84 6.51 4.33
C LEU G 8 -44.58 6.96 5.09
N ALA G 9 -44.46 6.44 6.30
CA ALA G 9 -43.46 6.83 7.27
C ALA G 9 -42.71 5.66 7.86
N GLY G 10 -42.32 4.74 6.99
CA GLY G 10 -41.60 3.54 7.37
C GLY G 10 -40.20 3.67 6.82
N GLY G 11 -39.75 2.62 6.16
CA GLY G 11 -38.50 2.60 5.41
C GLY G 11 -37.40 1.94 6.17
N SER G 12 -36.40 1.45 5.41
CA SER G 12 -35.13 0.91 5.95
C SER G 12 -34.45 2.02 6.73
N GLY G 13 -34.06 1.73 7.97
CA GLY G 13 -33.44 2.78 8.74
C GLY G 13 -31.92 2.77 8.63
N THR G 14 -31.40 1.64 8.14
CA THR G 14 -29.95 1.37 8.02
C THR G 14 -29.10 2.58 7.70
N ARG G 15 -29.50 3.36 6.71
CA ARG G 15 -28.68 4.47 6.31
C ARG G 15 -28.41 5.42 7.46
N LEU G 16 -29.40 5.67 8.32
CA LEU G 16 -29.21 6.71 9.36
C LEU G 16 -28.75 6.19 10.73
N HIS G 17 -28.46 4.88 10.80
CA HIS G 17 -28.02 4.31 12.04
C HIS G 17 -26.63 4.82 12.18
N PRO G 18 -26.17 5.09 13.40
CA PRO G 18 -26.86 4.80 14.65
C PRO G 18 -27.84 5.87 15.18
N ALA G 19 -27.87 7.00 14.54
CA ALA G 19 -28.68 8.11 14.99
C ALA G 19 -30.11 7.66 15.19
N THR G 20 -30.62 6.89 14.24
CA THR G 20 -32.03 6.44 14.26
C THR G 20 -32.19 5.05 14.90
N LEU G 21 -31.14 4.50 15.47
CA LEU G 21 -31.25 3.21 16.15
C LEU G 21 -32.31 3.31 17.19
N ALA G 22 -32.37 4.46 17.82
CA ALA G 22 -33.42 4.67 18.79
C ALA G 22 -34.72 5.26 18.17
N ILE G 23 -34.60 6.25 17.27
CA ILE G 23 -35.78 6.92 16.75
C ILE G 23 -36.03 6.82 15.24
N SER G 24 -37.30 6.63 14.82
CA SER G 24 -37.67 6.66 13.39
C SER G 24 -37.19 7.99 12.91
N LYS G 25 -36.58 8.05 11.73
CA LYS G 25 -36.29 9.30 11.07
C LYS G 25 -37.49 10.15 11.08
N GLN G 26 -38.73 9.58 10.96
CA GLN G 26 -39.86 10.51 10.86
C GLN G 26 -40.40 11.04 12.20
N LEU G 27 -39.77 10.69 13.30
CA LEU G 27 -40.04 11.25 14.59
C LEU G 27 -38.92 12.22 15.04
N LEU G 28 -37.83 12.29 14.27
CA LEU G 28 -36.79 13.24 14.64
C LEU G 28 -37.32 14.66 14.44
N PRO G 29 -36.89 15.62 15.23
CA PRO G 29 -37.35 16.99 15.03
C PRO G 29 -36.77 17.65 13.85
N VAL G 30 -37.59 18.44 13.12
CA VAL G 30 -37.02 19.37 12.15
C VAL G 30 -37.13 20.71 12.89
N TYR G 31 -36.01 21.12 13.50
CA TYR G 31 -35.94 22.29 14.37
C TYR G 31 -36.72 22.13 15.66
N ASP G 32 -38.04 22.30 15.63
CA ASP G 32 -38.85 22.46 16.84
C ASP G 32 -40.06 21.57 16.97
N LYS G 33 -40.29 20.70 15.97
CA LYS G 33 -41.42 19.81 16.02
C LYS G 33 -41.10 18.53 15.24
N PRO G 34 -41.80 17.44 15.54
CA PRO G 34 -41.50 16.19 14.86
C PRO G 34 -41.65 16.24 13.35
N MET G 35 -40.73 15.58 12.67
N MET G 35 -40.74 15.57 12.68
CA MET G 35 -40.73 15.56 11.21
CA MET G 35 -40.72 15.53 11.22
C MET G 35 -42.10 15.27 10.60
C MET G 35 -42.10 15.27 10.60
N ILE G 36 -42.82 14.30 11.15
CA ILE G 36 -44.13 13.93 10.56
C ILE G 36 -45.18 15.02 10.61
N TYR G 37 -44.99 16.04 11.46
CA TYR G 37 -45.92 17.18 11.46
C TYR G 37 -45.94 17.86 10.10
N TYR G 38 -44.80 17.84 9.41
CA TYR G 38 -44.66 18.54 8.16
C TYR G 38 -45.53 17.93 7.03
N PRO G 39 -45.31 16.64 6.68
CA PRO G 39 -46.16 16.05 5.66
C PRO G 39 -47.63 15.93 6.13
N LEU G 40 -47.86 15.78 7.43
CA LEU G 40 -49.26 15.76 7.91
C LEU G 40 -49.91 17.10 7.59
N SER G 41 -49.21 18.18 7.91
CA SER G 41 -49.73 19.54 7.58
C SER G 41 -50.01 19.73 6.09
N THR G 42 -49.18 19.15 5.25
CA THR G 42 -49.37 19.17 3.79
C THR G 42 -50.73 18.54 3.43
N LEU G 43 -51.00 17.35 3.95
CA LEU G 43 -52.28 16.74 3.68
C LEU G 43 -53.44 17.62 4.18
N MET G 44 -53.28 18.15 5.40
CA MET G 44 -54.28 19.02 6.02
C MET G 44 -54.55 20.26 5.13
N LEU G 45 -53.48 20.86 4.64
CA LEU G 45 -53.59 22.01 3.78
C LEU G 45 -54.29 21.71 2.45
N ALA G 46 -54.26 20.44 2.02
CA ALA G 46 -54.97 19.95 0.86
C ALA G 46 -56.44 19.62 1.13
N GLY G 47 -56.88 19.82 2.36
CA GLY G 47 -58.25 19.56 2.74
C GLY G 47 -58.55 18.17 3.25
N ILE G 48 -57.51 17.41 3.54
CA ILE G 48 -57.62 16.00 3.87
C ILE G 48 -57.59 15.82 5.36
N ARG G 49 -58.66 15.23 5.91
CA ARG G 49 -58.78 15.01 7.39
C ARG G 49 -58.71 13.54 7.82
N GLU G 50 -58.91 12.63 6.89
CA GLU G 50 -58.92 11.18 7.16
C GLU G 50 -57.65 10.64 6.55
N ILE G 51 -56.73 10.22 7.44
CA ILE G 51 -55.34 9.89 7.04
C ILE G 51 -54.91 8.59 7.70
N LEU G 52 -54.36 7.74 6.86
CA LEU G 52 -53.73 6.52 7.30
C LEU G 52 -52.19 6.69 7.37
N ILE G 53 -51.67 6.45 8.57
CA ILE G 53 -50.22 6.50 8.78
C ILE G 53 -49.63 5.11 8.81
N ILE G 54 -48.76 4.86 7.83
CA ILE G 54 -48.11 3.57 7.60
C ILE G 54 -46.67 3.61 8.06
N SER G 55 -46.32 2.72 8.97
CA SER G 55 -44.92 2.66 9.39
C SER G 55 -44.46 1.24 9.75
N THR G 56 -43.23 1.09 10.25
CA THR G 56 -42.72 -0.23 10.58
C THR G 56 -43.45 -0.78 11.81
N PRO G 57 -43.24 -2.06 12.10
CA PRO G 57 -43.83 -2.62 13.31
C PRO G 57 -43.43 -1.90 14.55
N GLN G 58 -42.15 -1.49 14.66
CA GLN G 58 -41.68 -0.85 15.88
C GLN G 58 -42.14 0.59 15.95
N ASP G 59 -42.19 1.27 14.81
CA ASP G 59 -42.50 2.70 14.80
C ASP G 59 -43.98 3.04 14.88
N THR G 60 -44.81 2.17 14.35
CA THR G 60 -46.25 2.43 14.36
C THR G 60 -46.77 2.82 15.72
N PRO G 61 -46.45 2.10 16.78
CA PRO G 61 -46.91 2.53 18.10
C PRO G 61 -46.38 3.90 18.54
N ARG G 62 -45.18 4.27 18.09
CA ARG G 62 -44.63 5.54 18.43
C ARG G 62 -45.40 6.70 17.77
N PHE G 63 -45.84 6.51 16.51
CA PHE G 63 -46.64 7.55 15.86
C PHE G 63 -47.97 7.68 16.60
N GLN G 64 -48.56 6.55 16.96
CA GLN G 64 -49.84 6.61 17.69
C GLN G 64 -49.72 7.30 19.02
N GLN G 65 -48.62 7.09 19.71
CA GLN G 65 -48.40 7.76 20.99
C GLN G 65 -48.35 9.28 20.82
N LEU G 66 -47.69 9.72 19.75
CA LEU G 66 -47.53 11.11 19.48
C LEU G 66 -48.83 11.77 19.05
N LEU G 67 -49.53 11.11 18.14
CA LEU G 67 -50.70 11.74 17.43
C LEU G 67 -52.07 11.28 17.81
N GLY G 68 -52.14 10.10 18.41
CA GLY G 68 -53.44 9.57 18.75
C GLY G 68 -54.36 9.33 17.58
N ASP G 69 -55.70 9.41 17.80
CA ASP G 69 -56.63 9.18 16.71
C ASP G 69 -56.93 10.45 15.93
N GLY G 70 -56.28 11.52 16.33
CA GLY G 70 -56.38 12.81 15.65
C GLY G 70 -57.60 13.64 16.02
N SER G 71 -58.53 13.08 16.80
CA SER G 71 -59.74 13.77 17.17
C SER G 71 -59.52 15.12 17.86
N ASN G 72 -58.42 15.26 18.62
CA ASN G 72 -58.13 16.53 19.28
C ASN G 72 -57.79 17.60 18.27
N TRP G 73 -57.40 17.20 17.06
CA TRP G 73 -57.17 18.15 15.97
C TRP G 73 -58.23 18.15 14.88
N GLY G 74 -59.37 17.48 15.13
CA GLY G 74 -60.42 17.43 14.12
C GLY G 74 -60.15 16.51 12.92
N LEU G 75 -59.25 15.56 13.15
CA LEU G 75 -58.81 14.60 12.13
C LEU G 75 -59.28 13.20 12.51
N ASP G 76 -59.23 12.31 11.53
CA ASP G 76 -59.47 10.87 11.69
C ASP G 76 -58.16 10.18 11.26
N LEU G 77 -57.29 9.94 12.23
CA LEU G 77 -56.02 9.27 12.01
C LEU G 77 -56.16 7.80 12.32
N GLN G 78 -55.67 6.98 11.42
CA GLN G 78 -55.59 5.51 11.57
C GLN G 78 -54.20 5.05 11.20
N TYR G 79 -53.85 3.85 11.67
CA TYR G 79 -52.51 3.34 11.59
C TYR G 79 -52.42 1.96 11.02
N ALA G 80 -51.39 1.73 10.20
CA ALA G 80 -51.14 0.39 9.71
C ALA G 80 -49.63 0.17 9.59
N VAL G 81 -49.29 -1.11 9.59
CA VAL G 81 -47.92 -1.57 9.50
C VAL G 81 -47.53 -2.04 8.11
N GLN G 82 -46.31 -1.64 7.73
CA GLN G 82 -45.63 -2.19 6.55
C GLN G 82 -44.50 -3.03 7.12
N PRO G 83 -44.66 -4.35 7.12
CA PRO G 83 -43.67 -5.22 7.78
C PRO G 83 -42.26 -5.17 7.16
N SER G 84 -42.14 -4.88 5.86
N SER G 84 -42.14 -4.87 5.87
CA SER G 84 -40.86 -4.70 5.20
CA SER G 84 -40.86 -4.75 5.20
C SER G 84 -40.98 -3.59 4.19
C SER G 84 -40.97 -3.62 4.17
N PRO G 85 -39.92 -2.80 4.01
CA PRO G 85 -39.95 -1.66 3.07
C PRO G 85 -39.82 -2.05 1.63
N ASP G 86 -40.85 -2.72 1.16
CA ASP G 86 -40.88 -3.26 -0.13
C ASP G 86 -41.51 -2.43 -1.22
N GLY G 87 -41.63 -1.13 -0.98
CA GLY G 87 -41.97 -0.24 -2.03
C GLY G 87 -43.01 0.78 -1.67
N LEU G 88 -42.89 1.98 -2.26
CA LEU G 88 -43.82 3.03 -1.95
C LEU G 88 -45.24 2.62 -2.39
N ALA G 89 -45.36 1.88 -3.46
CA ALA G 89 -46.66 1.56 -4.01
C ALA G 89 -47.37 0.56 -3.12
N GLN G 90 -46.66 -0.07 -2.19
CA GLN G 90 -47.33 -0.96 -1.21
C GLN G 90 -48.32 -0.22 -0.34
N ALA G 91 -48.16 1.09 -0.23
CA ALA G 91 -49.09 1.90 0.53
C ALA G 91 -50.52 1.65 0.05
N PHE G 92 -50.71 1.48 -1.25
CA PHE G 92 -52.05 1.33 -1.78
C PHE G 92 -52.60 -0.04 -1.58
N LEU G 93 -51.74 -0.99 -1.32
CA LEU G 93 -52.20 -2.33 -1.00
C LEU G 93 -52.57 -2.43 0.48
N ILE G 94 -51.67 -1.97 1.33
CA ILE G 94 -51.92 -1.90 2.75
C ILE G 94 -53.18 -1.07 3.02
N GLY G 95 -53.30 0.00 2.26
CA GLY G 95 -54.38 0.96 2.42
C GLY G 95 -55.59 0.74 1.51
N GLU G 96 -55.72 -0.40 0.88
CA GLU G 96 -56.79 -0.60 -0.09
C GLU G 96 -58.16 -0.44 0.52
N SER G 97 -58.36 -1.09 1.67
CA SER G 97 -59.68 -0.98 2.31
C SER G 97 -59.98 0.39 2.90
N PHE G 98 -58.95 1.04 3.41
CA PHE G 98 -59.02 2.37 3.96
C PHE G 98 -59.46 3.35 2.88
N ILE G 99 -58.90 3.25 1.70
CA ILE G 99 -59.28 4.11 0.61
C ILE G 99 -60.70 3.82 0.14
N GLY G 100 -61.05 2.55 0.00
CA GLY G 100 -62.35 2.20 -0.42
C GLY G 100 -62.59 2.71 -1.83
N ASN G 101 -63.70 3.39 -2.05
CA ASN G 101 -64.00 3.90 -3.38
C ASN G 101 -63.76 5.38 -3.54
N ASP G 102 -62.82 5.89 -2.78
CA ASP G 102 -62.57 7.31 -2.75
C ASP G 102 -61.26 7.68 -3.48
N LEU G 103 -61.18 8.95 -3.86
CA LEU G 103 -59.94 9.56 -4.26
C LEU G 103 -58.95 9.43 -3.12
N SER G 104 -57.66 9.56 -3.41
CA SER G 104 -56.63 9.40 -2.37
C SER G 104 -55.42 10.26 -2.69
N ALA G 105 -54.55 10.33 -1.70
CA ALA G 105 -53.30 11.07 -1.81
C ALA G 105 -52.26 10.38 -0.96
N LEU G 106 -51.02 10.34 -1.44
CA LEU G 106 -49.95 9.81 -0.62
C LEU G 106 -48.87 10.83 -0.46
N VAL G 107 -48.38 11.00 0.78
CA VAL G 107 -47.22 11.85 0.99
C VAL G 107 -46.16 11.01 1.74
N LEU G 108 -44.89 11.24 1.41
CA LEU G 108 -43.83 10.59 2.10
C LEU G 108 -43.51 11.31 3.43
N GLY G 109 -43.23 10.52 4.45
CA GLY G 109 -43.11 11.04 5.77
C GLY G 109 -41.91 11.91 6.05
N ASP G 110 -40.90 11.91 5.20
CA ASP G 110 -39.71 12.76 5.40
C ASP G 110 -39.64 13.90 4.38
N ASN G 111 -40.77 14.17 3.73
CA ASN G 111 -40.82 15.27 2.78
C ASN G 111 -41.39 16.53 3.40
N LEU G 112 -40.67 17.66 3.21
CA LEU G 112 -41.05 18.96 3.74
C LEU G 112 -41.23 19.96 2.60
N TYR G 113 -42.44 20.48 2.47
CA TYR G 113 -42.79 21.45 1.45
C TYR G 113 -43.09 22.78 2.13
N TYR G 114 -42.70 23.89 1.47
CA TYR G 114 -43.01 25.18 1.98
C TYR G 114 -42.97 26.21 0.85
N GLY G 115 -43.97 27.08 0.88
CA GLY G 115 -43.90 28.27 0.03
C GLY G 115 -45.21 28.99 -0.22
N HIS G 116 -45.11 30.19 -0.80
CA HIS G 116 -46.27 31.02 -1.01
C HIS G 116 -47.25 30.41 -2.03
N ASP G 117 -48.53 30.49 -1.69
CA ASP G 117 -49.60 29.94 -2.51
C ASP G 117 -49.58 28.40 -2.56
N PHE G 118 -48.88 27.72 -1.66
CA PHE G 118 -48.91 26.26 -1.62
C PHE G 118 -50.33 25.75 -1.50
N HIS G 119 -51.20 26.45 -0.75
CA HIS G 119 -52.55 25.97 -0.60
C HIS G 119 -53.24 25.91 -1.95
N GLU G 120 -52.90 26.80 -2.87
CA GLU G 120 -53.52 26.83 -4.19
C GLU G 120 -53.05 25.70 -5.06
N LEU G 121 -51.77 25.44 -4.97
CA LEU G 121 -51.12 24.33 -5.69
C LEU G 121 -51.74 23.02 -5.21
N LEU G 122 -51.87 22.85 -3.89
CA LEU G 122 -52.51 21.66 -3.33
C LEU G 122 -53.99 21.53 -3.71
N GLY G 123 -54.73 22.62 -3.57
CA GLY G 123 -56.16 22.68 -3.77
C GLY G 123 -56.51 22.24 -5.16
N SER G 124 -55.73 22.70 -6.12
N SER G 124 -55.72 22.71 -6.11
CA SER G 124 -56.04 22.36 -7.49
CA SER G 124 -55.98 22.40 -7.50
C SER G 124 -55.83 20.90 -7.78
C SER G 124 -55.81 20.91 -7.80
N ALA G 125 -54.76 20.32 -7.25
CA ALA G 125 -54.50 18.89 -7.47
C ALA G 125 -55.58 18.11 -6.72
N SER G 126 -55.90 18.54 -5.51
N SER G 126 -55.87 18.52 -5.50
CA SER G 126 -56.76 17.74 -4.65
CA SER G 126 -56.77 17.77 -4.66
C SER G 126 -58.19 17.79 -5.17
C SER G 126 -58.19 17.79 -5.17
N GLN G 127 -58.56 18.88 -5.81
CA GLN G 127 -59.93 19.02 -6.30
C GLN G 127 -60.16 18.43 -7.68
N ARG G 128 -59.12 17.93 -8.34
CA ARG G 128 -59.32 17.18 -9.55
C ARG G 128 -60.00 15.87 -9.15
N GLN G 129 -60.81 15.35 -10.05
CA GLN G 129 -61.47 14.12 -9.68
C GLN G 129 -61.18 12.99 -10.63
N THR G 130 -60.07 13.09 -11.32
CA THR G 130 -59.70 12.12 -12.34
C THR G 130 -58.19 12.10 -12.50
N GLY G 131 -57.73 10.92 -12.96
CA GLY G 131 -56.34 10.70 -13.20
C GLY G 131 -55.46 10.81 -11.94
N ALA G 132 -54.19 11.09 -12.19
CA ALA G 132 -53.20 11.21 -11.14
C ALA G 132 -52.53 12.59 -11.26
N SER G 133 -52.09 13.18 -10.16
CA SER G 133 -51.30 14.39 -10.23
C SER G 133 -50.04 14.22 -9.39
N VAL G 134 -48.93 14.72 -9.94
CA VAL G 134 -47.65 14.73 -9.31
C VAL G 134 -47.00 16.08 -9.59
N PHE G 135 -45.92 16.37 -8.85
CA PHE G 135 -45.24 17.67 -8.95
C PHE G 135 -43.82 17.44 -9.33
N ALA G 136 -43.37 18.25 -10.26
CA ALA G 136 -41.96 18.20 -10.73
C ALA G 136 -41.20 19.39 -10.15
N TYR G 137 -40.01 19.14 -9.61
CA TYR G 137 -39.19 20.20 -8.97
C TYR G 137 -37.75 20.10 -9.40
N HIS G 138 -37.22 21.22 -9.91
CA HIS G 138 -35.81 21.27 -10.30
C HIS G 138 -34.86 21.01 -9.13
N VAL G 139 -34.01 19.97 -9.26
CA VAL G 139 -33.01 19.63 -8.26
C VAL G 139 -31.62 19.48 -8.81
N LEU G 140 -30.64 19.57 -7.94
CA LEU G 140 -29.26 19.34 -8.31
C LEU G 140 -28.95 17.87 -8.61
N ASP G 141 -29.59 16.96 -7.86
CA ASP G 141 -29.28 15.52 -7.90
C ASP G 141 -30.56 14.69 -8.23
N PRO G 142 -31.04 14.76 -9.45
CA PRO G 142 -32.29 14.05 -9.85
C PRO G 142 -32.14 12.52 -9.77
N GLU G 143 -30.89 12.04 -9.85
CA GLU G 143 -30.65 10.58 -9.83
C GLU G 143 -31.13 9.88 -8.53
N ARG G 144 -31.42 10.68 -7.52
CA ARG G 144 -31.91 10.18 -6.25
C ARG G 144 -33.44 9.93 -6.22
N TYR G 145 -34.13 10.32 -7.26
CA TYR G 145 -35.57 10.32 -7.30
C TYR G 145 -36.16 9.75 -8.60
N GLY G 146 -37.46 9.78 -8.68
CA GLY G 146 -38.13 9.55 -9.94
C GLY G 146 -37.92 10.80 -10.76
N VAL G 147 -37.58 10.66 -12.04
CA VAL G 147 -37.24 11.81 -12.92
C VAL G 147 -38.19 11.90 -14.04
N VAL G 148 -38.71 13.09 -14.28
CA VAL G 148 -39.63 13.34 -15.40
C VAL G 148 -38.96 14.11 -16.50
N GLU G 149 -39.12 13.57 -17.71
CA GLU G 149 -38.60 14.16 -18.93
C GLU G 149 -39.75 14.83 -19.64
N PHE G 150 -39.51 16.04 -20.13
CA PHE G 150 -40.52 16.78 -20.88
C PHE G 150 -40.08 16.96 -22.32
N ASP G 151 -41.06 17.07 -23.22
CA ASP G 151 -40.71 17.44 -24.60
C ASP G 151 -40.53 18.94 -24.72
N GLN G 152 -40.28 19.40 -25.94
CA GLN G 152 -40.05 20.83 -26.16
C GLN G 152 -41.23 21.67 -25.86
N GLY G 153 -42.43 21.10 -25.92
CA GLY G 153 -43.65 21.82 -25.57
C GLY G 153 -44.00 21.77 -24.09
N GLY G 154 -43.18 21.09 -23.30
CA GLY G 154 -43.38 21.09 -21.85
C GLY G 154 -44.26 19.97 -21.37
N LYS G 155 -44.62 19.08 -22.30
CA LYS G 155 -45.38 17.85 -22.01
C LYS G 155 -44.53 16.66 -21.44
N ALA G 156 -44.96 16.09 -20.31
CA ALA G 156 -44.25 14.95 -19.75
C ALA G 156 -44.30 13.78 -20.69
N ILE G 157 -43.15 13.21 -21.02
CA ILE G 157 -43.08 12.08 -21.93
C ILE G 157 -42.47 10.79 -21.38
N SER G 158 -41.67 10.89 -20.33
CA SER G 158 -41.13 9.67 -19.72
C SER G 158 -40.85 9.87 -18.23
N LEU G 159 -40.81 8.76 -17.51
CA LEU G 159 -40.51 8.71 -16.11
C LEU G 159 -39.47 7.61 -15.88
N GLU G 160 -38.43 7.90 -15.11
CA GLU G 160 -37.46 6.89 -14.75
C GLU G 160 -37.21 6.94 -13.26
N GLU G 161 -37.06 5.77 -12.66
CA GLU G 161 -36.75 5.73 -11.25
C GLU G 161 -35.25 5.68 -11.00
N LYS G 162 -34.76 6.69 -10.29
CA LYS G 162 -33.33 6.76 -9.92
C LYS G 162 -32.39 6.39 -11.06
N PRO G 163 -32.54 7.08 -12.16
CA PRO G 163 -31.67 6.82 -13.31
C PRO G 163 -30.27 7.27 -13.06
N LEU G 164 -29.31 6.45 -13.48
CA LEU G 164 -27.90 6.85 -13.40
C LEU G 164 -27.56 8.05 -14.30
N GLU G 165 -28.25 8.17 -15.42
CA GLU G 165 -28.15 9.29 -16.36
C GLU G 165 -29.52 9.96 -16.53
N PRO G 166 -29.88 10.84 -15.61
CA PRO G 166 -31.18 11.49 -15.71
C PRO G 166 -31.39 12.26 -16.98
N LYS G 167 -32.61 12.14 -17.49
CA LYS G 167 -32.99 12.80 -18.70
C LYS G 167 -33.38 14.24 -18.53
N SER G 168 -33.55 14.65 -17.28
CA SER G 168 -33.77 16.05 -16.95
C SER G 168 -33.34 16.25 -15.50
N ASN G 169 -33.39 17.51 -15.05
CA ASN G 169 -33.17 17.79 -13.63
C ASN G 169 -34.45 17.96 -12.85
N TYR G 170 -35.57 17.47 -13.38
CA TYR G 170 -36.84 17.57 -12.65
C TYR G 170 -37.19 16.26 -11.95
N ALA G 171 -37.21 16.32 -10.63
CA ALA G 171 -37.58 15.21 -9.80
C ALA G 171 -39.06 15.22 -9.57
N VAL G 172 -39.67 14.04 -9.50
CA VAL G 172 -41.05 13.91 -9.02
C VAL G 172 -41.00 13.96 -7.50
N THR G 173 -41.78 14.83 -6.88
CA THR G 173 -41.64 14.98 -5.40
C THR G 173 -42.44 13.88 -4.71
N GLY G 174 -42.26 13.73 -3.37
CA GLY G 174 -43.00 12.75 -2.64
C GLY G 174 -44.40 13.05 -2.22
N LEU G 175 -45.21 13.53 -3.15
CA LEU G 175 -46.63 13.87 -2.94
C LEU G 175 -47.37 13.47 -4.19
N TYR G 176 -48.42 12.66 -4.02
CA TYR G 176 -49.09 12.05 -5.17
C TYR G 176 -50.56 12.07 -4.93
N PHE G 177 -51.33 12.45 -5.94
CA PHE G 177 -52.83 12.44 -5.86
C PHE G 177 -53.41 11.49 -6.90
N TYR G 178 -54.37 10.66 -6.50
CA TYR G 178 -54.94 9.61 -7.37
C TYR G 178 -56.44 9.56 -7.37
N ASP G 179 -56.99 9.10 -8.51
CA ASP G 179 -58.37 8.77 -8.62
C ASP G 179 -58.56 7.30 -8.19
N GLN G 180 -59.68 6.69 -8.56
CA GLN G 180 -60.00 5.34 -8.12
C GLN G 180 -59.28 4.27 -8.90
N GLN G 181 -58.45 4.63 -9.86
CA GLN G 181 -57.70 3.65 -10.59
C GLN G 181 -56.44 3.09 -9.86
N VAL G 182 -55.95 3.78 -8.82
CA VAL G 182 -54.64 3.47 -8.28
C VAL G 182 -54.48 2.10 -7.63
N VAL G 183 -55.48 1.71 -6.85
CA VAL G 183 -55.41 0.44 -6.15
C VAL G 183 -55.26 -0.71 -7.14
N ASP G 184 -56.03 -0.74 -8.21
CA ASP G 184 -55.92 -1.81 -9.20
C ASP G 184 -54.64 -1.79 -9.99
N ILE G 185 -54.13 -0.58 -10.25
CA ILE G 185 -52.83 -0.48 -10.86
C ILE G 185 -51.77 -1.08 -9.89
N ALA G 186 -51.84 -0.74 -8.60
CA ALA G 186 -50.80 -1.17 -7.67
C ALA G 186 -50.88 -2.69 -7.49
N ARG G 187 -52.08 -3.22 -7.56
CA ARG G 187 -52.28 -4.69 -7.43
C ARG G 187 -51.62 -5.48 -8.56
N ASP G 188 -51.48 -4.87 -9.72
CA ASP G 188 -50.87 -5.56 -10.87
C ASP G 188 -49.36 -5.33 -10.95
N LEU G 189 -48.77 -4.50 -10.12
CA LEU G 189 -47.31 -4.34 -10.20
C LEU G 189 -46.54 -5.56 -9.74
N LYS G 190 -45.34 -5.70 -10.29
CA LYS G 190 -44.36 -6.67 -9.82
C LYS G 190 -43.09 -5.90 -9.35
N PRO G 191 -42.29 -6.47 -8.45
CA PRO G 191 -41.10 -5.78 -8.00
C PRO G 191 -40.16 -5.49 -9.14
N SER G 192 -39.54 -4.33 -9.01
CA SER G 192 -38.61 -3.77 -9.96
C SER G 192 -37.23 -4.41 -9.83
N PRO G 193 -36.31 -3.99 -10.72
CA PRO G 193 -34.92 -4.41 -10.63
C PRO G 193 -34.25 -3.91 -9.37
N ARG G 194 -34.87 -2.97 -8.67
CA ARG G 194 -34.41 -2.58 -7.37
C ARG G 194 -35.09 -3.44 -6.29
N GLY G 195 -36.02 -4.31 -6.68
CA GLY G 195 -36.74 -5.14 -5.71
C GLY G 195 -37.92 -4.47 -4.99
N GLU G 196 -38.47 -3.45 -5.58
CA GLU G 196 -39.52 -2.68 -4.87
C GLU G 196 -40.76 -2.59 -5.70
N LEU G 197 -41.93 -2.40 -5.07
CA LEU G 197 -43.15 -2.09 -5.81
C LEU G 197 -43.14 -0.57 -5.95
N GLU G 198 -42.96 -0.10 -7.19
CA GLU G 198 -42.55 1.29 -7.42
C GLU G 198 -43.69 2.26 -7.69
N ILE G 199 -43.68 3.40 -7.00
CA ILE G 199 -44.68 4.45 -7.30
C ILE G 199 -44.45 4.99 -8.70
N THR G 200 -43.19 4.96 -9.16
CA THR G 200 -42.94 5.44 -10.49
C THR G 200 -43.68 4.61 -11.52
N ASP G 201 -43.85 3.30 -11.25
CA ASP G 201 -44.54 2.40 -12.18
C ASP G 201 -46.05 2.72 -12.19
N VAL G 202 -46.55 3.04 -10.98
CA VAL G 202 -47.90 3.50 -10.88
C VAL G 202 -48.06 4.78 -11.76
N ASN G 203 -47.17 5.74 -11.58
CA ASN G 203 -47.32 6.99 -12.29
C ASN G 203 -47.16 6.79 -13.80
N ARG G 204 -46.26 5.89 -14.20
CA ARG G 204 -46.08 5.61 -15.63
C ARG G 204 -47.36 4.96 -16.19
N ALA G 205 -48.06 4.14 -15.41
CA ALA G 205 -49.30 3.57 -15.88
C ALA G 205 -50.34 4.68 -16.26
N TYR G 206 -50.49 5.65 -15.35
CA TYR G 206 -51.29 6.79 -15.69
C TYR G 206 -50.77 7.57 -16.91
N LEU G 207 -49.46 7.80 -16.98
CA LEU G 207 -48.87 8.53 -18.12
C LEU G 207 -49.18 7.86 -19.46
N GLU G 208 -49.09 6.53 -19.49
CA GLU G 208 -49.39 5.73 -20.70
C GLU G 208 -50.83 5.88 -21.15
N ARG G 209 -51.71 6.24 -20.23
CA ARG G 209 -53.13 6.44 -20.58
C ARG G 209 -53.48 7.90 -20.80
N GLY G 210 -52.49 8.75 -20.74
CA GLY G 210 -52.66 10.17 -20.91
C GLY G 210 -53.41 10.76 -19.73
N GLN G 211 -53.23 10.17 -18.57
CA GLN G 211 -53.97 10.56 -17.38
C GLN G 211 -53.12 10.99 -16.22
N LEU G 212 -51.85 11.32 -16.49
CA LEU G 212 -50.93 11.83 -15.50
C LEU G 212 -50.75 13.33 -15.71
N SER G 213 -51.14 14.09 -14.69
CA SER G 213 -50.92 15.49 -14.67
C SER G 213 -49.64 15.74 -13.91
N VAL G 214 -48.67 16.33 -14.60
CA VAL G 214 -47.42 16.73 -14.01
C VAL G 214 -47.43 18.27 -13.87
N GLU G 215 -47.56 18.74 -12.66
CA GLU G 215 -47.54 20.17 -12.41
C GLU G 215 -46.14 20.58 -11.90
N ILE G 216 -45.66 21.68 -12.45
CA ILE G 216 -44.37 22.23 -12.01
C ILE G 216 -44.53 22.86 -10.63
N MET G 217 -43.61 22.49 -9.74
CA MET G 217 -43.45 23.16 -8.45
C MET G 217 -42.26 24.08 -8.61
N GLY G 218 -42.54 25.39 -8.66
CA GLY G 218 -41.51 26.34 -9.00
C GLY G 218 -40.44 26.49 -7.97
N ARG G 219 -39.37 27.14 -8.42
CA ARG G 219 -38.17 27.38 -7.62
C ARG G 219 -38.43 28.22 -6.42
N GLY G 220 -39.54 28.92 -6.40
CA GLY G 220 -39.93 29.70 -5.20
C GLY G 220 -40.34 28.88 -4.02
N TYR G 221 -40.72 27.62 -4.25
CA TYR G 221 -41.07 26.73 -3.16
C TYR G 221 -39.84 26.01 -2.69
N ALA G 222 -39.84 25.60 -1.43
CA ALA G 222 -38.84 24.68 -0.91
C ALA G 222 -39.45 23.32 -0.82
N TRP G 223 -38.78 22.36 -1.45
CA TRP G 223 -39.12 20.95 -1.28
C TRP G 223 -37.85 20.34 -0.79
N LEU G 224 -37.87 19.93 0.46
CA LEU G 224 -36.71 19.34 1.16
C LEU G 224 -37.03 17.92 1.59
N ASP G 225 -35.99 17.10 1.58
CA ASP G 225 -36.09 15.69 1.96
C ASP G 225 -35.20 15.59 3.21
N THR G 226 -35.72 15.18 4.32
CA THR G 226 -34.93 15.16 5.54
C THR G 226 -34.35 13.80 5.92
N GLY G 227 -34.06 13.00 4.90
CA GLY G 227 -33.52 11.63 5.04
C GLY G 227 -32.01 11.43 5.07
N THR G 228 -31.26 12.50 5.28
CA THR G 228 -29.85 12.32 5.53
C THR G 228 -29.53 13.20 6.73
N HIS G 229 -28.41 12.89 7.40
CA HIS G 229 -27.97 13.72 8.52
C HIS G 229 -27.82 15.16 8.10
N ASP G 230 -27.10 15.42 7.01
CA ASP G 230 -26.92 16.78 6.53
C ASP G 230 -28.21 17.44 6.16
N SER G 231 -29.08 16.75 5.40
CA SER G 231 -30.34 17.43 5.01
C SER G 231 -31.30 17.77 6.15
N LEU G 232 -31.30 16.94 7.19
CA LEU G 232 -32.06 17.26 8.39
C LEU G 232 -31.55 18.54 9.01
N LEU G 233 -30.25 18.70 9.08
N LEU G 233 -30.24 18.72 9.10
CA LEU G 233 -29.72 19.92 9.66
CA LEU G 233 -29.70 19.97 9.67
C LEU G 233 -30.07 21.16 8.83
C LEU G 233 -30.08 21.16 8.83
N GLU G 234 -29.95 21.03 7.53
CA GLU G 234 -30.26 22.12 6.60
C GLU G 234 -31.72 22.47 6.76
N ALA G 235 -32.57 21.46 6.82
CA ALA G 235 -34.01 21.68 6.97
C ALA G 235 -34.36 22.37 8.27
N GLY G 236 -33.68 21.96 9.32
CA GLY G 236 -33.88 22.60 10.60
C GLY G 236 -33.52 24.04 10.61
N GLN G 237 -32.37 24.36 10.03
CA GLN G 237 -31.93 25.74 9.97
C GLN G 237 -32.89 26.59 9.08
N PHE G 238 -33.43 25.97 8.06
CA PHE G 238 -34.39 26.66 7.16
C PHE G 238 -35.64 27.09 7.93
N ILE G 239 -36.21 26.14 8.67
CA ILE G 239 -37.37 26.39 9.47
C ILE G 239 -37.08 27.39 10.55
N ALA G 240 -35.93 27.25 11.20
CA ALA G 240 -35.59 28.13 12.30
C ALA G 240 -35.49 29.57 11.82
N THR G 241 -34.92 29.75 10.65
CA THR G 241 -34.75 31.13 10.10
C THR G 241 -36.08 31.77 9.79
N LEU G 242 -36.98 31.02 9.12
CA LEU G 242 -38.31 31.54 8.85
C LEU G 242 -39.08 31.81 10.13
N GLU G 243 -39.05 30.87 11.08
CA GLU G 243 -39.88 31.05 12.30
C GLU G 243 -39.41 32.22 13.17
N ASN G 244 -38.11 32.37 13.33
CA ASN G 244 -37.58 33.40 14.13
C ASN G 244 -37.69 34.76 13.50
N ARG G 245 -37.74 34.78 12.17
CA ARG G 245 -37.97 36.05 11.46
C ARG G 245 -39.40 36.50 11.62
N GLN G 246 -40.29 35.52 11.45
CA GLN G 246 -41.70 35.83 11.30
C GLN G 246 -42.51 35.88 12.58
N GLY G 247 -42.08 35.15 13.58
CA GLY G 247 -42.91 35.00 14.75
C GLY G 247 -44.13 34.12 14.43
N LEU G 248 -44.04 33.33 13.37
CA LEU G 248 -45.05 32.34 13.01
C LEU G 248 -44.34 31.02 13.02
N LYS G 249 -45.11 29.92 13.17
CA LYS G 249 -44.56 28.57 13.13
C LYS G 249 -45.01 27.85 11.89
N VAL G 250 -44.12 27.04 11.31
CA VAL G 250 -44.42 26.28 10.12
C VAL G 250 -45.02 24.95 10.50
N ALA G 251 -46.12 24.56 9.88
CA ALA G 251 -46.61 23.17 10.06
C ALA G 251 -47.02 22.79 11.45
N CYS G 252 -47.71 23.71 12.13
N CYS G 252 -47.71 23.70 12.11
CA CYS G 252 -48.38 23.43 13.40
CA CYS G 252 -48.30 23.46 13.39
C CYS G 252 -49.73 22.90 13.06
C CYS G 252 -49.74 22.92 13.13
N PRO G 253 -49.96 21.63 13.35
CA PRO G 253 -51.27 21.06 13.03
C PRO G 253 -52.42 21.77 13.74
N GLU G 254 -52.20 22.17 14.99
CA GLU G 254 -53.26 22.81 15.74
C GLU G 254 -53.70 24.09 15.03
N GLU G 255 -52.73 24.85 14.56
CA GLU G 255 -53.02 26.06 13.81
C GLU G 255 -53.83 25.78 12.57
N ILE G 256 -53.35 24.84 11.76
CA ILE G 256 -54.02 24.58 10.51
C ILE G 256 -55.43 24.06 10.75
N ALA G 257 -55.62 23.23 11.73
CA ALA G 257 -56.94 22.69 12.04
C ALA G 257 -57.88 23.84 12.45
N TYR G 258 -57.40 24.77 13.26
CA TYR G 258 -58.19 25.93 13.60
C TYR G 258 -58.54 26.78 12.38
N ARG G 259 -57.57 27.01 11.52
CA ARG G 259 -57.77 27.90 10.40
C ARG G 259 -58.78 27.33 9.41
N GLN G 260 -58.82 25.99 9.34
CA GLN G 260 -59.72 25.24 8.42
C GLN G 260 -61.07 25.00 9.10
N LYS G 261 -61.19 25.44 10.35
CA LYS G 261 -62.42 25.34 11.12
C LYS G 261 -62.73 23.93 11.52
N TRP G 262 -61.70 23.08 11.52
CA TRP G 262 -61.85 21.73 11.98
C TRP G 262 -61.94 21.60 13.52
N ILE G 263 -61.39 22.58 14.21
CA ILE G 263 -61.52 22.74 15.63
C ILE G 263 -61.88 24.20 15.87
N ASP G 264 -62.57 24.45 16.96
CA ASP G 264 -62.92 25.82 17.29
C ASP G 264 -61.99 26.47 18.32
N ALA G 265 -62.21 27.77 18.58
CA ALA G 265 -61.37 28.51 19.52
C ALA G 265 -61.22 27.84 20.89
N ALA G 266 -62.30 27.31 21.38
CA ALA G 266 -62.30 26.68 22.69
C ALA G 266 -61.37 25.47 22.71
N GLN G 267 -61.43 24.74 21.62
CA GLN G 267 -60.66 23.49 21.47
C GLN G 267 -59.21 23.88 21.38
N LEU G 268 -58.92 24.93 20.60
CA LEU G 268 -57.55 25.38 20.47
C LEU G 268 -56.94 25.81 21.77
N GLU G 269 -57.75 26.46 22.58
CA GLU G 269 -57.30 26.91 23.87
C GLU G 269 -56.93 25.72 24.75
N LYS G 270 -57.79 24.70 24.77
CA LYS G 270 -57.49 23.47 25.51
C LYS G 270 -56.21 22.79 25.03
N LEU G 271 -55.89 22.88 23.75
CA LEU G 271 -54.66 22.25 23.25
C LEU G 271 -53.45 23.02 23.70
N ALA G 272 -53.58 24.35 23.80
CA ALA G 272 -52.46 25.19 24.22
C ALA G 272 -52.03 24.99 25.68
N ALA G 273 -53.01 24.71 26.52
CA ALA G 273 -52.81 24.62 27.96
C ALA G 273 -51.58 23.80 28.38
N PRO G 274 -51.59 22.53 28.10
CA PRO G 274 -50.48 21.69 28.56
C PRO G 274 -49.16 21.96 27.86
N LEU G 275 -49.13 22.96 26.97
CA LEU G 275 -47.94 23.31 26.24
C LEU G 275 -47.56 24.75 26.59
N ALA G 276 -48.32 25.34 27.50
CA ALA G 276 -48.18 26.76 27.86
C ALA G 276 -46.84 27.18 28.47
N LYS G 277 -46.14 26.25 29.08
CA LYS G 277 -44.87 26.59 29.70
C LYS G 277 -43.76 26.64 28.65
N ASN G 278 -44.15 26.54 27.39
CA ASN G 278 -43.18 26.64 26.31
C ASN G 278 -43.67 27.54 25.20
N GLY G 279 -42.76 27.84 24.27
CA GLY G 279 -43.05 28.76 23.20
C GLY G 279 -44.12 28.22 22.26
N TYR G 280 -44.22 26.91 22.16
CA TYR G 280 -45.18 26.32 21.19
C TYR G 280 -46.58 26.61 21.71
N GLY G 281 -46.79 26.40 23.01
CA GLY G 281 -48.10 26.61 23.59
C GLY G 281 -48.49 28.07 23.62
N GLN G 282 -47.49 28.92 23.88
CA GLN G 282 -47.73 30.35 23.97
C GLN G 282 -48.16 30.83 22.57
N TYR G 283 -47.58 30.19 21.57
CA TYR G 283 -47.89 30.52 20.21
C TYR G 283 -49.36 30.17 19.91
N LEU G 284 -49.76 28.96 20.25
CA LEU G 284 -51.11 28.56 20.02
C LEU G 284 -52.08 29.52 20.66
N LYS G 285 -51.79 29.94 21.89
CA LYS G 285 -52.67 30.93 22.53
C LYS G 285 -52.75 32.25 21.78
N ARG G 286 -51.59 32.68 21.32
CA ARG G 286 -51.52 33.93 20.60
C ARG G 286 -52.44 33.88 19.38
N LEU G 287 -52.55 32.74 18.71
CA LEU G 287 -53.39 32.68 17.52
C LEU G 287 -54.91 32.94 17.81
N LEU G 288 -55.36 32.85 19.08
CA LEU G 288 -56.76 33.07 19.42
C LEU G 288 -57.19 34.52 19.28
N THR G 289 -56.25 35.43 19.43
CA THR G 289 -56.60 36.81 19.38
C THR G 289 -56.03 37.58 18.18
N GLU G 290 -55.03 37.02 17.53
CA GLU G 290 -54.33 37.68 16.45
C GLU G 290 -54.83 37.27 15.09
N THR G 291 -55.09 38.23 14.23
CA THR G 291 -55.39 37.91 12.87
C THR G 291 -54.08 37.75 12.08
N VAL G 292 -53.95 36.64 11.38
CA VAL G 292 -52.77 36.33 10.53
C VAL G 292 -53.27 36.12 9.11
N TYR G 293 -52.75 36.91 8.20
CA TYR G 293 -53.19 36.84 6.80
C TYR G 293 -52.36 35.87 5.98
N LYS H 2 -10.38 2.73 40.34
CA LYS H 2 -11.69 2.49 39.68
C LYS H 2 -12.68 3.58 40.08
N ARG H 3 -13.30 4.18 39.11
CA ARG H 3 -14.38 5.08 39.39
C ARG H 3 -15.63 4.64 38.65
N LYS H 4 -16.78 4.65 39.30
CA LYS H 4 -18.04 4.32 38.61
C LYS H 4 -18.72 5.58 38.07
N GLY H 5 -19.45 5.44 36.97
CA GLY H 5 -20.04 6.61 36.34
C GLY H 5 -21.53 6.47 36.33
N ILE H 6 -22.17 7.62 36.33
CA ILE H 6 -23.62 7.72 36.19
C ILE H 6 -23.94 8.75 35.10
N ILE H 7 -24.87 8.39 34.20
CA ILE H 7 -25.42 9.34 33.24
C ILE H 7 -26.87 9.56 33.63
N LEU H 8 -27.17 10.79 34.00
CA LEU H 8 -28.53 11.16 34.34
C LEU H 8 -29.19 11.66 33.08
N ALA H 9 -30.06 10.82 32.53
CA ALA H 9 -30.64 11.04 31.22
C ALA H 9 -32.13 11.05 31.31
N GLY H 10 -32.66 11.71 32.30
CA GLY H 10 -34.11 11.79 32.49
C GLY H 10 -34.58 13.21 32.25
N GLY H 11 -35.43 13.74 33.13
CA GLY H 11 -35.81 15.16 33.12
C GLY H 11 -37.18 15.45 32.55
N SER H 12 -37.76 16.58 32.99
CA SER H 12 -39.00 17.08 32.37
C SER H 12 -38.70 17.41 30.91
N GLY H 13 -39.55 16.91 30.03
CA GLY H 13 -39.41 17.23 28.61
C GLY H 13 -40.34 18.35 28.17
N THR H 14 -41.21 18.83 29.07
CA THR H 14 -42.22 19.85 28.72
C THR H 14 -41.72 21.00 27.83
N ARG H 15 -40.51 21.47 28.14
CA ARG H 15 -40.00 22.61 27.40
C ARG H 15 -39.97 22.36 25.90
N LEU H 16 -39.35 21.25 25.49
CA LEU H 16 -39.13 20.97 24.06
C LEU H 16 -40.30 20.27 23.35
N HIS H 17 -41.44 20.22 24.01
CA HIS H 17 -42.66 19.70 23.42
C HIS H 17 -43.02 20.67 22.31
N PRO H 18 -43.50 20.19 21.16
CA PRO H 18 -43.81 18.80 20.86
C PRO H 18 -42.65 17.94 20.27
N ALA H 19 -41.51 18.51 19.98
CA ALA H 19 -40.42 17.74 19.46
C ALA H 19 -40.12 16.52 20.35
N THR H 20 -40.20 16.72 21.66
CA THR H 20 -39.87 15.69 22.65
C THR H 20 -41.09 14.91 23.09
N LEU H 21 -42.26 15.21 22.57
CA LEU H 21 -43.42 14.41 22.94
C LEU H 21 -43.16 13.01 22.49
N ALA H 22 -42.60 12.93 21.29
CA ALA H 22 -42.30 11.66 20.65
C ALA H 22 -41.08 11.01 21.25
N ILE H 23 -40.04 11.82 21.35
CA ILE H 23 -38.78 11.31 21.82
C ILE H 23 -38.15 12.13 22.92
N SER H 24 -37.63 11.43 23.94
CA SER H 24 -36.82 11.99 25.02
C SER H 24 -35.61 12.67 24.40
N LYS H 25 -35.36 13.87 24.87
CA LYS H 25 -34.23 14.67 24.48
C LYS H 25 -33.01 13.81 24.25
N GLN H 26 -32.67 12.86 25.14
CA GLN H 26 -31.36 12.24 25.04
C GLN H 26 -31.26 11.08 24.09
N LEU H 27 -32.42 10.76 23.49
CA LEU H 27 -32.49 9.84 22.38
C LEU H 27 -32.44 10.66 21.04
N LEU H 28 -32.61 11.98 21.11
CA LEU H 28 -32.57 12.79 19.88
C LEU H 28 -31.12 12.71 19.32
N PRO H 29 -30.86 12.39 18.07
CA PRO H 29 -29.46 12.51 17.65
C PRO H 29 -28.97 13.98 17.59
N VAL H 30 -27.66 14.09 17.81
CA VAL H 30 -26.93 15.26 17.55
C VAL H 30 -26.13 14.89 16.33
N TYR H 31 -26.63 15.38 15.20
CA TYR H 31 -26.08 15.12 13.85
C TYR H 31 -26.22 13.66 13.44
N ASP H 32 -25.22 12.86 13.68
CA ASP H 32 -25.18 11.49 13.21
C ASP H 32 -25.24 10.37 14.21
N LYS H 33 -25.46 10.66 15.51
CA LYS H 33 -25.46 9.63 16.52
C LYS H 33 -26.31 10.11 17.68
N PRO H 34 -26.86 9.16 18.45
CA PRO H 34 -27.68 9.50 19.63
C PRO H 34 -27.01 10.46 20.64
N MET H 35 -27.81 11.39 21.19
N MET H 35 -27.80 11.39 21.16
CA MET H 35 -27.28 12.42 22.13
CA MET H 35 -27.32 12.37 22.13
C MET H 35 -26.52 11.72 23.25
C MET H 35 -26.50 11.70 23.22
N ILE H 36 -27.03 10.61 23.74
CA ILE H 36 -26.34 9.91 24.85
C ILE H 36 -24.94 9.39 24.56
N TYR H 37 -24.57 9.22 23.29
CA TYR H 37 -23.21 8.80 22.92
C TYR H 37 -22.19 9.84 23.41
N TYR H 38 -22.61 11.10 23.40
CA TYR H 38 -21.70 12.15 23.77
C TYR H 38 -21.25 12.08 25.24
N PRO H 39 -22.14 12.22 26.21
CA PRO H 39 -21.72 12.07 27.61
C PRO H 39 -21.19 10.67 27.91
N LEU H 40 -21.72 9.63 27.28
CA LEU H 40 -21.17 8.31 27.48
C LEU H 40 -19.65 8.33 27.07
N SER H 41 -19.35 8.92 25.93
CA SER H 41 -17.95 8.99 25.45
C SER H 41 -17.09 9.79 26.46
N THR H 42 -17.69 10.78 27.10
CA THR H 42 -16.98 11.58 28.10
C THR H 42 -16.53 10.70 29.27
N LEU H 43 -17.45 9.88 29.76
CA LEU H 43 -17.11 8.99 30.85
C LEU H 43 -16.02 8.00 30.39
N MET H 44 -16.17 7.51 29.15
CA MET H 44 -15.22 6.55 28.62
C MET H 44 -13.81 7.17 28.56
N LEU H 45 -13.75 8.44 28.11
CA LEU H 45 -12.47 9.14 27.96
C LEU H 45 -11.83 9.40 29.33
N ALA H 46 -12.65 9.39 30.38
CA ALA H 46 -12.16 9.53 31.74
C ALA H 46 -11.72 8.18 32.36
N GLY H 47 -11.76 7.11 31.57
CA GLY H 47 -11.37 5.76 32.01
C GLY H 47 -12.43 4.95 32.74
N ILE H 48 -13.69 5.37 32.60
CA ILE H 48 -14.81 4.76 33.28
C ILE H 48 -15.50 3.78 32.37
N ARG H 49 -15.57 2.53 32.86
CA ARG H 49 -16.16 1.43 32.12
C ARG H 49 -17.47 0.95 32.73
N GLU H 50 -17.72 1.23 34.03
CA GLU H 50 -18.90 0.73 34.72
C GLU H 50 -19.77 1.93 34.97
N ILE H 51 -20.92 1.95 34.27
CA ILE H 51 -21.77 3.11 34.19
C ILE H 51 -23.26 2.76 34.41
N LEU H 52 -23.94 3.54 35.22
CA LEU H 52 -25.37 3.40 35.42
C LEU H 52 -26.03 4.52 34.66
N ILE H 53 -27.01 4.16 33.84
CA ILE H 53 -27.80 5.10 33.07
C ILE H 53 -29.16 5.21 33.75
N ILE H 54 -29.49 6.42 34.17
CA ILE H 54 -30.73 6.70 34.85
C ILE H 54 -31.61 7.51 33.94
N SER H 55 -32.83 7.05 33.78
CA SER H 55 -33.77 7.80 33.01
C SER H 55 -35.20 7.69 33.57
N THR H 56 -36.15 8.15 32.80
CA THR H 56 -37.54 8.10 33.27
C THR H 56 -38.06 6.68 33.16
N PRO H 57 -39.18 6.39 33.81
CA PRO H 57 -39.76 5.06 33.66
C PRO H 57 -40.03 4.69 32.21
N GLN H 58 -40.45 5.66 31.37
CA GLN H 58 -40.73 5.30 29.98
C GLN H 58 -39.43 5.14 29.14
N ASP H 59 -38.42 5.94 29.44
CA ASP H 59 -37.23 5.98 28.59
C ASP H 59 -36.12 4.99 28.96
N THR H 60 -36.04 4.68 30.25
CA THR H 60 -35.01 3.76 30.73
C THR H 60 -34.96 2.50 29.87
N PRO H 61 -36.09 1.86 29.62
CA PRO H 61 -36.09 0.67 28.74
C PRO H 61 -35.60 0.90 27.33
N ARG H 62 -35.87 2.09 26.83
CA ARG H 62 -35.42 2.40 25.50
C ARG H 62 -33.91 2.53 25.49
N PHE H 63 -33.31 3.06 26.57
CA PHE H 63 -31.87 3.18 26.60
C PHE H 63 -31.29 1.78 26.65
N GLN H 64 -31.92 0.89 27.40
CA GLN H 64 -31.46 -0.50 27.45
C GLN H 64 -31.52 -1.14 26.08
N GLN H 65 -32.57 -0.84 25.30
CA GLN H 65 -32.69 -1.36 23.94
C GLN H 65 -31.55 -0.87 23.05
N LEU H 66 -31.24 0.42 23.20
CA LEU H 66 -30.18 1.03 22.40
C LEU H 66 -28.77 0.56 22.74
N LEU H 67 -28.48 0.46 24.03
CA LEU H 67 -27.12 0.26 24.48
C LEU H 67 -26.82 -1.10 25.04
N GLY H 68 -27.85 -1.81 25.44
CA GLY H 68 -27.67 -3.14 26.02
C GLY H 68 -26.80 -3.17 27.25
N ASP H 69 -26.09 -4.28 27.48
CA ASP H 69 -25.28 -4.34 28.66
C ASP H 69 -23.90 -3.69 28.55
N GLY H 70 -23.59 -3.18 27.37
CA GLY H 70 -22.31 -2.54 27.10
C GLY H 70 -21.15 -3.41 26.73
N SER H 71 -21.35 -4.72 26.87
CA SER H 71 -20.28 -5.67 26.57
C SER H 71 -19.75 -5.53 25.14
N ASN H 72 -20.58 -5.12 24.20
CA ASN H 72 -20.12 -4.96 22.85
C ASN H 72 -18.98 -3.94 22.76
N TRP H 73 -18.97 -3.03 23.70
CA TRP H 73 -18.00 -1.95 23.72
C TRP H 73 -17.07 -2.04 24.89
N GLY H 74 -17.01 -3.18 25.52
CA GLY H 74 -16.12 -3.34 26.67
C GLY H 74 -16.53 -2.67 27.94
N LEU H 75 -17.80 -2.29 28.01
CA LEU H 75 -18.37 -1.62 29.17
C LEU H 75 -19.31 -2.53 29.98
N ASP H 76 -19.64 -2.05 31.17
CA ASP H 76 -20.61 -2.71 32.01
C ASP H 76 -21.63 -1.66 32.31
N LEU H 77 -22.72 -1.66 31.53
CA LEU H 77 -23.81 -0.68 31.68
C LEU H 77 -24.90 -1.32 32.49
N GLN H 78 -25.45 -0.52 33.36
CA GLN H 78 -26.57 -0.89 34.19
C GLN H 78 -27.59 0.23 34.09
N TYR H 79 -28.81 -0.04 34.53
CA TYR H 79 -29.88 0.91 34.37
C TYR H 79 -30.71 1.03 35.63
N ALA H 80 -31.25 2.24 35.85
CA ALA H 80 -32.19 2.50 36.91
C ALA H 80 -33.11 3.64 36.54
N VAL H 81 -34.30 3.64 37.13
CA VAL H 81 -35.35 4.59 36.82
C VAL H 81 -35.39 5.71 37.87
N GLN H 82 -35.60 6.94 37.40
CA GLN H 82 -35.93 8.05 38.26
C GLN H 82 -37.40 8.35 38.07
N PRO H 83 -38.24 7.99 39.06
CA PRO H 83 -39.68 8.17 38.92
C PRO H 83 -40.14 9.58 38.51
N SER H 84 -39.48 10.61 39.03
CA SER H 84 -39.88 12.01 38.78
C SER H 84 -38.62 12.87 38.82
N PRO H 85 -38.52 13.90 37.99
CA PRO H 85 -37.30 14.73 37.88
C PRO H 85 -37.12 15.69 39.06
N ASP H 86 -36.86 15.10 40.19
CA ASP H 86 -36.80 15.85 41.45
C ASP H 86 -35.42 16.27 41.96
N GLY H 87 -34.48 16.27 41.04
CA GLY H 87 -33.16 16.76 41.34
C GLY H 87 -31.99 15.95 40.86
N LEU H 88 -30.97 16.65 40.42
CA LEU H 88 -29.74 15.98 39.94
C LEU H 88 -29.13 15.15 41.06
N ALA H 89 -29.26 15.59 42.31
CA ALA H 89 -28.63 14.86 43.40
C ALA H 89 -29.30 13.49 43.70
N GLN H 90 -30.53 13.28 43.19
CA GLN H 90 -31.18 12.02 43.33
C GLN H 90 -30.37 10.94 42.65
N ALA H 91 -29.51 11.29 41.70
CA ALA H 91 -28.72 10.28 41.05
C ALA H 91 -27.98 9.46 42.09
N PHE H 92 -27.55 10.13 43.16
CA PHE H 92 -26.76 9.47 44.21
C PHE H 92 -27.54 8.62 45.19
N LEU H 93 -28.85 8.81 45.24
CA LEU H 93 -29.73 7.97 46.06
C LEU H 93 -30.18 6.76 45.22
N ILE H 94 -30.67 7.04 44.03
CA ILE H 94 -31.01 6.00 43.08
C ILE H 94 -29.82 5.09 42.80
N GLY H 95 -28.65 5.70 42.67
CA GLY H 95 -27.42 4.97 42.42
C GLY H 95 -26.57 4.51 43.60
N GLU H 96 -27.10 4.62 44.81
CA GLU H 96 -26.40 4.24 46.03
C GLU H 96 -25.84 2.82 45.99
N SER H 97 -26.69 1.85 45.71
N SER H 97 -26.69 1.84 45.72
CA SER H 97 -26.23 0.47 45.69
CA SER H 97 -26.23 0.46 45.68
C SER H 97 -25.19 0.29 44.61
C SER H 97 -25.19 0.29 44.61
N PHE H 98 -25.40 0.91 43.45
CA PHE H 98 -24.49 0.80 42.32
C PHE H 98 -23.10 1.30 42.67
N ILE H 99 -23.04 2.46 43.29
CA ILE H 99 -21.78 3.10 43.70
C ILE H 99 -21.03 2.31 44.74
N GLY H 100 -21.77 1.75 45.71
CA GLY H 100 -21.14 1.07 46.81
C GLY H 100 -20.09 1.97 47.48
N ASN H 101 -18.91 1.43 47.73
CA ASN H 101 -17.83 2.18 48.41
C ASN H 101 -16.77 2.73 47.40
N ASP H 102 -17.22 3.05 46.20
CA ASP H 102 -16.28 3.48 45.17
C ASP H 102 -16.38 5.00 44.89
N LEU H 103 -15.29 5.52 44.30
CA LEU H 103 -15.32 6.82 43.67
C LEU H 103 -16.40 6.86 42.59
N SER H 104 -16.95 8.01 42.27
CA SER H 104 -17.96 8.10 41.23
C SER H 104 -17.86 9.39 40.45
N ALA H 105 -18.62 9.42 39.35
CA ALA H 105 -18.73 10.60 38.53
C ALA H 105 -20.15 10.62 37.95
N LEU H 106 -20.69 11.83 37.78
CA LEU H 106 -21.97 12.04 37.18
C LEU H 106 -21.84 13.00 36.00
N VAL H 107 -22.49 12.63 34.89
CA VAL H 107 -22.58 13.52 33.75
C VAL H 107 -24.03 13.58 33.31
N LEU H 108 -24.45 14.79 32.88
CA LEU H 108 -25.78 14.97 32.40
C LEU H 108 -25.90 14.43 30.95
N GLY H 109 -27.03 13.80 30.68
CA GLY H 109 -27.29 13.17 29.42
C GLY H 109 -27.40 14.06 28.21
N ASP H 110 -27.53 15.37 28.38
CA ASP H 110 -27.64 16.30 27.28
C ASP H 110 -26.46 17.27 27.16
N ASN H 111 -25.37 16.94 27.82
CA ASN H 111 -24.19 17.77 27.83
C ASN H 111 -23.16 17.22 26.84
N LEU H 112 -22.63 18.11 26.05
CA LEU H 112 -21.69 17.74 24.99
C LEU H 112 -20.43 18.57 25.19
N TYR H 113 -19.33 17.86 25.41
CA TYR H 113 -18.03 18.52 25.59
C TYR H 113 -17.15 18.16 24.44
N TYR H 114 -16.24 19.06 24.09
CA TYR H 114 -15.29 18.82 23.04
C TYR H 114 -14.10 19.73 23.08
N GLY H 115 -12.95 19.14 22.91
CA GLY H 115 -11.75 19.97 22.69
C GLY H 115 -10.42 19.34 22.95
N HIS H 116 -9.37 20.08 22.57
CA HIS H 116 -8.02 19.58 22.68
C HIS H 116 -7.59 19.35 24.08
N ASP H 117 -6.94 18.21 24.32
CA ASP H 117 -6.43 17.84 25.63
C ASP H 117 -7.54 17.52 26.66
N PHE H 118 -8.78 17.30 26.20
CA PHE H 118 -9.87 17.00 27.11
C PHE H 118 -9.50 15.73 27.89
N HIS H 119 -8.86 14.75 27.25
CA HIS H 119 -8.56 13.54 27.99
C HIS H 119 -7.67 13.83 29.19
N GLU H 120 -6.82 14.84 29.12
CA GLU H 120 -5.99 15.21 30.24
C GLU H 120 -6.79 15.87 31.36
N LEU H 121 -7.72 16.73 30.95
CA LEU H 121 -8.60 17.44 31.92
C LEU H 121 -9.41 16.41 32.67
N LEU H 122 -9.99 15.47 31.92
CA LEU H 122 -10.74 14.36 32.53
C LEU H 122 -9.89 13.45 33.43
N GLY H 123 -8.71 13.08 32.96
CA GLY H 123 -7.88 12.15 33.68
C GLY H 123 -7.41 12.73 34.97
N SER H 124 -7.12 14.01 34.96
CA SER H 124 -6.69 14.63 36.21
C SER H 124 -7.77 14.60 37.24
N ALA H 125 -9.00 14.97 36.85
CA ALA H 125 -10.14 14.94 37.80
C ALA H 125 -10.42 13.52 38.21
N SER H 126 -10.39 12.60 37.24
CA SER H 126 -10.78 11.22 37.52
C SER H 126 -9.82 10.46 38.39
N GLN H 127 -8.56 10.81 38.30
CA GLN H 127 -7.55 10.09 39.01
C GLN H 127 -7.37 10.60 40.43
N ARG H 128 -7.99 11.73 40.76
CA ARG H 128 -7.95 12.18 42.15
C ARG H 128 -8.69 11.14 42.99
N GLN H 129 -8.35 11.04 44.26
CA GLN H 129 -9.03 10.08 45.10
C GLN H 129 -9.68 10.69 46.34
N THR H 130 -9.95 11.98 46.30
CA THR H 130 -10.49 12.71 47.44
C THR H 130 -11.27 13.93 46.98
N GLY H 131 -12.25 14.33 47.79
CA GLY H 131 -13.04 15.52 47.53
C GLY H 131 -13.91 15.38 46.30
N ALA H 132 -14.33 16.52 45.79
CA ALA H 132 -15.18 16.58 44.60
C ALA H 132 -14.43 17.45 43.58
N SER H 133 -14.68 17.21 42.30
CA SER H 133 -14.16 18.04 41.25
C SER H 133 -15.28 18.44 40.30
N VAL H 134 -15.29 19.73 39.96
CA VAL H 134 -16.19 20.31 38.98
C VAL H 134 -15.47 21.27 38.07
N PHE H 135 -16.11 21.64 36.97
CA PHE H 135 -15.50 22.51 35.99
C PHE H 135 -16.34 23.74 35.82
N ALA H 136 -15.61 24.87 35.70
CA ALA H 136 -16.18 26.22 35.49
C ALA H 136 -15.90 26.68 34.07
N TYR H 137 -16.94 27.16 33.41
CA TYR H 137 -16.85 27.55 32.00
C TYR H 137 -17.57 28.88 31.83
N HIS H 138 -16.89 29.79 31.18
CA HIS H 138 -17.44 31.12 30.92
C HIS H 138 -18.60 31.04 29.92
N VAL H 139 -19.77 31.54 30.32
CA VAL H 139 -20.94 31.57 29.45
C VAL H 139 -21.64 32.91 29.39
N LEU H 140 -22.42 33.10 28.34
CA LEU H 140 -23.20 34.28 28.20
C LEU H 140 -24.36 34.35 29.22
N ASP H 141 -24.98 33.21 29.51
CA ASP H 141 -26.19 33.19 30.37
C ASP H 141 -26.03 32.31 31.59
N PRO H 142 -25.22 32.76 32.55
CA PRO H 142 -24.97 31.97 33.74
C PRO H 142 -26.23 31.74 34.56
N GLU H 143 -27.21 32.62 34.41
CA GLU H 143 -28.48 32.47 35.17
C GLU H 143 -29.21 31.14 34.94
N ARG H 144 -28.82 30.40 33.92
CA ARG H 144 -29.44 29.13 33.63
C ARG H 144 -28.80 27.96 34.36
N TYR H 145 -27.69 28.19 35.05
CA TYR H 145 -26.86 27.10 35.60
C TYR H 145 -26.46 27.35 37.05
N GLY H 146 -25.73 26.41 37.63
CA GLY H 146 -25.03 26.66 38.89
C GLY H 146 -23.87 27.59 38.55
N VAL H 147 -23.72 28.61 39.37
CA VAL H 147 -22.73 29.68 39.15
C VAL H 147 -21.71 29.69 40.25
N VAL H 148 -20.44 29.75 39.89
CA VAL H 148 -19.36 29.77 40.84
C VAL H 148 -18.74 31.14 40.83
N GLU H 149 -18.54 31.66 42.02
CA GLU H 149 -17.93 32.96 42.22
C GLU H 149 -16.54 32.75 42.81
N PHE H 150 -15.56 33.47 42.24
CA PHE H 150 -14.19 33.37 42.69
C PHE H 150 -13.73 34.63 43.37
N ASP H 151 -12.75 34.51 44.23
CA ASP H 151 -12.19 35.73 44.82
C ASP H 151 -11.12 36.29 43.88
N GLN H 152 -10.39 37.32 44.31
CA GLN H 152 -9.38 37.99 43.48
C GLN H 152 -8.21 37.11 43.21
N GLY H 153 -8.02 36.12 44.07
CA GLY H 153 -6.98 35.15 43.85
C GLY H 153 -7.37 33.97 43.01
N GLY H 154 -8.59 33.98 42.47
CA GLY H 154 -9.09 32.86 41.67
C GLY H 154 -9.57 31.64 42.44
N LYS H 155 -9.84 31.81 43.71
CA LYS H 155 -10.33 30.70 44.55
C LYS H 155 -11.89 30.77 44.67
N ALA H 156 -12.53 29.64 44.44
CA ALA H 156 -13.95 29.55 44.53
C ALA H 156 -14.43 29.85 45.93
N ILE H 157 -15.36 30.78 46.03
CA ILE H 157 -15.90 31.18 47.29
C ILE H 157 -17.39 30.95 47.50
N SER H 158 -18.15 30.85 46.42
CA SER H 158 -19.60 30.60 46.53
C SER H 158 -20.17 29.91 45.32
N LEU H 159 -21.32 29.29 45.55
CA LEU H 159 -22.08 28.61 44.55
C LEU H 159 -23.51 28.99 44.72
N GLU H 160 -24.17 29.28 43.60
CA GLU H 160 -25.57 29.58 43.57
C GLU H 160 -26.21 28.88 42.40
N GLU H 161 -27.39 28.32 42.65
CA GLU H 161 -28.16 27.69 41.59
C GLU H 161 -29.13 28.63 40.90
N LYS H 162 -28.92 28.77 39.59
CA LYS H 162 -29.76 29.62 38.73
C LYS H 162 -30.09 30.96 39.33
N PRO H 163 -29.08 31.69 39.75
CA PRO H 163 -29.31 33.02 40.36
C PRO H 163 -29.85 34.03 39.36
N LEU H 164 -30.85 34.82 39.77
CA LEU H 164 -31.33 35.91 38.95
C LEU H 164 -30.27 36.94 38.69
N GLU H 165 -29.36 37.13 39.65
CA GLU H 165 -28.28 38.08 39.50
C GLU H 165 -27.00 37.33 39.71
N PRO H 166 -26.50 36.67 38.69
CA PRO H 166 -25.27 35.89 38.85
C PRO H 166 -24.08 36.68 39.31
N LYS H 167 -23.30 36.10 40.22
CA LYS H 167 -22.09 36.73 40.75
C LYS H 167 -20.85 36.68 39.86
N SER H 168 -20.92 35.87 38.81
CA SER H 168 -19.90 35.73 37.79
C SER H 168 -20.53 35.20 36.53
N ASN H 169 -19.72 35.08 35.47
CA ASN H 169 -20.15 34.44 34.22
C ASN H 169 -19.62 32.98 34.11
N TYR H 170 -19.19 32.43 35.22
CA TYR H 170 -18.68 31.02 35.23
C TYR H 170 -19.78 30.07 35.70
N ALA H 171 -20.22 29.27 34.76
CA ALA H 171 -21.15 28.20 35.06
C ALA H 171 -20.42 26.95 35.47
N VAL H 172 -20.98 26.18 36.40
CA VAL H 172 -20.52 24.85 36.69
C VAL H 172 -21.11 23.91 35.64
N THR H 173 -20.28 23.15 34.97
CA THR H 173 -20.80 22.31 33.89
C THR H 173 -21.46 21.09 34.41
N GLY H 174 -22.09 20.31 33.53
CA GLY H 174 -22.79 19.10 33.98
C GLY H 174 -21.95 17.82 34.04
N LEU H 175 -20.82 17.95 34.69
CA LEU H 175 -19.85 16.85 34.88
C LEU H 175 -19.22 17.01 36.23
N TYR H 176 -19.35 15.96 37.06
CA TYR H 176 -19.02 16.04 38.49
C TYR H 176 -18.29 14.79 38.91
N PHE H 177 -17.22 14.96 39.67
CA PHE H 177 -16.46 13.81 40.14
C PHE H 177 -16.47 13.83 41.67
N TYR H 178 -16.74 12.70 42.30
CA TYR H 178 -16.87 12.61 43.77
C TYR H 178 -16.11 11.45 44.41
N ASP H 179 -15.71 11.69 45.65
CA ASP H 179 -15.17 10.66 46.49
C ASP H 179 -16.32 9.94 47.20
N GLN H 180 -16.03 9.19 48.25
CA GLN H 180 -17.04 8.41 48.92
C GLN H 180 -17.97 9.19 49.87
N GLN H 181 -17.81 10.49 49.94
CA GLN H 181 -18.64 11.29 50.78
C GLN H 181 -19.98 11.65 50.15
N VAL H 182 -20.13 11.49 48.86
CA VAL H 182 -21.29 12.08 48.21
C VAL H 182 -22.62 11.46 48.55
N VAL H 183 -22.66 10.15 48.67
CA VAL H 183 -23.95 9.53 48.92
C VAL H 183 -24.54 10.06 50.22
N ASP H 184 -23.76 10.09 51.30
CA ASP H 184 -24.22 10.57 52.60
C ASP H 184 -24.59 12.05 52.57
N ILE H 185 -23.87 12.85 51.79
CA ILE H 185 -24.25 14.23 51.62
C ILE H 185 -25.62 14.35 50.91
N ALA H 186 -25.78 13.60 49.82
CA ALA H 186 -27.05 13.56 49.09
C ALA H 186 -28.21 13.11 50.02
N ARG H 187 -27.97 12.09 50.84
CA ARG H 187 -28.99 11.55 51.75
C ARG H 187 -29.53 12.60 52.71
N ASP H 188 -28.68 13.56 53.08
CA ASP H 188 -29.06 14.56 54.05
C ASP H 188 -29.69 15.80 53.43
N LEU H 189 -29.70 15.89 52.12
CA LEU H 189 -30.34 17.03 51.53
C LEU H 189 -31.87 16.99 51.60
N LYS H 190 -32.43 18.19 51.52
CA LYS H 190 -33.83 18.45 51.51
C LYS H 190 -34.10 19.30 50.26
N PRO H 191 -35.29 19.20 49.71
CA PRO H 191 -35.65 19.97 48.51
C PRO H 191 -35.43 21.46 48.67
N SER H 192 -34.92 22.07 47.62
CA SER H 192 -34.60 23.49 47.57
C SER H 192 -35.89 24.31 47.40
N PRO H 193 -35.73 25.62 47.23
CA PRO H 193 -36.86 26.47 46.88
C PRO H 193 -37.42 26.10 45.53
N ARG H 194 -36.58 25.63 44.63
CA ARG H 194 -37.09 25.18 43.33
C ARG H 194 -37.79 23.82 43.39
N GLY H 195 -37.84 23.17 44.56
CA GLY H 195 -38.42 21.83 44.68
C GLY H 195 -37.52 20.65 44.26
N GLU H 196 -36.21 20.89 44.29
CA GLU H 196 -35.27 19.87 43.80
C GLU H 196 -34.20 19.53 44.79
N LEU H 197 -33.66 18.30 44.68
CA LEU H 197 -32.51 17.88 45.45
C LEU H 197 -31.32 18.30 44.60
N GLU H 198 -30.67 19.38 45.02
CA GLU H 198 -29.75 20.06 44.12
C GLU H 198 -28.29 19.59 44.18
N ILE H 199 -27.71 19.40 43.00
CA ILE H 199 -26.27 19.06 42.91
C ILE H 199 -25.43 20.22 43.44
N THR H 200 -25.95 21.43 43.26
CA THR H 200 -25.26 22.59 43.75
C THR H 200 -25.10 22.53 45.25
N ASP H 201 -26.11 22.02 45.98
CA ASP H 201 -26.02 21.87 47.42
C ASP H 201 -25.01 20.81 47.79
N VAL H 202 -24.93 19.75 46.98
CA VAL H 202 -23.86 18.75 47.19
C VAL H 202 -22.49 19.42 47.07
N ASN H 203 -22.33 20.16 45.98
CA ASN H 203 -21.05 20.83 45.75
C ASN H 203 -20.71 21.86 46.83
N ARG H 204 -21.71 22.58 47.32
CA ARG H 204 -21.50 23.49 48.41
C ARG H 204 -21.04 22.77 49.70
N ALA H 205 -21.54 21.57 49.94
CA ALA H 205 -21.13 20.85 51.11
C ALA H 205 -19.63 20.56 51.06
N TYR H 206 -19.17 20.18 49.89
CA TYR H 206 -17.73 19.99 49.70
C TYR H 206 -16.97 21.31 49.85
N LEU H 207 -17.50 22.37 49.27
CA LEU H 207 -16.82 23.66 49.32
C LEU H 207 -16.66 24.12 50.77
N GLU H 208 -17.73 23.92 51.55
CA GLU H 208 -17.70 24.31 52.99
C GLU H 208 -16.59 23.58 53.77
N ARG H 209 -16.26 22.35 53.34
CA ARG H 209 -15.22 21.54 53.96
C ARG H 209 -13.86 21.72 53.34
N GLY H 210 -13.74 22.64 52.38
CA GLY H 210 -12.50 22.92 51.71
C GLY H 210 -12.11 21.76 50.83
N GLN H 211 -13.08 21.02 50.32
CA GLN H 211 -12.82 19.81 49.52
C GLN H 211 -13.44 19.81 48.14
N LEU H 212 -13.72 20.98 47.63
CA LEU H 212 -14.22 21.14 46.28
C LEU H 212 -13.14 21.76 45.42
N SER H 213 -12.80 21.02 44.40
CA SER H 213 -11.88 21.47 43.41
C SER H 213 -12.64 21.99 42.24
N VAL H 214 -12.46 23.26 41.91
CA VAL H 214 -13.08 23.88 40.78
C VAL H 214 -11.99 24.19 39.73
N GLU H 215 -11.99 23.40 38.70
CA GLU H 215 -11.04 23.53 37.60
C GLU H 215 -11.67 24.34 36.47
N ILE H 216 -10.90 25.29 35.96
CA ILE H 216 -11.35 26.06 34.80
C ILE H 216 -11.36 25.17 33.54
N MET H 217 -12.48 25.20 32.80
CA MET H 217 -12.56 24.63 31.46
C MET H 217 -12.45 25.84 30.52
N GLY H 218 -11.27 25.95 29.90
CA GLY H 218 -10.97 27.12 29.12
C GLY H 218 -11.88 27.36 27.90
N ARG H 219 -11.80 28.57 27.35
CA ARG H 219 -12.56 28.97 26.17
C ARG H 219 -12.28 28.18 24.89
N GLY H 220 -11.13 27.51 24.86
CA GLY H 220 -10.82 26.62 23.77
C GLY H 220 -11.67 25.38 23.66
N TYR H 221 -12.28 24.99 24.77
CA TYR H 221 -13.19 23.88 24.75
C TYR H 221 -14.58 24.32 24.39
N ALA H 222 -15.36 23.42 23.79
CA ALA H 222 -16.78 23.62 23.62
C ALA H 222 -17.50 22.82 24.68
N TRP H 223 -18.35 23.50 25.45
CA TRP H 223 -19.32 22.87 26.31
C TRP H 223 -20.67 23.37 25.83
N LEU H 224 -21.45 22.45 25.30
CA LEU H 224 -22.80 22.73 24.82
C LEU H 224 -23.81 21.85 25.55
N ASP H 225 -25.05 22.33 25.53
CA ASP H 225 -26.15 21.76 26.18
C ASP H 225 -27.28 21.65 25.12
N THR H 226 -27.93 20.50 24.91
CA THR H 226 -29.03 20.43 23.95
C THR H 226 -30.39 20.74 24.57
N GLY H 227 -30.41 21.65 25.49
CA GLY H 227 -31.66 22.00 26.14
C GLY H 227 -32.68 22.85 25.42
N THR H 228 -32.36 23.39 24.25
CA THR H 228 -33.30 24.19 23.54
C THR H 228 -33.30 23.75 22.11
N HIS H 229 -34.35 24.14 21.39
CA HIS H 229 -34.41 23.78 19.94
C HIS H 229 -33.20 24.43 19.27
N ASP H 230 -32.96 25.69 19.58
CA ASP H 230 -31.81 26.38 19.02
C ASP H 230 -30.52 25.73 19.31
N SER H 231 -30.28 25.36 20.57
CA SER H 231 -28.96 24.77 20.92
C SER H 231 -28.73 23.38 20.33
N LEU H 232 -29.78 22.60 20.17
CA LEU H 232 -29.64 21.28 19.56
C LEU H 232 -29.22 21.50 18.11
N LEU H 233 -29.83 22.49 17.46
CA LEU H 233 -29.48 22.73 16.07
C LEU H 233 -28.01 23.15 15.97
N GLU H 234 -27.61 24.15 16.79
CA GLU H 234 -26.20 24.61 16.82
C GLU H 234 -25.24 23.48 17.10
N ALA H 235 -25.55 22.66 18.08
CA ALA H 235 -24.72 21.54 18.43
C ALA H 235 -24.55 20.60 17.24
N GLY H 236 -25.64 20.33 16.56
CA GLY H 236 -25.56 19.48 15.38
C GLY H 236 -24.67 20.09 14.31
N GLN H 237 -24.81 21.39 14.05
CA GLN H 237 -23.98 22.04 13.02
C GLN H 237 -22.50 21.99 13.42
N PHE H 238 -22.26 22.14 14.72
CA PHE H 238 -20.87 22.11 15.29
C PHE H 238 -20.19 20.76 15.00
N ILE H 239 -20.85 19.69 15.37
CA ILE H 239 -20.33 18.32 15.12
C ILE H 239 -20.15 18.10 13.63
N ALA H 240 -21.14 18.48 12.82
CA ALA H 240 -21.04 18.26 11.38
C ALA H 240 -19.83 19.00 10.75
N THR H 241 -19.63 20.26 11.16
CA THR H 241 -18.49 21.00 10.64
C THR H 241 -17.17 20.34 10.98
N LEU H 242 -16.97 19.96 12.23
CA LEU H 242 -15.72 19.25 12.58
C LEU H 242 -15.61 17.94 11.83
N GLU H 243 -16.68 17.16 11.79
CA GLU H 243 -16.58 15.79 11.18
C GLU H 243 -16.26 15.83 9.72
N ASN H 244 -16.94 16.74 9.04
CA ASN H 244 -16.78 16.85 7.62
C ASN H 244 -15.45 17.48 7.24
N ARG H 245 -14.91 18.34 8.11
CA ARG H 245 -13.56 18.87 7.86
C ARG H 245 -12.52 17.78 8.06
N GLN H 246 -12.68 17.04 9.13
CA GLN H 246 -11.63 16.17 9.55
C GLN H 246 -11.61 14.79 8.94
N GLY H 247 -12.78 14.27 8.53
CA GLY H 247 -12.88 12.86 8.19
C GLY H 247 -12.72 11.98 9.44
N LEU H 248 -13.03 12.54 10.60
CA LEU H 248 -13.11 11.80 11.86
C LEU H 248 -14.48 12.07 12.42
N LYS H 249 -14.90 11.22 13.32
CA LYS H 249 -16.21 11.37 14.02
C LYS H 249 -16.02 11.60 15.50
N VAL H 250 -16.89 12.44 16.07
CA VAL H 250 -16.82 12.79 17.44
C VAL H 250 -17.64 11.87 18.27
N ALA H 251 -17.09 11.34 19.37
CA ALA H 251 -17.88 10.56 20.34
C ALA H 251 -18.45 9.27 19.83
N CYS H 252 -17.62 8.55 19.05
N CYS H 252 -17.62 8.56 19.06
CA CYS H 252 -17.97 7.18 18.64
CA CYS H 252 -17.98 7.24 18.61
C CYS H 252 -17.50 6.25 19.73
C CYS H 252 -17.50 6.24 19.69
N PRO H 253 -18.43 5.65 20.46
CA PRO H 253 -17.99 4.75 21.54
C PRO H 253 -17.12 3.58 21.07
N GLU H 254 -17.42 3.06 19.90
CA GLU H 254 -16.68 1.94 19.36
C GLU H 254 -15.23 2.35 19.19
N GLU H 255 -15.01 3.55 18.64
CA GLU H 255 -13.65 4.05 18.45
C GLU H 255 -12.94 4.21 19.77
N ILE H 256 -13.59 4.87 20.72
CA ILE H 256 -12.92 5.10 22.00
C ILE H 256 -12.61 3.78 22.75
N ALA H 257 -13.55 2.86 22.70
CA ALA H 257 -13.30 1.52 23.30
C ALA H 257 -12.05 0.84 22.71
N TYR H 258 -11.95 0.91 21.39
CA TYR H 258 -10.82 0.34 20.68
C TYR H 258 -9.51 1.00 21.09
N ARG H 259 -9.55 2.33 21.15
CA ARG H 259 -8.35 3.11 21.50
C ARG H 259 -7.88 2.80 22.89
N GLN H 260 -8.82 2.53 23.80
CA GLN H 260 -8.53 2.30 25.21
C GLN H 260 -8.26 0.81 25.46
N LYS H 261 -8.29 0.02 24.39
CA LYS H 261 -8.02 -1.41 24.39
C LYS H 261 -9.07 -2.19 25.18
N TRP H 262 -10.28 -1.64 25.25
CA TRP H 262 -11.41 -2.32 25.87
C TRP H 262 -12.05 -3.34 24.91
N ILE H 263 -11.83 -3.14 23.62
CA ILE H 263 -12.25 -4.15 22.61
C ILE H 263 -11.08 -4.26 21.67
N ASP H 264 -10.94 -5.39 21.00
CA ASP H 264 -9.85 -5.53 20.04
C ASP H 264 -10.26 -5.29 18.58
N ALA H 265 -9.29 -5.38 17.68
CA ALA H 265 -9.53 -5.18 16.25
C ALA H 265 -10.62 -6.07 15.65
N ALA H 266 -10.68 -7.33 16.04
CA ALA H 266 -11.69 -8.27 15.58
C ALA H 266 -13.05 -7.82 16.04
N GLN H 267 -13.11 -7.33 17.27
CA GLN H 267 -14.36 -6.88 17.84
C GLN H 267 -14.86 -5.65 17.10
N LEU H 268 -13.96 -4.72 16.83
CA LEU H 268 -14.33 -3.51 16.14
C LEU H 268 -14.85 -3.83 14.76
N GLU H 269 -14.14 -4.69 14.05
CA GLU H 269 -14.56 -5.15 12.73
C GLU H 269 -15.99 -5.72 12.79
N LYS H 270 -16.30 -6.52 13.81
CA LYS H 270 -17.67 -7.07 13.96
C LYS H 270 -18.76 -6.01 14.18
N LEU H 271 -18.43 -4.95 14.90
CA LEU H 271 -19.36 -3.86 15.16
C LEU H 271 -19.58 -3.04 13.91
N ALA H 272 -18.56 -2.97 13.03
CA ALA H 272 -18.68 -2.18 11.82
C ALA H 272 -19.57 -2.82 10.78
N ALA H 273 -19.48 -4.13 10.68
CA ALA H 273 -20.20 -4.91 9.67
C ALA H 273 -21.62 -4.41 9.41
N PRO H 274 -22.47 -4.44 10.43
CA PRO H 274 -23.87 -4.03 10.27
C PRO H 274 -24.07 -2.56 9.88
N LEU H 275 -23.06 -1.71 9.99
CA LEU H 275 -23.19 -0.30 9.62
C LEU H 275 -22.41 0.01 8.38
N ALA H 276 -21.94 -1.04 7.73
CA ALA H 276 -21.05 -0.92 6.58
C ALA H 276 -21.64 -0.21 5.37
N LYS H 277 -22.97 -0.13 5.31
CA LYS H 277 -23.63 0.48 4.18
C LYS H 277 -23.72 2.00 4.37
N ASN H 278 -23.17 2.48 5.47
CA ASN H 278 -23.19 3.93 5.76
C ASN H 278 -21.85 4.42 6.22
N GLY H 279 -21.76 5.75 6.27
CA GLY H 279 -20.56 6.42 6.64
C GLY H 279 -20.00 5.97 7.98
N TYR H 280 -20.88 5.62 8.92
CA TYR H 280 -20.43 5.39 10.31
C TYR H 280 -19.72 4.06 10.33
N GLY H 281 -20.35 3.05 9.76
CA GLY H 281 -19.71 1.75 9.63
C GLY H 281 -18.42 1.76 8.80
N GLN H 282 -18.43 2.51 7.70
CA GLN H 282 -17.26 2.63 6.85
C GLN H 282 -16.11 3.26 7.65
N TYR H 283 -16.48 4.22 8.51
CA TYR H 283 -15.51 4.91 9.35
C TYR H 283 -14.87 3.94 10.36
N LEU H 284 -15.67 3.12 11.02
CA LEU H 284 -15.13 2.22 12.02
C LEU H 284 -14.18 1.27 11.33
N LYS H 285 -14.53 0.86 10.13
CA LYS H 285 -13.63 -0.03 9.41
C LYS H 285 -12.32 0.68 9.06
N ARG H 286 -12.43 1.93 8.66
CA ARG H 286 -11.25 2.70 8.32
C ARG H 286 -10.29 2.80 9.51
N LEU H 287 -10.83 2.90 10.72
CA LEU H 287 -9.97 2.95 11.92
C LEU H 287 -9.01 1.72 12.08
N LEU H 288 -9.34 0.58 11.44
CA LEU H 288 -8.54 -0.65 11.62
C LEU H 288 -7.17 -0.57 10.98
N THR H 289 -7.05 0.25 9.96
CA THR H 289 -5.82 0.32 9.23
C THR H 289 -5.21 1.72 9.18
N GLU H 290 -5.83 2.66 9.84
CA GLU H 290 -5.35 4.00 9.85
C GLU H 290 -4.84 4.43 11.20
N THR H 291 -3.68 5.06 11.26
CA THR H 291 -3.21 5.55 12.51
C THR H 291 -3.69 7.01 12.66
N VAL H 292 -4.34 7.29 13.77
CA VAL H 292 -4.83 8.65 14.10
C VAL H 292 -4.17 9.15 15.41
N TYR H 293 -3.50 10.28 15.32
CA TYR H 293 -2.80 10.84 16.46
C TYR H 293 -3.67 11.76 17.31
#